data_3PAC
# 
_entry.id   3PAC 
# 
_audit_conform.dict_name       mmcif_pdbx.dic 
_audit_conform.dict_version    5.388 
_audit_conform.dict_location   http://mmcif.pdb.org/dictionaries/ascii/mmcif_pdbx.dic 
# 
loop_
_database_2.database_id 
_database_2.database_code 
_database_2.pdbx_database_accession 
_database_2.pdbx_DOI 
PDB   3PAC         pdb_00003pac 10.2210/pdb3pac/pdb 
RCSB  RCSB062155   ?            ?                   
WWPDB D_1000062155 ?            ?                   
# 
loop_
_pdbx_audit_revision_history.ordinal 
_pdbx_audit_revision_history.data_content_type 
_pdbx_audit_revision_history.major_revision 
_pdbx_audit_revision_history.minor_revision 
_pdbx_audit_revision_history.revision_date 
1 'Structure model' 1 0 2010-12-01 
2 'Structure model' 1 1 2011-07-13 
3 'Structure model' 1 2 2024-03-20 
# 
_pdbx_audit_revision_details.ordinal             1 
_pdbx_audit_revision_details.revision_ordinal    1 
_pdbx_audit_revision_details.data_content_type   'Structure model' 
_pdbx_audit_revision_details.provider            repository 
_pdbx_audit_revision_details.type                'Initial release' 
_pdbx_audit_revision_details.description         ? 
_pdbx_audit_revision_details.details             ? 
# 
loop_
_pdbx_audit_revision_group.ordinal 
_pdbx_audit_revision_group.revision_ordinal 
_pdbx_audit_revision_group.data_content_type 
_pdbx_audit_revision_group.group 
1 2 'Structure model' 'Version format compliance' 
2 3 'Structure model' 'Data collection'           
3 3 'Structure model' 'Database references'       
# 
loop_
_pdbx_audit_revision_category.ordinal 
_pdbx_audit_revision_category.revision_ordinal 
_pdbx_audit_revision_category.data_content_type 
_pdbx_audit_revision_category.category 
1 3 'Structure model' chem_comp_atom     
2 3 'Structure model' chem_comp_bond     
3 3 'Structure model' database_2         
4 3 'Structure model' struct_ref_seq_dif 
# 
loop_
_pdbx_audit_revision_item.ordinal 
_pdbx_audit_revision_item.revision_ordinal 
_pdbx_audit_revision_item.data_content_type 
_pdbx_audit_revision_item.item 
1 3 'Structure model' '_database_2.pdbx_DOI'                
2 3 'Structure model' '_database_2.pdbx_database_accession' 
3 3 'Structure model' '_struct_ref_seq_dif.details'         
# 
_pdbx_database_status.status_code                     REL 
_pdbx_database_status.entry_id                        3PAC 
_pdbx_database_status.recvd_initial_deposition_date   2010-10-19 
_pdbx_database_status.deposit_site                    RCSB 
_pdbx_database_status.process_site                    PDBJ 
_pdbx_database_status.status_code_sf                  REL 
_pdbx_database_status.status_code_mr                  ? 
_pdbx_database_status.SG_entry                        ? 
_pdbx_database_status.status_code_cs                  ? 
_pdbx_database_status.pdb_format_compatible           Y 
_pdbx_database_status.status_code_nmr_data            ? 
_pdbx_database_status.methods_development_category    ? 
# 
loop_
_audit_author.name 
_audit_author.pdbx_ordinal 
'Pang, A.H.'        1 
'Warren, M.J.'      2 
'Pickersgill, R.W.' 3 
# 
_citation.id                        primary 
_citation.title                     
'Structure of PduT, a trimeric bacterial microcompartment protein with a 4Fe-4S cluster-binding site' 
_citation.journal_abbrev            'Acta Crystallogr.,Sect.D' 
_citation.journal_volume            67 
_citation.page_first                91 
_citation.page_last                 96 
_citation.year                      2011 
_citation.journal_id_ASTM           ABCRE6 
_citation.country                   DK 
_citation.journal_id_ISSN           0907-4449 
_citation.journal_id_CSD            0766 
_citation.book_publisher            ? 
_citation.pdbx_database_id_PubMed   21245529 
_citation.pdbx_database_id_DOI      10.1107/S0907444910050201 
# 
loop_
_citation_author.citation_id 
_citation_author.name 
_citation_author.ordinal 
_citation_author.identifier_ORCID 
primary 'Pang, A.'          1 ? 
primary 'Warren, M.J.'      2 ? 
primary 'Pickersgill, R.W.' 3 ? 
# 
loop_
_entity.id 
_entity.type 
_entity.src_method 
_entity.pdbx_description 
_entity.formula_weight 
_entity.pdbx_number_of_molecules 
_entity.pdbx_ec 
_entity.pdbx_mutation 
_entity.pdbx_fragment 
_entity.details 
1 polymer man 'Shell protein' 21226.570 1  ? ? ? ? 
2 water   nat water           18.015    38 ? ? ? ? 
# 
_entity_name_com.entity_id   1 
_entity_name_com.name        'PduT microcompartment shell protein' 
# 
_entity_poly.entity_id                      1 
_entity_poly.type                           'polypeptide(L)' 
_entity_poly.nstd_linkage                   no 
_entity_poly.nstd_monomer                   no 
_entity_poly.pdbx_seq_one_letter_code       
;MGSSHHHHHHSSGLVPRGSHMSQAIGILELTSIAKGMEAGDAMLKSANVNLLVSKTICPGKFLLMLGGDVGAVQQAIATG
TSLAGDMLVDSLVLPNIHASVLPAISGLNSVDKRQAVGIVETWSVAACICAADRAVKASNVTLVRVHMAFGIGGKCYMVV
AGDVSDVNNAVTVASESAGEKGLLVYRSVIPRPHESMWRQMVEG
;
_entity_poly.pdbx_seq_one_letter_code_can   
;MGSSHHHHHHSSGLVPRGSHMSQAIGILELTSIAKGMEAGDAMLKSANVNLLVSKTICPGKFLLMLGGDVGAVQQAIATG
TSLAGDMLVDSLVLPNIHASVLPAISGLNSVDKRQAVGIVETWSVAACICAADRAVKASNVTLVRVHMAFGIGGKCYMVV
AGDVSDVNNAVTVASESAGEKGLLVYRSVIPRPHESMWRQMVEG
;
_entity_poly.pdbx_strand_id                 A 
_entity_poly.pdbx_target_identifier         ? 
# 
_pdbx_entity_nonpoly.entity_id   2 
_pdbx_entity_nonpoly.name        water 
_pdbx_entity_nonpoly.comp_id     HOH 
# 
loop_
_entity_poly_seq.entity_id 
_entity_poly_seq.num 
_entity_poly_seq.mon_id 
_entity_poly_seq.hetero 
1 1   MET n 
1 2   GLY n 
1 3   SER n 
1 4   SER n 
1 5   HIS n 
1 6   HIS n 
1 7   HIS n 
1 8   HIS n 
1 9   HIS n 
1 10  HIS n 
1 11  SER n 
1 12  SER n 
1 13  GLY n 
1 14  LEU n 
1 15  VAL n 
1 16  PRO n 
1 17  ARG n 
1 18  GLY n 
1 19  SER n 
1 20  HIS n 
1 21  MET n 
1 22  SER n 
1 23  GLN n 
1 24  ALA n 
1 25  ILE n 
1 26  GLY n 
1 27  ILE n 
1 28  LEU n 
1 29  GLU n 
1 30  LEU n 
1 31  THR n 
1 32  SER n 
1 33  ILE n 
1 34  ALA n 
1 35  LYS n 
1 36  GLY n 
1 37  MET n 
1 38  GLU n 
1 39  ALA n 
1 40  GLY n 
1 41  ASP n 
1 42  ALA n 
1 43  MET n 
1 44  LEU n 
1 45  LYS n 
1 46  SER n 
1 47  ALA n 
1 48  ASN n 
1 49  VAL n 
1 50  ASN n 
1 51  LEU n 
1 52  LEU n 
1 53  VAL n 
1 54  SER n 
1 55  LYS n 
1 56  THR n 
1 57  ILE n 
1 58  CYS n 
1 59  PRO n 
1 60  GLY n 
1 61  LYS n 
1 62  PHE n 
1 63  LEU n 
1 64  LEU n 
1 65  MET n 
1 66  LEU n 
1 67  GLY n 
1 68  GLY n 
1 69  ASP n 
1 70  VAL n 
1 71  GLY n 
1 72  ALA n 
1 73  VAL n 
1 74  GLN n 
1 75  GLN n 
1 76  ALA n 
1 77  ILE n 
1 78  ALA n 
1 79  THR n 
1 80  GLY n 
1 81  THR n 
1 82  SER n 
1 83  LEU n 
1 84  ALA n 
1 85  GLY n 
1 86  ASP n 
1 87  MET n 
1 88  LEU n 
1 89  VAL n 
1 90  ASP n 
1 91  SER n 
1 92  LEU n 
1 93  VAL n 
1 94  LEU n 
1 95  PRO n 
1 96  ASN n 
1 97  ILE n 
1 98  HIS n 
1 99  ALA n 
1 100 SER n 
1 101 VAL n 
1 102 LEU n 
1 103 PRO n 
1 104 ALA n 
1 105 ILE n 
1 106 SER n 
1 107 GLY n 
1 108 LEU n 
1 109 ASN n 
1 110 SER n 
1 111 VAL n 
1 112 ASP n 
1 113 LYS n 
1 114 ARG n 
1 115 GLN n 
1 116 ALA n 
1 117 VAL n 
1 118 GLY n 
1 119 ILE n 
1 120 VAL n 
1 121 GLU n 
1 122 THR n 
1 123 TRP n 
1 124 SER n 
1 125 VAL n 
1 126 ALA n 
1 127 ALA n 
1 128 CYS n 
1 129 ILE n 
1 130 CYS n 
1 131 ALA n 
1 132 ALA n 
1 133 ASP n 
1 134 ARG n 
1 135 ALA n 
1 136 VAL n 
1 137 LYS n 
1 138 ALA n 
1 139 SER n 
1 140 ASN n 
1 141 VAL n 
1 142 THR n 
1 143 LEU n 
1 144 VAL n 
1 145 ARG n 
1 146 VAL n 
1 147 HIS n 
1 148 MET n 
1 149 ALA n 
1 150 PHE n 
1 151 GLY n 
1 152 ILE n 
1 153 GLY n 
1 154 GLY n 
1 155 LYS n 
1 156 CYS n 
1 157 TYR n 
1 158 MET n 
1 159 VAL n 
1 160 VAL n 
1 161 ALA n 
1 162 GLY n 
1 163 ASP n 
1 164 VAL n 
1 165 SER n 
1 166 ASP n 
1 167 VAL n 
1 168 ASN n 
1 169 ASN n 
1 170 ALA n 
1 171 VAL n 
1 172 THR n 
1 173 VAL n 
1 174 ALA n 
1 175 SER n 
1 176 GLU n 
1 177 SER n 
1 178 ALA n 
1 179 GLY n 
1 180 GLU n 
1 181 LYS n 
1 182 GLY n 
1 183 LEU n 
1 184 LEU n 
1 185 VAL n 
1 186 TYR n 
1 187 ARG n 
1 188 SER n 
1 189 VAL n 
1 190 ILE n 
1 191 PRO n 
1 192 ARG n 
1 193 PRO n 
1 194 HIS n 
1 195 GLU n 
1 196 SER n 
1 197 MET n 
1 198 TRP n 
1 199 ARG n 
1 200 GLN n 
1 201 MET n 
1 202 VAL n 
1 203 GLU n 
1 204 GLY n 
# 
_entity_src_gen.entity_id                          1 
_entity_src_gen.pdbx_src_id                        1 
_entity_src_gen.pdbx_alt_source_flag               sample 
_entity_src_gen.pdbx_seq_type                      ? 
_entity_src_gen.pdbx_beg_seq_num                   ? 
_entity_src_gen.pdbx_end_seq_num                   ? 
_entity_src_gen.gene_src_common_name               ? 
_entity_src_gen.gene_src_genus                     ? 
_entity_src_gen.pdbx_gene_src_gene                 pduT 
_entity_src_gen.gene_src_species                   ? 
_entity_src_gen.gene_src_strain                    ? 
_entity_src_gen.gene_src_tissue                    ? 
_entity_src_gen.gene_src_tissue_fraction           ? 
_entity_src_gen.gene_src_details                   ? 
_entity_src_gen.pdbx_gene_src_fragment             ? 
_entity_src_gen.pdbx_gene_src_scientific_name      'Citrobacter freundii' 
_entity_src_gen.pdbx_gene_src_ncbi_taxonomy_id     546 
_entity_src_gen.pdbx_gene_src_variant              ? 
_entity_src_gen.pdbx_gene_src_cell_line            ? 
_entity_src_gen.pdbx_gene_src_atcc                 ? 
_entity_src_gen.pdbx_gene_src_organ                ? 
_entity_src_gen.pdbx_gene_src_organelle            ? 
_entity_src_gen.pdbx_gene_src_cell                 ? 
_entity_src_gen.pdbx_gene_src_cellular_location    ? 
_entity_src_gen.host_org_common_name               ? 
_entity_src_gen.pdbx_host_org_scientific_name      'Escherichia coli' 
_entity_src_gen.pdbx_host_org_ncbi_taxonomy_id     562 
_entity_src_gen.host_org_genus                     ? 
_entity_src_gen.pdbx_host_org_gene                 ? 
_entity_src_gen.pdbx_host_org_organ                ? 
_entity_src_gen.host_org_species                   ? 
_entity_src_gen.pdbx_host_org_tissue               ? 
_entity_src_gen.pdbx_host_org_tissue_fraction      ? 
_entity_src_gen.pdbx_host_org_strain               'BL21(DE3)' 
_entity_src_gen.pdbx_host_org_variant              ? 
_entity_src_gen.pdbx_host_org_cell_line            ? 
_entity_src_gen.pdbx_host_org_atcc                 ? 
_entity_src_gen.pdbx_host_org_culture_collection   ? 
_entity_src_gen.pdbx_host_org_cell                 ? 
_entity_src_gen.pdbx_host_org_organelle            ? 
_entity_src_gen.pdbx_host_org_cellular_location    ? 
_entity_src_gen.pdbx_host_org_vector_type          PLASMID 
_entity_src_gen.pdbx_host_org_vector               ? 
_entity_src_gen.host_org_details                   ? 
_entity_src_gen.expression_system_id               ? 
_entity_src_gen.plasmid_name                       pET14b 
_entity_src_gen.plasmid_details                    ? 
_entity_src_gen.pdbx_description                   ? 
# 
loop_
_chem_comp.id 
_chem_comp.type 
_chem_comp.mon_nstd_flag 
_chem_comp.name 
_chem_comp.pdbx_synonyms 
_chem_comp.formula 
_chem_comp.formula_weight 
ALA 'L-peptide linking' y ALANINE         ? 'C3 H7 N O2'     89.093  
ARG 'L-peptide linking' y ARGININE        ? 'C6 H15 N4 O2 1' 175.209 
ASN 'L-peptide linking' y ASPARAGINE      ? 'C4 H8 N2 O3'    132.118 
ASP 'L-peptide linking' y 'ASPARTIC ACID' ? 'C4 H7 N O4'     133.103 
CYS 'L-peptide linking' y CYSTEINE        ? 'C3 H7 N O2 S'   121.158 
GLN 'L-peptide linking' y GLUTAMINE       ? 'C5 H10 N2 O3'   146.144 
GLU 'L-peptide linking' y 'GLUTAMIC ACID' ? 'C5 H9 N O4'     147.129 
GLY 'peptide linking'   y GLYCINE         ? 'C2 H5 N O2'     75.067  
HIS 'L-peptide linking' y HISTIDINE       ? 'C6 H10 N3 O2 1' 156.162 
HOH non-polymer         . WATER           ? 'H2 O'           18.015  
ILE 'L-peptide linking' y ISOLEUCINE      ? 'C6 H13 N O2'    131.173 
LEU 'L-peptide linking' y LEUCINE         ? 'C6 H13 N O2'    131.173 
LYS 'L-peptide linking' y LYSINE          ? 'C6 H15 N2 O2 1' 147.195 
MET 'L-peptide linking' y METHIONINE      ? 'C5 H11 N O2 S'  149.211 
PHE 'L-peptide linking' y PHENYLALANINE   ? 'C9 H11 N O2'    165.189 
PRO 'L-peptide linking' y PROLINE         ? 'C5 H9 N O2'     115.130 
SER 'L-peptide linking' y SERINE          ? 'C3 H7 N O3'     105.093 
THR 'L-peptide linking' y THREONINE       ? 'C4 H9 N O3'     119.119 
TRP 'L-peptide linking' y TRYPTOPHAN      ? 'C11 H12 N2 O2'  204.225 
TYR 'L-peptide linking' y TYROSINE        ? 'C9 H11 N O3'    181.189 
VAL 'L-peptide linking' y VALINE          ? 'C5 H11 N O2'    117.146 
# 
loop_
_pdbx_poly_seq_scheme.asym_id 
_pdbx_poly_seq_scheme.entity_id 
_pdbx_poly_seq_scheme.seq_id 
_pdbx_poly_seq_scheme.mon_id 
_pdbx_poly_seq_scheme.ndb_seq_num 
_pdbx_poly_seq_scheme.pdb_seq_num 
_pdbx_poly_seq_scheme.auth_seq_num 
_pdbx_poly_seq_scheme.pdb_mon_id 
_pdbx_poly_seq_scheme.auth_mon_id 
_pdbx_poly_seq_scheme.pdb_strand_id 
_pdbx_poly_seq_scheme.pdb_ins_code 
_pdbx_poly_seq_scheme.hetero 
A 1 1   MET 1   -19 ?   ?   ?   A . n 
A 1 2   GLY 2   -18 ?   ?   ?   A . n 
A 1 3   SER 3   -17 ?   ?   ?   A . n 
A 1 4   SER 4   -16 ?   ?   ?   A . n 
A 1 5   HIS 5   -15 ?   ?   ?   A . n 
A 1 6   HIS 6   -14 ?   ?   ?   A . n 
A 1 7   HIS 7   -13 ?   ?   ?   A . n 
A 1 8   HIS 8   -12 ?   ?   ?   A . n 
A 1 9   HIS 9   -11 ?   ?   ?   A . n 
A 1 10  HIS 10  -10 ?   ?   ?   A . n 
A 1 11  SER 11  -9  ?   ?   ?   A . n 
A 1 12  SER 12  -8  ?   ?   ?   A . n 
A 1 13  GLY 13  -7  ?   ?   ?   A . n 
A 1 14  LEU 14  -6  ?   ?   ?   A . n 
A 1 15  VAL 15  -5  ?   ?   ?   A . n 
A 1 16  PRO 16  -4  ?   ?   ?   A . n 
A 1 17  ARG 17  -3  ?   ?   ?   A . n 
A 1 18  GLY 18  -2  ?   ?   ?   A . n 
A 1 19  SER 19  -1  ?   ?   ?   A . n 
A 1 20  HIS 20  0   ?   ?   ?   A . n 
A 1 21  MET 21  1   ?   ?   ?   A . n 
A 1 22  SER 22  2   2   SER SER A . n 
A 1 23  GLN 23  3   3   GLN GLN A . n 
A 1 24  ALA 24  4   4   ALA ALA A . n 
A 1 25  ILE 25  5   5   ILE ILE A . n 
A 1 26  GLY 26  6   6   GLY GLY A . n 
A 1 27  ILE 27  7   7   ILE ILE A . n 
A 1 28  LEU 28  8   8   LEU LEU A . n 
A 1 29  GLU 29  9   9   GLU GLU A . n 
A 1 30  LEU 30  10  10  LEU LEU A . n 
A 1 31  THR 31  11  11  THR THR A . n 
A 1 32  SER 32  12  12  SER SER A . n 
A 1 33  ILE 33  13  13  ILE ILE A . n 
A 1 34  ALA 34  14  14  ALA ALA A . n 
A 1 35  LYS 35  15  15  LYS LYS A . n 
A 1 36  GLY 36  16  16  GLY GLY A . n 
A 1 37  MET 37  17  17  MET MET A . n 
A 1 38  GLU 38  18  18  GLU GLU A . n 
A 1 39  ALA 39  19  19  ALA ALA A . n 
A 1 40  GLY 40  20  20  GLY GLY A . n 
A 1 41  ASP 41  21  21  ASP ASP A . n 
A 1 42  ALA 42  22  22  ALA ALA A . n 
A 1 43  MET 43  23  23  MET MET A . n 
A 1 44  LEU 44  24  24  LEU LEU A . n 
A 1 45  LYS 45  25  25  LYS LYS A . n 
A 1 46  SER 46  26  26  SER SER A . n 
A 1 47  ALA 47  27  27  ALA ALA A . n 
A 1 48  ASN 48  28  28  ASN ASN A . n 
A 1 49  VAL 49  29  29  VAL VAL A . n 
A 1 50  ASN 50  30  30  ASN ASN A . n 
A 1 51  LEU 51  31  31  LEU LEU A . n 
A 1 52  LEU 52  32  32  LEU LEU A . n 
A 1 53  VAL 53  33  33  VAL VAL A . n 
A 1 54  SER 54  34  34  SER SER A . n 
A 1 55  LYS 55  35  35  LYS LYS A . n 
A 1 56  THR 56  36  36  THR THR A . n 
A 1 57  ILE 57  37  37  ILE ILE A . n 
A 1 58  CYS 58  38  38  CYS CYS A . n 
A 1 59  PRO 59  39  39  PRO PRO A . n 
A 1 60  GLY 60  40  40  GLY GLY A . n 
A 1 61  LYS 61  41  41  LYS LYS A . n 
A 1 62  PHE 62  42  42  PHE PHE A . n 
A 1 63  LEU 63  43  43  LEU LEU A . n 
A 1 64  LEU 64  44  44  LEU LEU A . n 
A 1 65  MET 65  45  45  MET MET A . n 
A 1 66  LEU 66  46  46  LEU LEU A . n 
A 1 67  GLY 67  47  47  GLY GLY A . n 
A 1 68  GLY 68  48  48  GLY GLY A . n 
A 1 69  ASP 69  49  49  ASP ASP A . n 
A 1 70  VAL 70  50  50  VAL VAL A . n 
A 1 71  GLY 71  51  51  GLY GLY A . n 
A 1 72  ALA 72  52  52  ALA ALA A . n 
A 1 73  VAL 73  53  53  VAL VAL A . n 
A 1 74  GLN 74  54  54  GLN GLN A . n 
A 1 75  GLN 75  55  55  GLN GLN A . n 
A 1 76  ALA 76  56  56  ALA ALA A . n 
A 1 77  ILE 77  57  57  ILE ILE A . n 
A 1 78  ALA 78  58  58  ALA ALA A . n 
A 1 79  THR 79  59  59  THR THR A . n 
A 1 80  GLY 80  60  60  GLY GLY A . n 
A 1 81  THR 81  61  61  THR THR A . n 
A 1 82  SER 82  62  62  SER SER A . n 
A 1 83  LEU 83  63  63  LEU LEU A . n 
A 1 84  ALA 84  64  64  ALA ALA A . n 
A 1 85  GLY 85  65  65  GLY GLY A . n 
A 1 86  ASP 86  66  66  ASP ASP A . n 
A 1 87  MET 87  67  67  MET MET A . n 
A 1 88  LEU 88  68  68  LEU LEU A . n 
A 1 89  VAL 89  69  69  VAL VAL A . n 
A 1 90  ASP 90  70  70  ASP ASP A . n 
A 1 91  SER 91  71  71  SER SER A . n 
A 1 92  LEU 92  72  72  LEU LEU A . n 
A 1 93  VAL 93  73  73  VAL VAL A . n 
A 1 94  LEU 94  74  74  LEU LEU A . n 
A 1 95  PRO 95  75  75  PRO PRO A . n 
A 1 96  ASN 96  76  76  ASN ASN A . n 
A 1 97  ILE 97  77  77  ILE ILE A . n 
A 1 98  HIS 98  78  78  HIS HIS A . n 
A 1 99  ALA 99  79  79  ALA ALA A . n 
A 1 100 SER 100 80  80  SER SER A . n 
A 1 101 VAL 101 81  81  VAL VAL A . n 
A 1 102 LEU 102 82  82  LEU LEU A . n 
A 1 103 PRO 103 83  83  PRO PRO A . n 
A 1 104 ALA 104 84  84  ALA ALA A . n 
A 1 105 ILE 105 85  85  ILE ILE A . n 
A 1 106 SER 106 86  86  SER SER A . n 
A 1 107 GLY 107 87  87  GLY GLY A . n 
A 1 108 LEU 108 88  88  LEU LEU A . n 
A 1 109 ASN 109 89  89  ASN ASN A . n 
A 1 110 SER 110 90  90  SER SER A . n 
A 1 111 VAL 111 91  91  VAL VAL A . n 
A 1 112 ASP 112 92  92  ASP ASP A . n 
A 1 113 LYS 113 93  93  LYS LYS A . n 
A 1 114 ARG 114 94  94  ARG ARG A . n 
A 1 115 GLN 115 95  95  GLN GLN A . n 
A 1 116 ALA 116 96  96  ALA ALA A . n 
A 1 117 VAL 117 97  97  VAL VAL A . n 
A 1 118 GLY 118 98  98  GLY GLY A . n 
A 1 119 ILE 119 99  99  ILE ILE A . n 
A 1 120 VAL 120 100 100 VAL VAL A . n 
A 1 121 GLU 121 101 101 GLU GLU A . n 
A 1 122 THR 122 102 102 THR THR A . n 
A 1 123 TRP 123 103 103 TRP TRP A . n 
A 1 124 SER 124 104 104 SER SER A . n 
A 1 125 VAL 125 105 105 VAL VAL A . n 
A 1 126 ALA 126 106 106 ALA ALA A . n 
A 1 127 ALA 127 107 107 ALA ALA A . n 
A 1 128 CYS 128 108 108 CYS CYS A . n 
A 1 129 ILE 129 109 109 ILE ILE A . n 
A 1 130 CYS 130 110 110 CYS CYS A . n 
A 1 131 ALA 131 111 111 ALA ALA A . n 
A 1 132 ALA 132 112 112 ALA ALA A . n 
A 1 133 ASP 133 113 113 ASP ASP A . n 
A 1 134 ARG 134 114 114 ARG ARG A . n 
A 1 135 ALA 135 115 115 ALA ALA A . n 
A 1 136 VAL 136 116 116 VAL VAL A . n 
A 1 137 LYS 137 117 117 LYS LYS A . n 
A 1 138 ALA 138 118 118 ALA ALA A . n 
A 1 139 SER 139 119 119 SER SER A . n 
A 1 140 ASN 140 120 120 ASN ASN A . n 
A 1 141 VAL 141 121 121 VAL VAL A . n 
A 1 142 THR 142 122 122 THR THR A . n 
A 1 143 LEU 143 123 123 LEU LEU A . n 
A 1 144 VAL 144 124 124 VAL VAL A . n 
A 1 145 ARG 145 125 125 ARG ARG A . n 
A 1 146 VAL 146 126 126 VAL VAL A . n 
A 1 147 HIS 147 127 127 HIS HIS A . n 
A 1 148 MET 148 128 128 MET MET A . n 
A 1 149 ALA 149 129 129 ALA ALA A . n 
A 1 150 PHE 150 130 130 PHE PHE A . n 
A 1 151 GLY 151 131 131 GLY GLY A . n 
A 1 152 ILE 152 132 132 ILE ILE A . n 
A 1 153 GLY 153 133 133 GLY GLY A . n 
A 1 154 GLY 154 134 134 GLY GLY A . n 
A 1 155 LYS 155 135 135 LYS LYS A . n 
A 1 156 CYS 156 136 136 CYS CYS A . n 
A 1 157 TYR 157 137 137 TYR TYR A . n 
A 1 158 MET 158 138 138 MET MET A . n 
A 1 159 VAL 159 139 139 VAL VAL A . n 
A 1 160 VAL 160 140 140 VAL VAL A . n 
A 1 161 ALA 161 141 141 ALA ALA A . n 
A 1 162 GLY 162 142 142 GLY GLY A . n 
A 1 163 ASP 163 143 143 ASP ASP A . n 
A 1 164 VAL 164 144 144 VAL VAL A . n 
A 1 165 SER 165 145 145 SER SER A . n 
A 1 166 ASP 166 146 146 ASP ASP A . n 
A 1 167 VAL 167 147 147 VAL VAL A . n 
A 1 168 ASN 168 148 148 ASN ASN A . n 
A 1 169 ASN 169 149 149 ASN ASN A . n 
A 1 170 ALA 170 150 150 ALA ALA A . n 
A 1 171 VAL 171 151 151 VAL VAL A . n 
A 1 172 THR 172 152 152 THR THR A . n 
A 1 173 VAL 173 153 153 VAL VAL A . n 
A 1 174 ALA 174 154 154 ALA ALA A . n 
A 1 175 SER 175 155 155 SER SER A . n 
A 1 176 GLU 176 156 156 GLU GLU A . n 
A 1 177 SER 177 157 157 SER SER A . n 
A 1 178 ALA 178 158 158 ALA ALA A . n 
A 1 179 GLY 179 159 159 GLY GLY A . n 
A 1 180 GLU 180 160 160 GLU GLU A . n 
A 1 181 LYS 181 161 161 LYS LYS A . n 
A 1 182 GLY 182 162 162 GLY GLY A . n 
A 1 183 LEU 183 163 163 LEU LEU A . n 
A 1 184 LEU 184 164 164 LEU LEU A . n 
A 1 185 VAL 185 165 165 VAL VAL A . n 
A 1 186 TYR 186 166 166 TYR TYR A . n 
A 1 187 ARG 187 167 167 ARG ARG A . n 
A 1 188 SER 188 168 168 SER SER A . n 
A 1 189 VAL 189 169 169 VAL VAL A . n 
A 1 190 ILE 190 170 170 ILE ILE A . n 
A 1 191 PRO 191 171 171 PRO PRO A . n 
A 1 192 ARG 192 172 172 ARG ARG A . n 
A 1 193 PRO 193 173 173 PRO PRO A . n 
A 1 194 HIS 194 174 174 HIS HIS A . n 
A 1 195 GLU 195 175 175 GLU GLU A . n 
A 1 196 SER 196 176 176 SER SER A . n 
A 1 197 MET 197 177 177 MET MET A . n 
A 1 198 TRP 198 178 178 TRP TRP A . n 
A 1 199 ARG 199 179 179 ARG ARG A . n 
A 1 200 GLN 200 180 180 GLN GLN A . n 
A 1 201 MET 201 181 181 MET MET A . n 
A 1 202 VAL 202 182 182 VAL VAL A . n 
A 1 203 GLU 203 183 183 GLU GLU A . n 
A 1 204 GLY 204 184 184 GLY GLY A . n 
# 
loop_
_pdbx_nonpoly_scheme.asym_id 
_pdbx_nonpoly_scheme.entity_id 
_pdbx_nonpoly_scheme.mon_id 
_pdbx_nonpoly_scheme.ndb_seq_num 
_pdbx_nonpoly_scheme.pdb_seq_num 
_pdbx_nonpoly_scheme.auth_seq_num 
_pdbx_nonpoly_scheme.pdb_mon_id 
_pdbx_nonpoly_scheme.auth_mon_id 
_pdbx_nonpoly_scheme.pdb_strand_id 
_pdbx_nonpoly_scheme.pdb_ins_code 
B 2 HOH 1  185 1  HOH HOH A . 
B 2 HOH 2  186 2  HOH HOH A . 
B 2 HOH 3  187 3  HOH HOH A . 
B 2 HOH 4  188 5  HOH HOH A . 
B 2 HOH 5  189 6  HOH HOH A . 
B 2 HOH 6  190 7  HOH HOH A . 
B 2 HOH 7  191 8  HOH HOH A . 
B 2 HOH 8  192 9  HOH HOH A . 
B 2 HOH 9  193 10 HOH HOH A . 
B 2 HOH 10 194 12 HOH HOH A . 
B 2 HOH 11 195 13 HOH HOH A . 
B 2 HOH 12 196 14 HOH HOH A . 
B 2 HOH 13 197 17 HOH HOH A . 
B 2 HOH 14 198 18 HOH HOH A . 
B 2 HOH 15 199 19 HOH HOH A . 
B 2 HOH 16 200 20 HOH HOH A . 
B 2 HOH 17 201 21 HOH HOH A . 
B 2 HOH 18 202 22 HOH HOH A . 
B 2 HOH 19 203 23 HOH HOH A . 
B 2 HOH 20 204 24 HOH HOH A . 
B 2 HOH 21 205 25 HOH HOH A . 
B 2 HOH 22 206 26 HOH HOH A . 
B 2 HOH 23 207 28 HOH HOH A . 
B 2 HOH 24 208 29 HOH HOH A . 
B 2 HOH 25 209 30 HOH HOH A . 
B 2 HOH 26 210 31 HOH HOH A . 
B 2 HOH 27 211 32 HOH HOH A . 
B 2 HOH 28 212 33 HOH HOH A . 
B 2 HOH 29 213 34 HOH HOH A . 
B 2 HOH 30 214 36 HOH HOH A . 
B 2 HOH 31 215 38 HOH HOH A . 
B 2 HOH 32 216 39 HOH HOH A . 
B 2 HOH 33 217 41 HOH HOH A . 
B 2 HOH 34 218 42 HOH HOH A . 
B 2 HOH 35 219 43 HOH HOH A . 
B 2 HOH 36 220 44 HOH HOH A . 
B 2 HOH 37 221 45 HOH HOH A . 
B 2 HOH 38 222 47 HOH HOH A . 
# 
loop_
_software.name 
_software.classification 
_software.version 
_software.citation_id 
_software.pdbx_ordinal 
ADSC   'data collection' Quantum  ? 1 
PHENIX 'model building'  .        ? 2 
REFMAC refinement        5.5.0066 ? 3 
MOSFLM 'data reduction'  .        ? 4 
SCALA  'data scaling'    .        ? 5 
PHENIX phasing           .        ? 6 
# 
_cell.entry_id           3PAC 
_cell.length_a           67.680 
_cell.length_b           67.680 
_cell.length_c           62.030 
_cell.angle_alpha        90.00 
_cell.angle_beta         90.00 
_cell.angle_gamma        120.00 
_cell.Z_PDB              6 
_cell.pdbx_unique_axis   ? 
_cell.length_a_esd       ? 
_cell.length_b_esd       ? 
_cell.length_c_esd       ? 
_cell.angle_alpha_esd    ? 
_cell.angle_beta_esd     ? 
_cell.angle_gamma_esd    ? 
# 
_symmetry.entry_id                         3PAC 
_symmetry.space_group_name_H-M             'P 63' 
_symmetry.pdbx_full_space_group_name_H-M   ? 
_symmetry.cell_setting                     ? 
_symmetry.Int_Tables_number                173 
_symmetry.space_group_name_Hall            ? 
# 
_exptl.entry_id          3PAC 
_exptl.method            'X-RAY DIFFRACTION' 
_exptl.crystals_number   1 
# 
_exptl_crystal.id                    1 
_exptl_crystal.density_meas          ? 
_exptl_crystal.density_Matthews      1.93 
_exptl_crystal.density_percent_sol   36.34 
_exptl_crystal.description           ? 
_exptl_crystal.F_000                 ? 
_exptl_crystal.preparation           ? 
# 
_exptl_crystal_grow.crystal_id      1 
_exptl_crystal_grow.method          'VAPOR DIFFUSION, HANGING DROP' 
_exptl_crystal_grow.temp            292.0 
_exptl_crystal_grow.temp_details    ? 
_exptl_crystal_grow.pH              8.0 
_exptl_crystal_grow.pdbx_details    
'0.1M NaCl, 0.1M Bicine, 25% PEG 550, pH 8.0, VAPOR DIFFUSION, HANGING DROP, temperature 292.0K' 
_exptl_crystal_grow.pdbx_pH_range   . 
# 
loop_
_diffrn.id 
_diffrn.ambient_temp 
_diffrn.ambient_temp_details 
_diffrn.crystal_id 
1 100.0 ? 1 
2 100.0 ? 1 
# 
loop_
_diffrn_detector.diffrn_id 
_diffrn_detector.detector 
_diffrn_detector.type 
_diffrn_detector.pdbx_collection_date 
_diffrn_detector.details 
1 CCD 'ADSC QUANTUM 210' 2009-10-30 ? 
2 CCD 'ADSC QUANTUM 315' 2010-07-17 ? 
# 
loop_
_diffrn_radiation.diffrn_id 
_diffrn_radiation.wavelength_id 
_diffrn_radiation.pdbx_monochromatic_or_laue_m_l 
_diffrn_radiation.monochromator 
_diffrn_radiation.pdbx_diffrn_protocol 
_diffrn_radiation.pdbx_scattering_type 
1 1 M 'Silicon 111' 'SINGLE WAVELENGTH' x-ray 
2 1 M 'Silicon 111' 'SINGLE WAVELENGTH' x-ray 
# 
loop_
_diffrn_radiation_wavelength.id 
_diffrn_radiation_wavelength.wavelength 
_diffrn_radiation_wavelength.wt 
1 0.933  1.0 
2 1.1410 1.0 
# 
loop_
_diffrn_source.diffrn_id 
_diffrn_source.source 
_diffrn_source.type 
_diffrn_source.pdbx_synchrotron_site 
_diffrn_source.pdbx_synchrotron_beamline 
_diffrn_source.pdbx_wavelength 
_diffrn_source.pdbx_wavelength_list 
1 SYNCHROTRON 'ESRF BEAMLINE ID14-1' ESRF    ID14-1 ? 0.933  
2 SYNCHROTRON 'DIAMOND BEAMLINE I04' Diamond I04    ? 1.1410 
# 
_reflns.entry_id                     3PAC 
_reflns.observed_criterion_sigma_I   0 
_reflns.observed_criterion_sigma_F   0 
_reflns.d_resolution_low             33.84 
_reflns.d_resolution_high            1.86 
_reflns.number_obs                   13647 
_reflns.number_all                   13647 
_reflns.percent_possible_obs         100 
_reflns.pdbx_Rmerge_I_obs            0.035 
_reflns.pdbx_Rsym_value              0.095 
_reflns.pdbx_netI_over_sigmaI        18.5 
_reflns.B_iso_Wilson_estimate        21.2 
_reflns.pdbx_redundancy              8.2 
_reflns.R_free_details               ? 
_reflns.limit_h_max                  ? 
_reflns.limit_h_min                  ? 
_reflns.limit_k_max                  ? 
_reflns.limit_k_min                  ? 
_reflns.limit_l_max                  ? 
_reflns.limit_l_min                  ? 
_reflns.observed_criterion_F_max     ? 
_reflns.observed_criterion_F_min     ? 
_reflns.pdbx_chi_squared             ? 
_reflns.pdbx_scaling_rejects         ? 
_reflns.pdbx_diffrn_id               1,2 
_reflns.pdbx_ordinal                 1 
# 
_reflns_shell.d_res_high                  1.86 
_reflns_shell.d_res_low                   1.96 
_reflns_shell.percent_possible_all        98 
_reflns_shell.Rmerge_I_obs                0.22 
_reflns_shell.pdbx_Rsym_value             0.580 
_reflns_shell.meanI_over_sigI_obs         3.7 
_reflns_shell.pdbx_redundancy             8.0 
_reflns_shell.percent_possible_obs        ? 
_reflns_shell.number_unique_all           1979 
_reflns_shell.number_measured_all         ? 
_reflns_shell.number_measured_obs         ? 
_reflns_shell.number_unique_obs           ? 
_reflns_shell.pdbx_chi_squared            ? 
_reflns_shell.pdbx_rejects                ? 
_reflns_shell.pdbx_netI_over_sigmaI_obs   ? 
_reflns_shell.number_possible             ? 
_reflns_shell.Rmerge_F_all                ? 
_reflns_shell.Rmerge_F_obs                ? 
_reflns_shell.Rmerge_I_all                ? 
_reflns_shell.meanI_over_sigI_all         ? 
_reflns_shell.pdbx_Rrim_I_all             ? 
_reflns_shell.pdbx_Rpim_I_all             ? 
_reflns_shell.pdbx_diffrn_id              ? 
_reflns_shell.pdbx_ordinal                1 
# 
_refine.entry_id                                 3PAC 
_refine.ls_number_reflns_obs                     12258 
_refine.ls_number_reflns_all                     13647 
_refine.pdbx_ls_sigma_I                          ? 
_refine.pdbx_ls_sigma_F                          ? 
_refine.pdbx_data_cutoff_high_absF               ? 
_refine.pdbx_data_cutoff_low_absF                ? 
_refine.pdbx_data_cutoff_high_rms_absF           ? 
_refine.ls_d_res_low                             29.71 
_refine.ls_d_res_high                            1.86 
_refine.ls_percent_reflns_obs                    99.96 
_refine.ls_R_factor_obs                          0.20394 
_refine.ls_R_factor_all                          ? 
_refine.ls_R_factor_R_work                       0.19862 
_refine.ls_R_factor_R_free                       0.25150 
_refine.ls_R_factor_R_free_error                 ? 
_refine.ls_R_factor_R_free_error_details         ? 
_refine.ls_percent_reflns_R_free                 10.1 
_refine.ls_number_reflns_R_free                  1372 
_refine.ls_number_parameters                     ? 
_refine.ls_number_restraints                     ? 
_refine.occupancy_min                            ? 
_refine.occupancy_max                            ? 
_refine.correlation_coeff_Fo_to_Fc               0.949 
_refine.correlation_coeff_Fo_to_Fc_free          0.921 
_refine.B_iso_mean                               25.825 
_refine.aniso_B[1][1]                            0.00 
_refine.aniso_B[2][2]                            0.00 
_refine.aniso_B[3][3]                            0.00 
_refine.aniso_B[1][2]                            0.00 
_refine.aniso_B[1][3]                            0.00 
_refine.aniso_B[2][3]                            0.00 
_refine.solvent_model_details                    MASK 
_refine.solvent_model_param_ksol                 ? 
_refine.solvent_model_param_bsol                 ? 
_refine.pdbx_solvent_vdw_probe_radii             1.40 
_refine.pdbx_solvent_ion_probe_radii             0.80 
_refine.pdbx_solvent_shrinkage_radii             0.80 
_refine.pdbx_ls_cross_valid_method               THROUGHOUT 
_refine.details                                  'HYDROGENS HAVE BEEN ADDED IN THE RIDING POSITIONS U VALUES: REFINED INDIVIDUALLY' 
_refine.pdbx_starting_model                      ? 
_refine.pdbx_method_to_determine_struct          SAD 
_refine.pdbx_isotropic_thermal_model             ? 
_refine.pdbx_stereochemistry_target_values       'MAXIMUM LIKELIHOOD' 
_refine.pdbx_stereochem_target_val_spec_case     ? 
_refine.pdbx_R_Free_selection_details            RANDOM 
_refine.pdbx_overall_ESU_R_Free                  0.162 
_refine.overall_SU_ML                            0.115 
_refine.overall_SU_B                             3.807 
_refine.overall_SU_R_Cruickshank_DPI             ? 
_refine.ls_redundancy_reflns_obs                 ? 
_refine.B_iso_min                                ? 
_refine.B_iso_max                                ? 
_refine.overall_SU_R_free                        ? 
_refine.ls_wR_factor_R_free                      ? 
_refine.ls_wR_factor_R_work                      ? 
_refine.overall_FOM_free_R_set                   ? 
_refine.overall_FOM_work_R_set                   ? 
_refine.pdbx_refine_id                           'X-RAY DIFFRACTION' 
_refine.pdbx_overall_phase_error                 ? 
_refine.pdbx_overall_ESU_R                       ? 
_refine.pdbx_diffrn_id                           1 
_refine.pdbx_TLS_residual_ADP_flag               ? 
_refine.pdbx_overall_SU_R_free_Cruickshank_DPI   ? 
_refine.pdbx_overall_SU_R_Blow_DPI               ? 
_refine.pdbx_overall_SU_R_free_Blow_DPI          ? 
# 
_refine_hist.pdbx_refine_id                   'X-RAY DIFFRACTION' 
_refine_hist.cycle_id                         LAST 
_refine_hist.pdbx_number_atoms_protein        1317 
_refine_hist.pdbx_number_atoms_nucleic_acid   0 
_refine_hist.pdbx_number_atoms_ligand         0 
_refine_hist.number_atoms_solvent             38 
_refine_hist.number_atoms_total               1355 
_refine_hist.d_res_high                       1.86 
_refine_hist.d_res_low                        29.71 
# 
loop_
_refine_ls_restr.type 
_refine_ls_restr.dev_ideal 
_refine_ls_restr.dev_ideal_target 
_refine_ls_restr.weight 
_refine_ls_restr.number 
_refine_ls_restr.pdbx_refine_id 
_refine_ls_restr.pdbx_restraint_function 
r_bond_refined_d             0.023  0.022  ? 1340 'X-RAY DIFFRACTION' ? 
r_bond_other_d               ?      ?      ? ?    'X-RAY DIFFRACTION' ? 
r_angle_refined_deg          2.068  1.967  ? 1819 'X-RAY DIFFRACTION' ? 
r_angle_other_deg            ?      ?      ? ?    'X-RAY DIFFRACTION' ? 
r_dihedral_angle_1_deg       6.358  5.000  ? 182  'X-RAY DIFFRACTION' ? 
r_dihedral_angle_2_deg       42.079 25.000 ? 42   'X-RAY DIFFRACTION' ? 
r_dihedral_angle_3_deg       19.148 15.000 ? 232  'X-RAY DIFFRACTION' ? 
r_dihedral_angle_4_deg       14.685 15.000 ? 6    'X-RAY DIFFRACTION' ? 
r_chiral_restr               0.137  0.200  ? 229  'X-RAY DIFFRACTION' ? 
r_gen_planes_refined         0.010  0.021  ? 954  'X-RAY DIFFRACTION' ? 
r_gen_planes_other           ?      ?      ? ?    'X-RAY DIFFRACTION' ? 
r_nbd_refined                ?      ?      ? ?    'X-RAY DIFFRACTION' ? 
r_nbd_other                  ?      ?      ? ?    'X-RAY DIFFRACTION' ? 
r_nbtor_refined              ?      ?      ? ?    'X-RAY DIFFRACTION' ? 
r_nbtor_other                ?      ?      ? ?    'X-RAY DIFFRACTION' ? 
r_xyhbond_nbd_refined        ?      ?      ? ?    'X-RAY DIFFRACTION' ? 
r_xyhbond_nbd_other          ?      ?      ? ?    'X-RAY DIFFRACTION' ? 
r_metal_ion_refined          ?      ?      ? ?    'X-RAY DIFFRACTION' ? 
r_metal_ion_other            ?      ?      ? ?    'X-RAY DIFFRACTION' ? 
r_symmetry_vdw_refined       ?      ?      ? ?    'X-RAY DIFFRACTION' ? 
r_symmetry_vdw_other         ?      ?      ? ?    'X-RAY DIFFRACTION' ? 
r_symmetry_hbond_refined     ?      ?      ? ?    'X-RAY DIFFRACTION' ? 
r_symmetry_hbond_other       ?      ?      ? ?    'X-RAY DIFFRACTION' ? 
r_symmetry_metal_ion_refined ?      ?      ? ?    'X-RAY DIFFRACTION' ? 
r_symmetry_metal_ion_other   ?      ?      ? ?    'X-RAY DIFFRACTION' ? 
r_mcbond_it                  1.381  1.500  ? 904  'X-RAY DIFFRACTION' ? 
r_mcbond_other               ?      ?      ? ?    'X-RAY DIFFRACTION' ? 
r_mcangle_it                 2.391  2.000  ? 1452 'X-RAY DIFFRACTION' ? 
r_scbond_it                  4.030  3.000  ? 436  'X-RAY DIFFRACTION' ? 
r_scangle_it                 6.323  4.500  ? 367  'X-RAY DIFFRACTION' ? 
r_rigid_bond_restr           ?      ?      ? ?    'X-RAY DIFFRACTION' ? 
r_sphericity_free            ?      ?      ? ?    'X-RAY DIFFRACTION' ? 
r_sphericity_bonded          ?      ?      ? ?    'X-RAY DIFFRACTION' ? 
# 
_refine_ls_shell.pdbx_refine_id                   'X-RAY DIFFRACTION' 
_refine_ls_shell.pdbx_total_number_of_bins_used   20 
_refine_ls_shell.d_res_high                       1.861 
_refine_ls_shell.d_res_low                        1.909 
_refine_ls_shell.number_reflns_R_work             901 
_refine_ls_shell.R_factor_R_work                  0.275 
_refine_ls_shell.percent_reflns_obs               100.00 
_refine_ls_shell.R_factor_R_free                  0.352 
_refine_ls_shell.R_factor_R_free_error            ? 
_refine_ls_shell.percent_reflns_R_free            ? 
_refine_ls_shell.number_reflns_R_free             98 
_refine_ls_shell.number_reflns_all                ? 
_refine_ls_shell.R_factor_all                     ? 
_refine_ls_shell.number_reflns_obs                1979 
_refine_ls_shell.redundancy_reflns_obs            ? 
# 
_struct.entry_id                  3PAC 
_struct.title                     
'Crystal structure of PduT a trimeric bacterial microcompartment protein with 4Fe-4S cluster binding site' 
_struct.pdbx_model_details        ? 
_struct.pdbx_CASP_flag            ? 
_struct.pdbx_model_type_details   ? 
# 
_struct_keywords.entry_id        3PAC 
_struct_keywords.pdbx_keywords   'ELECTRON TRANSPORT' 
_struct_keywords.text            'BMC Domain, Shell Protein, ELECTRON TRANSPORT' 
# 
loop_
_struct_asym.id 
_struct_asym.pdbx_blank_PDB_chainid_flag 
_struct_asym.pdbx_modified 
_struct_asym.entity_id 
_struct_asym.details 
A N N 1 ? 
B N N 2 ? 
# 
_struct_ref.id                         1 
_struct_ref.db_name                    UNP 
_struct_ref.db_code                    B1VB78_CITFR 
_struct_ref.pdbx_db_accession          B1VB78 
_struct_ref.entity_id                  1 
_struct_ref.pdbx_seq_one_letter_code   
;MSQAIGILELTSIAKGMEAGDAMLKSANVNLLVSKTICPGKFLLMLGGDVGAVQQAIATGTSLAGDMLVDSLVLPNIHAS
VLPAISGLNSVDKRQAVGIVETWSVAACICAADRAVKASNVTLVRVHMAFGIGGKCYMVVAGDVSDVNNAVTVASESAGE
KGLLVYRSVIPRPHESMWRQMVEG
;
_struct_ref.pdbx_align_begin           1 
_struct_ref.pdbx_db_isoform            ? 
# 
_struct_ref_seq.align_id                      1 
_struct_ref_seq.ref_id                        1 
_struct_ref_seq.pdbx_PDB_id_code              3PAC 
_struct_ref_seq.pdbx_strand_id                A 
_struct_ref_seq.seq_align_beg                 21 
_struct_ref_seq.pdbx_seq_align_beg_ins_code   ? 
_struct_ref_seq.seq_align_end                 204 
_struct_ref_seq.pdbx_seq_align_end_ins_code   ? 
_struct_ref_seq.pdbx_db_accession             B1VB78 
_struct_ref_seq.db_align_beg                  1 
_struct_ref_seq.pdbx_db_align_beg_ins_code    ? 
_struct_ref_seq.db_align_end                  184 
_struct_ref_seq.pdbx_db_align_end_ins_code    ? 
_struct_ref_seq.pdbx_auth_seq_align_beg       1 
_struct_ref_seq.pdbx_auth_seq_align_end       184 
# 
loop_
_struct_ref_seq_dif.align_id 
_struct_ref_seq_dif.pdbx_pdb_id_code 
_struct_ref_seq_dif.mon_id 
_struct_ref_seq_dif.pdbx_pdb_strand_id 
_struct_ref_seq_dif.seq_num 
_struct_ref_seq_dif.pdbx_pdb_ins_code 
_struct_ref_seq_dif.pdbx_seq_db_name 
_struct_ref_seq_dif.pdbx_seq_db_accession_code 
_struct_ref_seq_dif.db_mon_id 
_struct_ref_seq_dif.pdbx_seq_db_seq_num 
_struct_ref_seq_dif.details 
_struct_ref_seq_dif.pdbx_auth_seq_num 
_struct_ref_seq_dif.pdbx_ordinal 
1 3PAC MET A 1  ? UNP B1VB78 ? ? 'expression tag' -19 1  
1 3PAC GLY A 2  ? UNP B1VB78 ? ? 'expression tag' -18 2  
1 3PAC SER A 3  ? UNP B1VB78 ? ? 'expression tag' -17 3  
1 3PAC SER A 4  ? UNP B1VB78 ? ? 'expression tag' -16 4  
1 3PAC HIS A 5  ? UNP B1VB78 ? ? 'expression tag' -15 5  
1 3PAC HIS A 6  ? UNP B1VB78 ? ? 'expression tag' -14 6  
1 3PAC HIS A 7  ? UNP B1VB78 ? ? 'expression tag' -13 7  
1 3PAC HIS A 8  ? UNP B1VB78 ? ? 'expression tag' -12 8  
1 3PAC HIS A 9  ? UNP B1VB78 ? ? 'expression tag' -11 9  
1 3PAC HIS A 10 ? UNP B1VB78 ? ? 'expression tag' -10 10 
1 3PAC SER A 11 ? UNP B1VB78 ? ? 'expression tag' -9  11 
1 3PAC SER A 12 ? UNP B1VB78 ? ? 'expression tag' -8  12 
1 3PAC GLY A 13 ? UNP B1VB78 ? ? 'expression tag' -7  13 
1 3PAC LEU A 14 ? UNP B1VB78 ? ? 'expression tag' -6  14 
1 3PAC VAL A 15 ? UNP B1VB78 ? ? 'expression tag' -5  15 
1 3PAC PRO A 16 ? UNP B1VB78 ? ? 'expression tag' -4  16 
1 3PAC ARG A 17 ? UNP B1VB78 ? ? 'expression tag' -3  17 
1 3PAC GLY A 18 ? UNP B1VB78 ? ? 'expression tag' -2  18 
1 3PAC SER A 19 ? UNP B1VB78 ? ? 'expression tag' -1  19 
1 3PAC HIS A 20 ? UNP B1VB78 ? ? 'expression tag' 0   20 
# 
_pdbx_struct_assembly.id                   1 
_pdbx_struct_assembly.details              author_and_software_defined_assembly 
_pdbx_struct_assembly.method_details       PISA 
_pdbx_struct_assembly.oligomeric_details   trimeric 
_pdbx_struct_assembly.oligomeric_count     3 
# 
loop_
_pdbx_struct_assembly_prop.biol_id 
_pdbx_struct_assembly_prop.type 
_pdbx_struct_assembly_prop.value 
_pdbx_struct_assembly_prop.details 
1 'ABSA (A^2)' 4550  ? 
1 MORE         -31   ? 
1 'SSA (A^2)'  20210 ? 
# 
_pdbx_struct_assembly_gen.assembly_id       1 
_pdbx_struct_assembly_gen.oper_expression   1,2,3 
_pdbx_struct_assembly_gen.asym_id_list      A,B 
# 
loop_
_pdbx_struct_oper_list.id 
_pdbx_struct_oper_list.type 
_pdbx_struct_oper_list.name 
_pdbx_struct_oper_list.symmetry_operation 
_pdbx_struct_oper_list.matrix[1][1] 
_pdbx_struct_oper_list.matrix[1][2] 
_pdbx_struct_oper_list.matrix[1][3] 
_pdbx_struct_oper_list.vector[1] 
_pdbx_struct_oper_list.matrix[2][1] 
_pdbx_struct_oper_list.matrix[2][2] 
_pdbx_struct_oper_list.matrix[2][3] 
_pdbx_struct_oper_list.vector[2] 
_pdbx_struct_oper_list.matrix[3][1] 
_pdbx_struct_oper_list.matrix[3][2] 
_pdbx_struct_oper_list.matrix[3][3] 
_pdbx_struct_oper_list.vector[3] 
1 'identity operation'         1_555 x,y,z         1.0000000000  0.0000000000  0.0000000000  0.0000000000   0.0000000000  1.0000000000 0.0000000000 0.0000000000  0.0000000000  0.0000000000 1.0000000000  0.0000000000   
2 'crystal symmetry operation' 2_655 -y+1,x-y,z    -0.4591107009 0.1517542520  -0.8753216616 -28.1972012824 -0.5915949265 0.6828267003 0.4286760319 3.6443667721  0.6627464125  0.7146456075 -0.2237159994 -18.3881630094 
3 'crystal symmetry operation' 3_665 -x+y+1,-x+1,z -0.4591107009 -0.5915949265 0.6627464125  1.3970411157   0.1517542520  0.6828267003 0.7146456075 14.9315941780 -0.8753216616 0.4286760319 -0.2237159994 -30.3576000318 
# 
_struct_biol.id        1 
_struct_biol.details   ? 
# 
loop_
_struct_conf.conf_type_id 
_struct_conf.id 
_struct_conf.pdbx_PDB_helix_id 
_struct_conf.beg_label_comp_id 
_struct_conf.beg_label_asym_id 
_struct_conf.beg_label_seq_id 
_struct_conf.pdbx_beg_PDB_ins_code 
_struct_conf.end_label_comp_id 
_struct_conf.end_label_asym_id 
_struct_conf.end_label_seq_id 
_struct_conf.pdbx_end_PDB_ins_code 
_struct_conf.beg_auth_comp_id 
_struct_conf.beg_auth_asym_id 
_struct_conf.beg_auth_seq_id 
_struct_conf.end_auth_comp_id 
_struct_conf.end_auth_asym_id 
_struct_conf.end_auth_seq_id 
_struct_conf.pdbx_PDB_helix_class 
_struct_conf.details 
_struct_conf.pdbx_PDB_helix_length 
HELX_P HELX_P1 1 SER A 32  ? ALA A 47  ? SER A 12  ALA A 27  1 ? 16 
HELX_P HELX_P2 2 ASP A 69  ? GLY A 85  ? ASP A 49  GLY A 65  1 ? 17 
HELX_P HELX_P3 3 SER A 100 ? GLY A 107 ? SER A 80  GLY A 87  1 ? 8  
HELX_P HELX_P4 4 SER A 124 ? SER A 139 ? SER A 104 SER A 119 1 ? 16 
HELX_P HELX_P5 5 ASP A 163 ? LYS A 181 ? ASP A 143 LYS A 161 1 ? 19 
HELX_P HELX_P6 6 HIS A 194 ? GLY A 204 ? HIS A 174 GLY A 184 1 ? 11 
# 
_struct_conf_type.id          HELX_P 
_struct_conf_type.criteria    ? 
_struct_conf_type.reference   ? 
# 
loop_
_struct_sheet.id 
_struct_sheet.type 
_struct_sheet.number_strands 
_struct_sheet.details 
A ? 4 ? 
B ? 4 ? 
# 
loop_
_struct_sheet_order.sheet_id 
_struct_sheet_order.range_id_1 
_struct_sheet_order.range_id_2 
_struct_sheet_order.offset 
_struct_sheet_order.sense 
A 1 2 ? anti-parallel 
A 2 3 ? anti-parallel 
A 3 4 ? anti-parallel 
B 1 2 ? anti-parallel 
B 2 3 ? anti-parallel 
B 3 4 ? anti-parallel 
# 
loop_
_struct_sheet_range.sheet_id 
_struct_sheet_range.id 
_struct_sheet_range.beg_label_comp_id 
_struct_sheet_range.beg_label_asym_id 
_struct_sheet_range.beg_label_seq_id 
_struct_sheet_range.pdbx_beg_PDB_ins_code 
_struct_sheet_range.end_label_comp_id 
_struct_sheet_range.end_label_asym_id 
_struct_sheet_range.end_label_seq_id 
_struct_sheet_range.pdbx_end_PDB_ins_code 
_struct_sheet_range.beg_auth_comp_id 
_struct_sheet_range.beg_auth_asym_id 
_struct_sheet_range.beg_auth_seq_id 
_struct_sheet_range.end_auth_comp_id 
_struct_sheet_range.end_auth_asym_id 
_struct_sheet_range.end_auth_seq_id 
A 1 ASN A 50  ? ILE A 57  ? ASN A 30  ILE A 37  
A 2 LYS A 61  ? GLY A 68  ? LYS A 41  GLY A 48  
A 3 GLN A 23  ? LEU A 30  ? GLN A 3   LEU A 10  
A 4 LEU A 88  ? ILE A 97  ? LEU A 68  ILE A 77  
B 1 THR A 142 ? MET A 148 ? THR A 122 MET A 128 
B 2 LYS A 155 ? GLY A 162 ? LYS A 135 GLY A 142 
B 3 ALA A 116 ? TRP A 123 ? ALA A 96  TRP A 103 
B 4 LEU A 184 ? PRO A 191 ? LEU A 164 PRO A 171 
# 
loop_
_pdbx_struct_sheet_hbond.sheet_id 
_pdbx_struct_sheet_hbond.range_id_1 
_pdbx_struct_sheet_hbond.range_id_2 
_pdbx_struct_sheet_hbond.range_1_label_atom_id 
_pdbx_struct_sheet_hbond.range_1_label_comp_id 
_pdbx_struct_sheet_hbond.range_1_label_asym_id 
_pdbx_struct_sheet_hbond.range_1_label_seq_id 
_pdbx_struct_sheet_hbond.range_1_PDB_ins_code 
_pdbx_struct_sheet_hbond.range_1_auth_atom_id 
_pdbx_struct_sheet_hbond.range_1_auth_comp_id 
_pdbx_struct_sheet_hbond.range_1_auth_asym_id 
_pdbx_struct_sheet_hbond.range_1_auth_seq_id 
_pdbx_struct_sheet_hbond.range_2_label_atom_id 
_pdbx_struct_sheet_hbond.range_2_label_comp_id 
_pdbx_struct_sheet_hbond.range_2_label_asym_id 
_pdbx_struct_sheet_hbond.range_2_label_seq_id 
_pdbx_struct_sheet_hbond.range_2_PDB_ins_code 
_pdbx_struct_sheet_hbond.range_2_auth_atom_id 
_pdbx_struct_sheet_hbond.range_2_auth_comp_id 
_pdbx_struct_sheet_hbond.range_2_auth_asym_id 
_pdbx_struct_sheet_hbond.range_2_auth_seq_id 
A 1 2 N LEU A 52  ? N LEU A 32  O MET A 65  ? O MET A 45  
A 2 3 O GLY A 68  ? O GLY A 48  N ALA A 24  ? N ALA A 4   
A 3 4 N GLN A 23  ? N GLN A 3   O ILE A 97  ? O ILE A 77  
B 1 2 N HIS A 147 ? N HIS A 127 O TYR A 157 ? O TYR A 137 
B 2 3 O CYS A 156 ? O CYS A 136 N THR A 122 ? N THR A 102 
B 3 4 N VAL A 117 ? N VAL A 97  O ILE A 190 ? O ILE A 170 
# 
loop_
_pdbx_validate_torsion.id 
_pdbx_validate_torsion.PDB_model_num 
_pdbx_validate_torsion.auth_comp_id 
_pdbx_validate_torsion.auth_asym_id 
_pdbx_validate_torsion.auth_seq_id 
_pdbx_validate_torsion.PDB_ins_code 
_pdbx_validate_torsion.label_alt_id 
_pdbx_validate_torsion.phi 
_pdbx_validate_torsion.psi 
1 1 CYS A 38  ? ? 45.04   -149.72 
2 1 ASP A 70  ? ? 178.35  155.47  
3 1 SER A 104 ? ? 93.41   139.04  
4 1 PHE A 130 ? ? -121.49 -106.25 
# 
loop_
_pdbx_unobs_or_zero_occ_residues.id 
_pdbx_unobs_or_zero_occ_residues.PDB_model_num 
_pdbx_unobs_or_zero_occ_residues.polymer_flag 
_pdbx_unobs_or_zero_occ_residues.occupancy_flag 
_pdbx_unobs_or_zero_occ_residues.auth_asym_id 
_pdbx_unobs_or_zero_occ_residues.auth_comp_id 
_pdbx_unobs_or_zero_occ_residues.auth_seq_id 
_pdbx_unobs_or_zero_occ_residues.PDB_ins_code 
_pdbx_unobs_or_zero_occ_residues.label_asym_id 
_pdbx_unobs_or_zero_occ_residues.label_comp_id 
_pdbx_unobs_or_zero_occ_residues.label_seq_id 
1  1 Y 1 A MET -19 ? A MET 1  
2  1 Y 1 A GLY -18 ? A GLY 2  
3  1 Y 1 A SER -17 ? A SER 3  
4  1 Y 1 A SER -16 ? A SER 4  
5  1 Y 1 A HIS -15 ? A HIS 5  
6  1 Y 1 A HIS -14 ? A HIS 6  
7  1 Y 1 A HIS -13 ? A HIS 7  
8  1 Y 1 A HIS -12 ? A HIS 8  
9  1 Y 1 A HIS -11 ? A HIS 9  
10 1 Y 1 A HIS -10 ? A HIS 10 
11 1 Y 1 A SER -9  ? A SER 11 
12 1 Y 1 A SER -8  ? A SER 12 
13 1 Y 1 A GLY -7  ? A GLY 13 
14 1 Y 1 A LEU -6  ? A LEU 14 
15 1 Y 1 A VAL -5  ? A VAL 15 
16 1 Y 1 A PRO -4  ? A PRO 16 
17 1 Y 1 A ARG -3  ? A ARG 17 
18 1 Y 1 A GLY -2  ? A GLY 18 
19 1 Y 1 A SER -1  ? A SER 19 
20 1 Y 1 A HIS 0   ? A HIS 20 
21 1 Y 1 A MET 1   ? A MET 21 
# 
loop_
_chem_comp_atom.comp_id 
_chem_comp_atom.atom_id 
_chem_comp_atom.type_symbol 
_chem_comp_atom.pdbx_aromatic_flag 
_chem_comp_atom.pdbx_stereo_config 
_chem_comp_atom.pdbx_ordinal 
ALA N    N N N 1   
ALA CA   C N S 2   
ALA C    C N N 3   
ALA O    O N N 4   
ALA CB   C N N 5   
ALA OXT  O N N 6   
ALA H    H N N 7   
ALA H2   H N N 8   
ALA HA   H N N 9   
ALA HB1  H N N 10  
ALA HB2  H N N 11  
ALA HB3  H N N 12  
ALA HXT  H N N 13  
ARG N    N N N 14  
ARG CA   C N S 15  
ARG C    C N N 16  
ARG O    O N N 17  
ARG CB   C N N 18  
ARG CG   C N N 19  
ARG CD   C N N 20  
ARG NE   N N N 21  
ARG CZ   C N N 22  
ARG NH1  N N N 23  
ARG NH2  N N N 24  
ARG OXT  O N N 25  
ARG H    H N N 26  
ARG H2   H N N 27  
ARG HA   H N N 28  
ARG HB2  H N N 29  
ARG HB3  H N N 30  
ARG HG2  H N N 31  
ARG HG3  H N N 32  
ARG HD2  H N N 33  
ARG HD3  H N N 34  
ARG HE   H N N 35  
ARG HH11 H N N 36  
ARG HH12 H N N 37  
ARG HH21 H N N 38  
ARG HH22 H N N 39  
ARG HXT  H N N 40  
ASN N    N N N 41  
ASN CA   C N S 42  
ASN C    C N N 43  
ASN O    O N N 44  
ASN CB   C N N 45  
ASN CG   C N N 46  
ASN OD1  O N N 47  
ASN ND2  N N N 48  
ASN OXT  O N N 49  
ASN H    H N N 50  
ASN H2   H N N 51  
ASN HA   H N N 52  
ASN HB2  H N N 53  
ASN HB3  H N N 54  
ASN HD21 H N N 55  
ASN HD22 H N N 56  
ASN HXT  H N N 57  
ASP N    N N N 58  
ASP CA   C N S 59  
ASP C    C N N 60  
ASP O    O N N 61  
ASP CB   C N N 62  
ASP CG   C N N 63  
ASP OD1  O N N 64  
ASP OD2  O N N 65  
ASP OXT  O N N 66  
ASP H    H N N 67  
ASP H2   H N N 68  
ASP HA   H N N 69  
ASP HB2  H N N 70  
ASP HB3  H N N 71  
ASP HD2  H N N 72  
ASP HXT  H N N 73  
CYS N    N N N 74  
CYS CA   C N R 75  
CYS C    C N N 76  
CYS O    O N N 77  
CYS CB   C N N 78  
CYS SG   S N N 79  
CYS OXT  O N N 80  
CYS H    H N N 81  
CYS H2   H N N 82  
CYS HA   H N N 83  
CYS HB2  H N N 84  
CYS HB3  H N N 85  
CYS HG   H N N 86  
CYS HXT  H N N 87  
GLN N    N N N 88  
GLN CA   C N S 89  
GLN C    C N N 90  
GLN O    O N N 91  
GLN CB   C N N 92  
GLN CG   C N N 93  
GLN CD   C N N 94  
GLN OE1  O N N 95  
GLN NE2  N N N 96  
GLN OXT  O N N 97  
GLN H    H N N 98  
GLN H2   H N N 99  
GLN HA   H N N 100 
GLN HB2  H N N 101 
GLN HB3  H N N 102 
GLN HG2  H N N 103 
GLN HG3  H N N 104 
GLN HE21 H N N 105 
GLN HE22 H N N 106 
GLN HXT  H N N 107 
GLU N    N N N 108 
GLU CA   C N S 109 
GLU C    C N N 110 
GLU O    O N N 111 
GLU CB   C N N 112 
GLU CG   C N N 113 
GLU CD   C N N 114 
GLU OE1  O N N 115 
GLU OE2  O N N 116 
GLU OXT  O N N 117 
GLU H    H N N 118 
GLU H2   H N N 119 
GLU HA   H N N 120 
GLU HB2  H N N 121 
GLU HB3  H N N 122 
GLU HG2  H N N 123 
GLU HG3  H N N 124 
GLU HE2  H N N 125 
GLU HXT  H N N 126 
GLY N    N N N 127 
GLY CA   C N N 128 
GLY C    C N N 129 
GLY O    O N N 130 
GLY OXT  O N N 131 
GLY H    H N N 132 
GLY H2   H N N 133 
GLY HA2  H N N 134 
GLY HA3  H N N 135 
GLY HXT  H N N 136 
HIS N    N N N 137 
HIS CA   C N S 138 
HIS C    C N N 139 
HIS O    O N N 140 
HIS CB   C N N 141 
HIS CG   C Y N 142 
HIS ND1  N Y N 143 
HIS CD2  C Y N 144 
HIS CE1  C Y N 145 
HIS NE2  N Y N 146 
HIS OXT  O N N 147 
HIS H    H N N 148 
HIS H2   H N N 149 
HIS HA   H N N 150 
HIS HB2  H N N 151 
HIS HB3  H N N 152 
HIS HD1  H N N 153 
HIS HD2  H N N 154 
HIS HE1  H N N 155 
HIS HE2  H N N 156 
HIS HXT  H N N 157 
HOH O    O N N 158 
HOH H1   H N N 159 
HOH H2   H N N 160 
ILE N    N N N 161 
ILE CA   C N S 162 
ILE C    C N N 163 
ILE O    O N N 164 
ILE CB   C N S 165 
ILE CG1  C N N 166 
ILE CG2  C N N 167 
ILE CD1  C N N 168 
ILE OXT  O N N 169 
ILE H    H N N 170 
ILE H2   H N N 171 
ILE HA   H N N 172 
ILE HB   H N N 173 
ILE HG12 H N N 174 
ILE HG13 H N N 175 
ILE HG21 H N N 176 
ILE HG22 H N N 177 
ILE HG23 H N N 178 
ILE HD11 H N N 179 
ILE HD12 H N N 180 
ILE HD13 H N N 181 
ILE HXT  H N N 182 
LEU N    N N N 183 
LEU CA   C N S 184 
LEU C    C N N 185 
LEU O    O N N 186 
LEU CB   C N N 187 
LEU CG   C N N 188 
LEU CD1  C N N 189 
LEU CD2  C N N 190 
LEU OXT  O N N 191 
LEU H    H N N 192 
LEU H2   H N N 193 
LEU HA   H N N 194 
LEU HB2  H N N 195 
LEU HB3  H N N 196 
LEU HG   H N N 197 
LEU HD11 H N N 198 
LEU HD12 H N N 199 
LEU HD13 H N N 200 
LEU HD21 H N N 201 
LEU HD22 H N N 202 
LEU HD23 H N N 203 
LEU HXT  H N N 204 
LYS N    N N N 205 
LYS CA   C N S 206 
LYS C    C N N 207 
LYS O    O N N 208 
LYS CB   C N N 209 
LYS CG   C N N 210 
LYS CD   C N N 211 
LYS CE   C N N 212 
LYS NZ   N N N 213 
LYS OXT  O N N 214 
LYS H    H N N 215 
LYS H2   H N N 216 
LYS HA   H N N 217 
LYS HB2  H N N 218 
LYS HB3  H N N 219 
LYS HG2  H N N 220 
LYS HG3  H N N 221 
LYS HD2  H N N 222 
LYS HD3  H N N 223 
LYS HE2  H N N 224 
LYS HE3  H N N 225 
LYS HZ1  H N N 226 
LYS HZ2  H N N 227 
LYS HZ3  H N N 228 
LYS HXT  H N N 229 
MET N    N N N 230 
MET CA   C N S 231 
MET C    C N N 232 
MET O    O N N 233 
MET CB   C N N 234 
MET CG   C N N 235 
MET SD   S N N 236 
MET CE   C N N 237 
MET OXT  O N N 238 
MET H    H N N 239 
MET H2   H N N 240 
MET HA   H N N 241 
MET HB2  H N N 242 
MET HB3  H N N 243 
MET HG2  H N N 244 
MET HG3  H N N 245 
MET HE1  H N N 246 
MET HE2  H N N 247 
MET HE3  H N N 248 
MET HXT  H N N 249 
PHE N    N N N 250 
PHE CA   C N S 251 
PHE C    C N N 252 
PHE O    O N N 253 
PHE CB   C N N 254 
PHE CG   C Y N 255 
PHE CD1  C Y N 256 
PHE CD2  C Y N 257 
PHE CE1  C Y N 258 
PHE CE2  C Y N 259 
PHE CZ   C Y N 260 
PHE OXT  O N N 261 
PHE H    H N N 262 
PHE H2   H N N 263 
PHE HA   H N N 264 
PHE HB2  H N N 265 
PHE HB3  H N N 266 
PHE HD1  H N N 267 
PHE HD2  H N N 268 
PHE HE1  H N N 269 
PHE HE2  H N N 270 
PHE HZ   H N N 271 
PHE HXT  H N N 272 
PRO N    N N N 273 
PRO CA   C N S 274 
PRO C    C N N 275 
PRO O    O N N 276 
PRO CB   C N N 277 
PRO CG   C N N 278 
PRO CD   C N N 279 
PRO OXT  O N N 280 
PRO H    H N N 281 
PRO HA   H N N 282 
PRO HB2  H N N 283 
PRO HB3  H N N 284 
PRO HG2  H N N 285 
PRO HG3  H N N 286 
PRO HD2  H N N 287 
PRO HD3  H N N 288 
PRO HXT  H N N 289 
SER N    N N N 290 
SER CA   C N S 291 
SER C    C N N 292 
SER O    O N N 293 
SER CB   C N N 294 
SER OG   O N N 295 
SER OXT  O N N 296 
SER H    H N N 297 
SER H2   H N N 298 
SER HA   H N N 299 
SER HB2  H N N 300 
SER HB3  H N N 301 
SER HG   H N N 302 
SER HXT  H N N 303 
THR N    N N N 304 
THR CA   C N S 305 
THR C    C N N 306 
THR O    O N N 307 
THR CB   C N R 308 
THR OG1  O N N 309 
THR CG2  C N N 310 
THR OXT  O N N 311 
THR H    H N N 312 
THR H2   H N N 313 
THR HA   H N N 314 
THR HB   H N N 315 
THR HG1  H N N 316 
THR HG21 H N N 317 
THR HG22 H N N 318 
THR HG23 H N N 319 
THR HXT  H N N 320 
TRP N    N N N 321 
TRP CA   C N S 322 
TRP C    C N N 323 
TRP O    O N N 324 
TRP CB   C N N 325 
TRP CG   C Y N 326 
TRP CD1  C Y N 327 
TRP CD2  C Y N 328 
TRP NE1  N Y N 329 
TRP CE2  C Y N 330 
TRP CE3  C Y N 331 
TRP CZ2  C Y N 332 
TRP CZ3  C Y N 333 
TRP CH2  C Y N 334 
TRP OXT  O N N 335 
TRP H    H N N 336 
TRP H2   H N N 337 
TRP HA   H N N 338 
TRP HB2  H N N 339 
TRP HB3  H N N 340 
TRP HD1  H N N 341 
TRP HE1  H N N 342 
TRP HE3  H N N 343 
TRP HZ2  H N N 344 
TRP HZ3  H N N 345 
TRP HH2  H N N 346 
TRP HXT  H N N 347 
TYR N    N N N 348 
TYR CA   C N S 349 
TYR C    C N N 350 
TYR O    O N N 351 
TYR CB   C N N 352 
TYR CG   C Y N 353 
TYR CD1  C Y N 354 
TYR CD2  C Y N 355 
TYR CE1  C Y N 356 
TYR CE2  C Y N 357 
TYR CZ   C Y N 358 
TYR OH   O N N 359 
TYR OXT  O N N 360 
TYR H    H N N 361 
TYR H2   H N N 362 
TYR HA   H N N 363 
TYR HB2  H N N 364 
TYR HB3  H N N 365 
TYR HD1  H N N 366 
TYR HD2  H N N 367 
TYR HE1  H N N 368 
TYR HE2  H N N 369 
TYR HH   H N N 370 
TYR HXT  H N N 371 
VAL N    N N N 372 
VAL CA   C N S 373 
VAL C    C N N 374 
VAL O    O N N 375 
VAL CB   C N N 376 
VAL CG1  C N N 377 
VAL CG2  C N N 378 
VAL OXT  O N N 379 
VAL H    H N N 380 
VAL H2   H N N 381 
VAL HA   H N N 382 
VAL HB   H N N 383 
VAL HG11 H N N 384 
VAL HG12 H N N 385 
VAL HG13 H N N 386 
VAL HG21 H N N 387 
VAL HG22 H N N 388 
VAL HG23 H N N 389 
VAL HXT  H N N 390 
# 
loop_
_chem_comp_bond.comp_id 
_chem_comp_bond.atom_id_1 
_chem_comp_bond.atom_id_2 
_chem_comp_bond.value_order 
_chem_comp_bond.pdbx_aromatic_flag 
_chem_comp_bond.pdbx_stereo_config 
_chem_comp_bond.pdbx_ordinal 
ALA N   CA   sing N N 1   
ALA N   H    sing N N 2   
ALA N   H2   sing N N 3   
ALA CA  C    sing N N 4   
ALA CA  CB   sing N N 5   
ALA CA  HA   sing N N 6   
ALA C   O    doub N N 7   
ALA C   OXT  sing N N 8   
ALA CB  HB1  sing N N 9   
ALA CB  HB2  sing N N 10  
ALA CB  HB3  sing N N 11  
ALA OXT HXT  sing N N 12  
ARG N   CA   sing N N 13  
ARG N   H    sing N N 14  
ARG N   H2   sing N N 15  
ARG CA  C    sing N N 16  
ARG CA  CB   sing N N 17  
ARG CA  HA   sing N N 18  
ARG C   O    doub N N 19  
ARG C   OXT  sing N N 20  
ARG CB  CG   sing N N 21  
ARG CB  HB2  sing N N 22  
ARG CB  HB3  sing N N 23  
ARG CG  CD   sing N N 24  
ARG CG  HG2  sing N N 25  
ARG CG  HG3  sing N N 26  
ARG CD  NE   sing N N 27  
ARG CD  HD2  sing N N 28  
ARG CD  HD3  sing N N 29  
ARG NE  CZ   sing N N 30  
ARG NE  HE   sing N N 31  
ARG CZ  NH1  sing N N 32  
ARG CZ  NH2  doub N N 33  
ARG NH1 HH11 sing N N 34  
ARG NH1 HH12 sing N N 35  
ARG NH2 HH21 sing N N 36  
ARG NH2 HH22 sing N N 37  
ARG OXT HXT  sing N N 38  
ASN N   CA   sing N N 39  
ASN N   H    sing N N 40  
ASN N   H2   sing N N 41  
ASN CA  C    sing N N 42  
ASN CA  CB   sing N N 43  
ASN CA  HA   sing N N 44  
ASN C   O    doub N N 45  
ASN C   OXT  sing N N 46  
ASN CB  CG   sing N N 47  
ASN CB  HB2  sing N N 48  
ASN CB  HB3  sing N N 49  
ASN CG  OD1  doub N N 50  
ASN CG  ND2  sing N N 51  
ASN ND2 HD21 sing N N 52  
ASN ND2 HD22 sing N N 53  
ASN OXT HXT  sing N N 54  
ASP N   CA   sing N N 55  
ASP N   H    sing N N 56  
ASP N   H2   sing N N 57  
ASP CA  C    sing N N 58  
ASP CA  CB   sing N N 59  
ASP CA  HA   sing N N 60  
ASP C   O    doub N N 61  
ASP C   OXT  sing N N 62  
ASP CB  CG   sing N N 63  
ASP CB  HB2  sing N N 64  
ASP CB  HB3  sing N N 65  
ASP CG  OD1  doub N N 66  
ASP CG  OD2  sing N N 67  
ASP OD2 HD2  sing N N 68  
ASP OXT HXT  sing N N 69  
CYS N   CA   sing N N 70  
CYS N   H    sing N N 71  
CYS N   H2   sing N N 72  
CYS CA  C    sing N N 73  
CYS CA  CB   sing N N 74  
CYS CA  HA   sing N N 75  
CYS C   O    doub N N 76  
CYS C   OXT  sing N N 77  
CYS CB  SG   sing N N 78  
CYS CB  HB2  sing N N 79  
CYS CB  HB3  sing N N 80  
CYS SG  HG   sing N N 81  
CYS OXT HXT  sing N N 82  
GLN N   CA   sing N N 83  
GLN N   H    sing N N 84  
GLN N   H2   sing N N 85  
GLN CA  C    sing N N 86  
GLN CA  CB   sing N N 87  
GLN CA  HA   sing N N 88  
GLN C   O    doub N N 89  
GLN C   OXT  sing N N 90  
GLN CB  CG   sing N N 91  
GLN CB  HB2  sing N N 92  
GLN CB  HB3  sing N N 93  
GLN CG  CD   sing N N 94  
GLN CG  HG2  sing N N 95  
GLN CG  HG3  sing N N 96  
GLN CD  OE1  doub N N 97  
GLN CD  NE2  sing N N 98  
GLN NE2 HE21 sing N N 99  
GLN NE2 HE22 sing N N 100 
GLN OXT HXT  sing N N 101 
GLU N   CA   sing N N 102 
GLU N   H    sing N N 103 
GLU N   H2   sing N N 104 
GLU CA  C    sing N N 105 
GLU CA  CB   sing N N 106 
GLU CA  HA   sing N N 107 
GLU C   O    doub N N 108 
GLU C   OXT  sing N N 109 
GLU CB  CG   sing N N 110 
GLU CB  HB2  sing N N 111 
GLU CB  HB3  sing N N 112 
GLU CG  CD   sing N N 113 
GLU CG  HG2  sing N N 114 
GLU CG  HG3  sing N N 115 
GLU CD  OE1  doub N N 116 
GLU CD  OE2  sing N N 117 
GLU OE2 HE2  sing N N 118 
GLU OXT HXT  sing N N 119 
GLY N   CA   sing N N 120 
GLY N   H    sing N N 121 
GLY N   H2   sing N N 122 
GLY CA  C    sing N N 123 
GLY CA  HA2  sing N N 124 
GLY CA  HA3  sing N N 125 
GLY C   O    doub N N 126 
GLY C   OXT  sing N N 127 
GLY OXT HXT  sing N N 128 
HIS N   CA   sing N N 129 
HIS N   H    sing N N 130 
HIS N   H2   sing N N 131 
HIS CA  C    sing N N 132 
HIS CA  CB   sing N N 133 
HIS CA  HA   sing N N 134 
HIS C   O    doub N N 135 
HIS C   OXT  sing N N 136 
HIS CB  CG   sing N N 137 
HIS CB  HB2  sing N N 138 
HIS CB  HB3  sing N N 139 
HIS CG  ND1  sing Y N 140 
HIS CG  CD2  doub Y N 141 
HIS ND1 CE1  doub Y N 142 
HIS ND1 HD1  sing N N 143 
HIS CD2 NE2  sing Y N 144 
HIS CD2 HD2  sing N N 145 
HIS CE1 NE2  sing Y N 146 
HIS CE1 HE1  sing N N 147 
HIS NE2 HE2  sing N N 148 
HIS OXT HXT  sing N N 149 
HOH O   H1   sing N N 150 
HOH O   H2   sing N N 151 
ILE N   CA   sing N N 152 
ILE N   H    sing N N 153 
ILE N   H2   sing N N 154 
ILE CA  C    sing N N 155 
ILE CA  CB   sing N N 156 
ILE CA  HA   sing N N 157 
ILE C   O    doub N N 158 
ILE C   OXT  sing N N 159 
ILE CB  CG1  sing N N 160 
ILE CB  CG2  sing N N 161 
ILE CB  HB   sing N N 162 
ILE CG1 CD1  sing N N 163 
ILE CG1 HG12 sing N N 164 
ILE CG1 HG13 sing N N 165 
ILE CG2 HG21 sing N N 166 
ILE CG2 HG22 sing N N 167 
ILE CG2 HG23 sing N N 168 
ILE CD1 HD11 sing N N 169 
ILE CD1 HD12 sing N N 170 
ILE CD1 HD13 sing N N 171 
ILE OXT HXT  sing N N 172 
LEU N   CA   sing N N 173 
LEU N   H    sing N N 174 
LEU N   H2   sing N N 175 
LEU CA  C    sing N N 176 
LEU CA  CB   sing N N 177 
LEU CA  HA   sing N N 178 
LEU C   O    doub N N 179 
LEU C   OXT  sing N N 180 
LEU CB  CG   sing N N 181 
LEU CB  HB2  sing N N 182 
LEU CB  HB3  sing N N 183 
LEU CG  CD1  sing N N 184 
LEU CG  CD2  sing N N 185 
LEU CG  HG   sing N N 186 
LEU CD1 HD11 sing N N 187 
LEU CD1 HD12 sing N N 188 
LEU CD1 HD13 sing N N 189 
LEU CD2 HD21 sing N N 190 
LEU CD2 HD22 sing N N 191 
LEU CD2 HD23 sing N N 192 
LEU OXT HXT  sing N N 193 
LYS N   CA   sing N N 194 
LYS N   H    sing N N 195 
LYS N   H2   sing N N 196 
LYS CA  C    sing N N 197 
LYS CA  CB   sing N N 198 
LYS CA  HA   sing N N 199 
LYS C   O    doub N N 200 
LYS C   OXT  sing N N 201 
LYS CB  CG   sing N N 202 
LYS CB  HB2  sing N N 203 
LYS CB  HB3  sing N N 204 
LYS CG  CD   sing N N 205 
LYS CG  HG2  sing N N 206 
LYS CG  HG3  sing N N 207 
LYS CD  CE   sing N N 208 
LYS CD  HD2  sing N N 209 
LYS CD  HD3  sing N N 210 
LYS CE  NZ   sing N N 211 
LYS CE  HE2  sing N N 212 
LYS CE  HE3  sing N N 213 
LYS NZ  HZ1  sing N N 214 
LYS NZ  HZ2  sing N N 215 
LYS NZ  HZ3  sing N N 216 
LYS OXT HXT  sing N N 217 
MET N   CA   sing N N 218 
MET N   H    sing N N 219 
MET N   H2   sing N N 220 
MET CA  C    sing N N 221 
MET CA  CB   sing N N 222 
MET CA  HA   sing N N 223 
MET C   O    doub N N 224 
MET C   OXT  sing N N 225 
MET CB  CG   sing N N 226 
MET CB  HB2  sing N N 227 
MET CB  HB3  sing N N 228 
MET CG  SD   sing N N 229 
MET CG  HG2  sing N N 230 
MET CG  HG3  sing N N 231 
MET SD  CE   sing N N 232 
MET CE  HE1  sing N N 233 
MET CE  HE2  sing N N 234 
MET CE  HE3  sing N N 235 
MET OXT HXT  sing N N 236 
PHE N   CA   sing N N 237 
PHE N   H    sing N N 238 
PHE N   H2   sing N N 239 
PHE CA  C    sing N N 240 
PHE CA  CB   sing N N 241 
PHE CA  HA   sing N N 242 
PHE C   O    doub N N 243 
PHE C   OXT  sing N N 244 
PHE CB  CG   sing N N 245 
PHE CB  HB2  sing N N 246 
PHE CB  HB3  sing N N 247 
PHE CG  CD1  doub Y N 248 
PHE CG  CD2  sing Y N 249 
PHE CD1 CE1  sing Y N 250 
PHE CD1 HD1  sing N N 251 
PHE CD2 CE2  doub Y N 252 
PHE CD2 HD2  sing N N 253 
PHE CE1 CZ   doub Y N 254 
PHE CE1 HE1  sing N N 255 
PHE CE2 CZ   sing Y N 256 
PHE CE2 HE2  sing N N 257 
PHE CZ  HZ   sing N N 258 
PHE OXT HXT  sing N N 259 
PRO N   CA   sing N N 260 
PRO N   CD   sing N N 261 
PRO N   H    sing N N 262 
PRO CA  C    sing N N 263 
PRO CA  CB   sing N N 264 
PRO CA  HA   sing N N 265 
PRO C   O    doub N N 266 
PRO C   OXT  sing N N 267 
PRO CB  CG   sing N N 268 
PRO CB  HB2  sing N N 269 
PRO CB  HB3  sing N N 270 
PRO CG  CD   sing N N 271 
PRO CG  HG2  sing N N 272 
PRO CG  HG3  sing N N 273 
PRO CD  HD2  sing N N 274 
PRO CD  HD3  sing N N 275 
PRO OXT HXT  sing N N 276 
SER N   CA   sing N N 277 
SER N   H    sing N N 278 
SER N   H2   sing N N 279 
SER CA  C    sing N N 280 
SER CA  CB   sing N N 281 
SER CA  HA   sing N N 282 
SER C   O    doub N N 283 
SER C   OXT  sing N N 284 
SER CB  OG   sing N N 285 
SER CB  HB2  sing N N 286 
SER CB  HB3  sing N N 287 
SER OG  HG   sing N N 288 
SER OXT HXT  sing N N 289 
THR N   CA   sing N N 290 
THR N   H    sing N N 291 
THR N   H2   sing N N 292 
THR CA  C    sing N N 293 
THR CA  CB   sing N N 294 
THR CA  HA   sing N N 295 
THR C   O    doub N N 296 
THR C   OXT  sing N N 297 
THR CB  OG1  sing N N 298 
THR CB  CG2  sing N N 299 
THR CB  HB   sing N N 300 
THR OG1 HG1  sing N N 301 
THR CG2 HG21 sing N N 302 
THR CG2 HG22 sing N N 303 
THR CG2 HG23 sing N N 304 
THR OXT HXT  sing N N 305 
TRP N   CA   sing N N 306 
TRP N   H    sing N N 307 
TRP N   H2   sing N N 308 
TRP CA  C    sing N N 309 
TRP CA  CB   sing N N 310 
TRP CA  HA   sing N N 311 
TRP C   O    doub N N 312 
TRP C   OXT  sing N N 313 
TRP CB  CG   sing N N 314 
TRP CB  HB2  sing N N 315 
TRP CB  HB3  sing N N 316 
TRP CG  CD1  doub Y N 317 
TRP CG  CD2  sing Y N 318 
TRP CD1 NE1  sing Y N 319 
TRP CD1 HD1  sing N N 320 
TRP CD2 CE2  doub Y N 321 
TRP CD2 CE3  sing Y N 322 
TRP NE1 CE2  sing Y N 323 
TRP NE1 HE1  sing N N 324 
TRP CE2 CZ2  sing Y N 325 
TRP CE3 CZ3  doub Y N 326 
TRP CE3 HE3  sing N N 327 
TRP CZ2 CH2  doub Y N 328 
TRP CZ2 HZ2  sing N N 329 
TRP CZ3 CH2  sing Y N 330 
TRP CZ3 HZ3  sing N N 331 
TRP CH2 HH2  sing N N 332 
TRP OXT HXT  sing N N 333 
TYR N   CA   sing N N 334 
TYR N   H    sing N N 335 
TYR N   H2   sing N N 336 
TYR CA  C    sing N N 337 
TYR CA  CB   sing N N 338 
TYR CA  HA   sing N N 339 
TYR C   O    doub N N 340 
TYR C   OXT  sing N N 341 
TYR CB  CG   sing N N 342 
TYR CB  HB2  sing N N 343 
TYR CB  HB3  sing N N 344 
TYR CG  CD1  doub Y N 345 
TYR CG  CD2  sing Y N 346 
TYR CD1 CE1  sing Y N 347 
TYR CD1 HD1  sing N N 348 
TYR CD2 CE2  doub Y N 349 
TYR CD2 HD2  sing N N 350 
TYR CE1 CZ   doub Y N 351 
TYR CE1 HE1  sing N N 352 
TYR CE2 CZ   sing Y N 353 
TYR CE2 HE2  sing N N 354 
TYR CZ  OH   sing N N 355 
TYR OH  HH   sing N N 356 
TYR OXT HXT  sing N N 357 
VAL N   CA   sing N N 358 
VAL N   H    sing N N 359 
VAL N   H2   sing N N 360 
VAL CA  C    sing N N 361 
VAL CA  CB   sing N N 362 
VAL CA  HA   sing N N 363 
VAL C   O    doub N N 364 
VAL C   OXT  sing N N 365 
VAL CB  CG1  sing N N 366 
VAL CB  CG2  sing N N 367 
VAL CB  HB   sing N N 368 
VAL CG1 HG11 sing N N 369 
VAL CG1 HG12 sing N N 370 
VAL CG1 HG13 sing N N 371 
VAL CG2 HG21 sing N N 372 
VAL CG2 HG22 sing N N 373 
VAL CG2 HG23 sing N N 374 
VAL OXT HXT  sing N N 375 
# 
_atom_sites.entry_id                    3PAC 
_atom_sites.fract_transf_matrix[1][1]   0.01530810 
_atom_sites.fract_transf_matrix[1][2]   0.00538955 
_atom_sites.fract_transf_matrix[1][3]   -0.00526246 
_atom_sites.fract_transf_matrix[2][1]   0.01370452 
_atom_sites.fract_transf_matrix[2][2]   -0.00224216 
_atom_sites.fract_transf_matrix[2][3]   0.00991144 
_atom_sites.fract_transf_matrix[3][1]   0.00266165 
_atom_sites.fract_transf_matrix[3][2]   -0.01431551 
_atom_sites.fract_transf_matrix[3][3]   -0.00691870 
_atom_sites.fract_transf_vector[1]      0.684534 
_atom_sites.fract_transf_vector[2]      0.630688 
_atom_sites.fract_transf_vector[3]      0.245604 
# 
loop_
_atom_type.symbol 
C 
N 
O 
S 
# 
loop_
_atom_site.group_PDB 
_atom_site.id 
_atom_site.type_symbol 
_atom_site.label_atom_id 
_atom_site.label_alt_id 
_atom_site.label_comp_id 
_atom_site.label_asym_id 
_atom_site.label_entity_id 
_atom_site.label_seq_id 
_atom_site.pdbx_PDB_ins_code 
_atom_site.Cartn_x 
_atom_site.Cartn_y 
_atom_site.Cartn_z 
_atom_site.occupancy 
_atom_site.B_iso_or_equiv 
_atom_site.pdbx_formal_charge 
_atom_site.auth_seq_id 
_atom_site.auth_comp_id 
_atom_site.auth_asym_id 
_atom_site.auth_atom_id 
_atom_site.pdbx_PDB_model_num 
ATOM   1    N N   . SER A 1 22  ? 11.348  -5.875  8.549   1.00 30.72 ? 2   SER A N   1 
ATOM   2    C CA  . SER A 1 22  ? 11.463  -6.965  7.516   1.00 31.57 ? 2   SER A CA  1 
ATOM   3    C C   . SER A 1 22  ? 11.583  -6.479  6.069   1.00 30.26 ? 2   SER A C   1 
ATOM   4    O O   . SER A 1 22  ? 12.578  -6.812  5.416   1.00 30.51 ? 2   SER A O   1 
ATOM   5    C CB  . SER A 1 22  ? 10.353  -7.991  7.588   1.00 32.79 ? 2   SER A CB  1 
ATOM   6    O OG  . SER A 1 22  ? 10.560  -8.971  6.520   1.00 36.28 ? 2   SER A OG  1 
ATOM   7    N N   . GLN A 1 23  ? 10.603  -5.719  5.538   1.00 27.84 ? 3   GLN A N   1 
ATOM   8    C CA  . GLN A 1 23  ? 10.901  -4.946  4.296   1.00 26.56 ? 3   GLN A CA  1 
ATOM   9    C C   . GLN A 1 23  ? 10.589  -3.510  4.548   1.00 24.38 ? 3   GLN A C   1 
ATOM   10   O O   . GLN A 1 23  ? 9.896   -3.198  5.496   1.00 26.01 ? 3   GLN A O   1 
ATOM   11   C CB  . GLN A 1 23  ? 10.142  -5.492  3.048   1.00 27.46 ? 3   GLN A CB  1 
ATOM   12   C CG  . GLN A 1 23  ? 10.634  -6.876  2.690   1.00 31.05 ? 3   GLN A CG  1 
ATOM   13   C CD  . GLN A 1 23  ? 11.986  -6.789  2.108   1.00 39.08 ? 3   GLN A CD  1 
ATOM   14   O OE1 . GLN A 1 23  ? 13.000  -6.867  2.818   1.00 44.46 ? 3   GLN A OE1 1 
ATOM   15   N NE2 . GLN A 1 23  ? 12.040  -6.542  0.815   1.00 43.22 ? 3   GLN A NE2 1 
ATOM   16   N N   . ALA A 1 24  ? 11.107  -2.597  3.745   1.00 24.46 ? 4   ALA A N   1 
ATOM   17   C CA  . ALA A 1 24  ? 10.625  -1.217  3.841   1.00 21.50 ? 4   ALA A CA  1 
ATOM   18   C C   . ALA A 1 24  ? 9.837   -0.881  2.590   1.00 21.40 ? 4   ALA A C   1 
ATOM   19   O O   . ALA A 1 24  ? 10.063  -1.486  1.547   1.00 22.17 ? 4   ALA A O   1 
ATOM   20   C CB  . ALA A 1 24  ? 11.794  -0.221  4.023   1.00 22.55 ? 4   ALA A CB  1 
ATOM   21   N N   . ILE A 1 25  ? 8.927   0.090   2.689   1.00 18.93 ? 5   ILE A N   1 
ATOM   22   C CA  . ILE A 1 25  ? 8.279   0.672   1.538   1.00 19.36 ? 5   ILE A CA  1 
ATOM   23   C C   . ILE A 1 25  ? 8.740   2.114   1.347   1.00 18.76 ? 5   ILE A C   1 
ATOM   24   O O   . ILE A 1 25  ? 8.660   2.921   2.284   1.00 19.89 ? 5   ILE A O   1 
ATOM   25   C CB  . ILE A 1 25  ? 6.781   0.864   1.764   1.00 18.69 ? 5   ILE A CB  1 
ATOM   26   C CG1 . ILE A 1 25  ? 6.110   -0.451  2.074   1.00 24.97 ? 5   ILE A CG1 1 
ATOM   27   C CG2 . ILE A 1 25  ? 6.095   1.402   0.480   1.00 18.85 ? 5   ILE A CG2 1 
ATOM   28   C CD1 . ILE A 1 25  ? 6.563   -1.442  1.110   1.00 21.64 ? 5   ILE A CD1 1 
ATOM   29   N N   . GLY A 1 26  ? 9.153   2.476   0.151   1.00 18.04 ? 6   GLY A N   1 
ATOM   30   C CA  . GLY A 1 26  ? 9.470   3.871   -0.099  1.00 18.04 ? 6   GLY A CA  1 
ATOM   31   C C   . GLY A 1 26  ? 8.512   4.477   -1.094  1.00 18.57 ? 6   GLY A C   1 
ATOM   32   O O   . GLY A 1 26  ? 8.147   3.809   -2.102  1.00 19.39 ? 6   GLY A O   1 
ATOM   33   N N   . ILE A 1 27  ? 8.081   5.723   -0.817  1.00 18.30 ? 7   ILE A N   1 
ATOM   34   C CA  . ILE A 1 27  ? 7.126   6.422   -1.680  1.00 20.40 ? 7   ILE A CA  1 
ATOM   35   C C   . ILE A 1 27  ? 7.643   7.789   -2.060  1.00 21.42 ? 7   ILE A C   1 
ATOM   36   O O   . ILE A 1 27  ? 8.303   8.490   -1.237  1.00 21.50 ? 7   ILE A O   1 
ATOM   37   C CB  . ILE A 1 27  ? 5.685   6.500   -1.007  1.00 21.54 ? 7   ILE A CB  1 
ATOM   38   C CG1 . ILE A 1 27  ? 5.340   5.159   -0.447  1.00 22.67 ? 7   ILE A CG1 1 
ATOM   39   C CG2 . ILE A 1 27  ? 4.615   6.927   -1.994  1.00 22.77 ? 7   ILE A CG2 1 
ATOM   40   C CD1 . ILE A 1 27  ? 4.255   5.208   0.626   1.00 27.87 ? 7   ILE A CD1 1 
ATOM   41   N N   . LEU A 1 28  ? 7.445   8.133   -3.339  1.00 21.53 ? 8   LEU A N   1 
ATOM   42   C CA  . LEU A 1 28  ? 7.918   9.393   -3.910  1.00 22.90 ? 8   LEU A CA  1 
ATOM   43   C C   . LEU A 1 28  ? 6.828   9.830   -4.860  1.00 23.64 ? 8   LEU A C   1 
ATOM   44   O O   . LEU A 1 28  ? 6.443   9.061   -5.747  1.00 22.81 ? 8   LEU A O   1 
ATOM   45   C CB  . LEU A 1 28  ? 9.276   9.214   -4.650  1.00 22.62 ? 8   LEU A CB  1 
ATOM   46   C CG  . LEU A 1 28  ? 9.979   10.472  -5.202  1.00 25.26 ? 8   LEU A CG  1 
ATOM   47   C CD1 . LEU A 1 28  ? 10.499  11.376  -4.093  1.00 24.17 ? 8   LEU A CD1 1 
ATOM   48   C CD2 . LEU A 1 28  ? 11.194  10.133  -6.100  1.00 22.79 ? 8   LEU A CD2 1 
ATOM   49   N N   . GLU A 1 29  ? 6.275   11.016  -4.621  1.00 24.98 ? 9   GLU A N   1 
ATOM   50   C CA  . GLU A 1 29  ? 5.214   11.584  -5.443  1.00 26.92 ? 9   GLU A CA  1 
ATOM   51   C C   . GLU A 1 29  ? 5.746   12.899  -6.020  1.00 26.83 ? 9   GLU A C   1 
ATOM   52   O O   . GLU A 1 29  ? 6.462   13.650  -5.342  1.00 26.21 ? 9   GLU A O   1 
ATOM   53   C CB  . GLU A 1 29  ? 3.920   11.770  -4.644  1.00 27.88 ? 9   GLU A CB  1 
ATOM   54   C CG  . GLU A 1 29  ? 2.623   11.763  -5.540  1.00 34.43 ? 9   GLU A CG  1 
ATOM   55   C CD  . GLU A 1 29  ? 1.288   11.973  -4.767  1.00 40.33 ? 9   GLU A CD  1 
ATOM   56   O OE1 . GLU A 1 29  ? 0.269   11.321  -5.100  1.00 40.75 ? 9   GLU A OE1 1 
ATOM   57   O OE2 . GLU A 1 29  ? 1.240   12.818  -3.843  1.00 44.61 ? 9   GLU A OE2 1 
ATOM   58   N N   . LEU A 1 30  ? 5.520   13.083  -7.328  1.00 28.50 ? 10  LEU A N   1 
ATOM   59   C CA  . LEU A 1 30  ? 6.120   14.201  -8.099  1.00 27.45 ? 10  LEU A CA  1 
ATOM   60   C C   . LEU A 1 30  ? 5.083   14.947  -8.928  1.00 25.80 ? 10  LEU A C   1 
ATOM   61   O O   . LEU A 1 30  ? 4.050   14.395  -9.255  1.00 24.49 ? 10  LEU A O   1 
ATOM   62   C CB  . LEU A 1 30  ? 7.212   13.689  -9.046  1.00 27.81 ? 10  LEU A CB  1 
ATOM   63   C CG  . LEU A 1 30  ? 8.345   12.969  -8.342  1.00 28.41 ? 10  LEU A CG  1 
ATOM   64   C CD1 . LEU A 1 30  ? 8.147   11.451  -8.688  1.00 29.09 ? 10  LEU A CD1 1 
ATOM   65   C CD2 . LEU A 1 30  ? 9.652   13.509  -8.792  1.00 32.89 ? 10  LEU A CD2 1 
ATOM   66   N N   . THR A 1 31  ? 5.382   16.199  -9.283  1.00 26.08 ? 11  THR A N   1 
ATOM   67   C CA  . THR A 1 31  ? 4.442   16.947  -10.109 1.00 27.02 ? 11  THR A CA  1 
ATOM   68   C C   . THR A 1 31  ? 4.721   16.700  -11.571 1.00 27.63 ? 11  THR A C   1 
ATOM   69   O O   . THR A 1 31  ? 3.902   17.071  -12.395 1.00 29.21 ? 11  THR A O   1 
ATOM   70   C CB  . THR A 1 31  ? 4.536   18.516  -9.916  1.00 25.65 ? 11  THR A CB  1 
ATOM   71   O OG1 . THR A 1 31  ? 5.873   18.924  -9.940  1.00 23.23 ? 11  THR A OG1 1 
ATOM   72   C CG2 . THR A 1 31  ? 3.965   18.939  -8.537  1.00 28.71 ? 11  THR A CG2 1 
ATOM   73   N N   . SER A 1 32  ? 5.846   16.062  -11.893 1.00 27.21 ? 12  SER A N   1 
ATOM   74   C CA  . SER A 1 32  ? 6.306   15.964  -13.307 1.00 27.14 ? 12  SER A CA  1 
ATOM   75   C C   . SER A 1 32  ? 6.514   14.513  -13.684 1.00 27.48 ? 12  SER A C   1 
ATOM   76   O O   . SER A 1 32  ? 7.110   13.743  -12.909 1.00 25.48 ? 12  SER A O   1 
ATOM   77   C CB  . SER A 1 32  ? 7.612   16.775  -13.526 1.00 27.20 ? 12  SER A CB  1 
ATOM   78   O OG  . SER A 1 32  ? 8.327   16.344  -14.714 1.00 26.41 ? 12  SER A OG  1 
ATOM   79   N N   . ILE A 1 33  ? 5.911   14.124  -14.793 1.00 25.92 ? 13  ILE A N   1 
ATOM   80   C CA  . ILE A 1 33  ? 6.056   12.762  -15.336 1.00 26.83 ? 13  ILE A CA  1 
ATOM   81   C C   . ILE A 1 33  ? 7.478   12.523  -15.802 1.00 26.06 ? 13  ILE A C   1 
ATOM   82   O O   . ILE A 1 33  ? 8.021   11.458  -15.573 1.00 26.80 ? 13  ILE A O   1 
ATOM   83   C CB  . ILE A 1 33  ? 5.112   12.472  -16.507 1.00 26.90 ? 13  ILE A CB  1 
ATOM   84   C CG1 . ILE A 1 33  ? 3.673   12.510  -16.005 1.00 27.98 ? 13  ILE A CG1 1 
ATOM   85   C CG2 . ILE A 1 33  ? 5.363   11.024  -17.076 1.00 24.35 ? 13  ILE A CG2 1 
ATOM   86   C CD1 . ILE A 1 33  ? 2.609   12.449  -17.096 1.00 35.10 ? 13  ILE A CD1 1 
ATOM   87   N N   . ALA A 1 34  ? 8.101   13.510  -16.439 1.00 25.45 ? 14  ALA A N   1 
ATOM   88   C CA  . ALA A 1 34  ? 9.456   13.288  -16.955 1.00 24.97 ? 14  ALA A CA  1 
ATOM   89   C C   . ALA A 1 34  ? 10.373  13.157  -15.751 1.00 23.86 ? 14  ALA A C   1 
ATOM   90   O O   . ALA A 1 34  ? 11.307  12.391  -15.748 1.00 21.71 ? 14  ALA A O   1 
ATOM   91   C CB  . ALA A 1 34  ? 9.917   14.442  -17.812 1.00 24.78 ? 14  ALA A CB  1 
ATOM   92   N N   . LYS A 1 35  ? 10.121  13.980  -14.740 1.00 22.90 ? 15  LYS A N   1 
ATOM   93   C CA  . LYS A 1 35  ? 10.998  13.975  -13.600 1.00 22.87 ? 15  LYS A CA  1 
ATOM   94   C C   . LYS A 1 35  ? 10.844  12.638  -12.915 1.00 21.34 ? 15  LYS A C   1 
ATOM   95   O O   . LYS A 1 35  ? 11.792  12.155  -12.332 1.00 20.62 ? 15  LYS A O   1 
ATOM   96   C CB  . LYS A 1 35  ? 10.552  15.056  -12.596 1.00 22.07 ? 15  LYS A CB  1 
ATOM   97   C CG  . LYS A 1 35  ? 11.365  15.020  -11.295 1.00 25.78 ? 15  LYS A CG  1 
ATOM   98   C CD  . LYS A 1 35  ? 12.257  16.215  -11.169 1.00 31.45 ? 15  LYS A CD  1 
ATOM   99   C CE  . LYS A 1 35  ? 13.603  15.751  -11.554 1.00 33.30 ? 15  LYS A CE  1 
ATOM   100  N NZ  . LYS A 1 35  ? 14.472  16.907  -11.896 1.00 32.09 ? 15  LYS A NZ  1 
ATOM   101  N N   . GLY A 1 36  ? 9.648   12.078  -12.988 1.00 21.35 ? 16  GLY A N   1 
ATOM   102  C CA  . GLY A 1 36  ? 9.302   10.820  -12.304 1.00 22.24 ? 16  GLY A CA  1 
ATOM   103  C C   . GLY A 1 36  ? 9.984   9.630   -12.952 1.00 23.49 ? 16  GLY A C   1 
ATOM   104  O O   . GLY A 1 36  ? 10.496  8.728   -12.299 1.00 20.82 ? 16  GLY A O   1 
ATOM   105  N N   . MET A 1 37  ? 9.986   9.609   -14.272 1.00 23.65 ? 17  MET A N   1 
ATOM   106  C CA  . MET A 1 37  ? 10.763  8.581   -14.949 1.00 23.18 ? 17  MET A CA  1 
ATOM   107  C C   . MET A 1 37  ? 12.235  8.660   -14.660 1.00 23.17 ? 17  MET A C   1 
ATOM   108  O O   . MET A 1 37  ? 12.885  7.618   -14.372 1.00 22.71 ? 17  MET A O   1 
ATOM   109  C CB  . MET A 1 37  ? 10.487  8.651   -16.429 1.00 24.01 ? 17  MET A CB  1 
ATOM   110  C CG  . MET A 1 37  ? 9.016   8.705   -16.612 1.00 28.17 ? 17  MET A CG  1 
ATOM   111  S SD  . MET A 1 37  ? 8.671   7.122   -17.351 1.00 39.82 ? 17  MET A SD  1 
ATOM   112  C CE  . MET A 1 37  ? 7.761   7.675   -18.702 1.00 23.70 ? 17  MET A CE  1 
ATOM   113  N N   . GLU A 1 38  ? 12.756  9.889   -14.674 1.00 22.70 ? 18  GLU A N   1 
ATOM   114  C CA  . GLU A 1 38  ? 14.141  10.119  -14.341 1.00 22.01 ? 18  GLU A CA  1 
ATOM   115  C C   . GLU A 1 38  ? 14.442  9.656   -12.911 1.00 21.56 ? 18  GLU A C   1 
ATOM   116  O O   . GLU A 1 38  ? 15.482  9.026   -12.674 1.00 18.24 ? 18  GLU A O   1 
ATOM   117  C CB  . GLU A 1 38  ? 14.471  11.603  -14.485 1.00 21.85 ? 18  GLU A CB  1 
ATOM   118  C CG  . GLU A 1 38  ? 15.923  11.949  -14.219 1.00 25.64 ? 18  GLU A CG  1 
ATOM   119  C CD  . GLU A 1 38  ? 16.113  13.432  -14.182 1.00 28.57 ? 18  GLU A CD  1 
ATOM   120  O OE1 . GLU A 1 38  ? 16.248  14.005  -15.257 1.00 31.42 ? 18  GLU A OE1 1 
ATOM   121  O OE2 . GLU A 1 38  ? 16.106  14.030  -13.093 1.00 31.64 ? 18  GLU A OE2 1 
ATOM   122  N N   . ALA A 1 39  ? 13.547  10.011  -11.965 1.00 20.01 ? 19  ALA A N   1 
ATOM   123  C CA  . ALA A 1 39  ? 13.762  9.690   -10.551 1.00 17.47 ? 19  ALA A CA  1 
ATOM   124  C C   . ALA A 1 39  ? 13.625  8.130   -10.354 1.00 17.82 ? 19  ALA A C   1 
ATOM   125  O O   . ALA A 1 39  ? 14.426  7.503   -9.667  1.00 17.83 ? 19  ALA A O   1 
ATOM   126  C CB  . ALA A 1 39  ? 12.777  10.548  -9.696  1.00 17.80 ? 19  ALA A CB  1 
ATOM   127  N N   . GLY A 1 40  ? 12.663  7.505   -11.017 1.00 17.03 ? 20  GLY A N   1 
ATOM   128  C CA  . GLY A 1 40  ? 12.489  6.073   -10.928 1.00 17.31 ? 20  GLY A CA  1 
ATOM   129  C C   . GLY A 1 40  ? 13.709  5.372   -11.412 1.00 15.84 ? 20  GLY A C   1 
ATOM   130  O O   . GLY A 1 40  ? 14.244  4.432   -10.742 1.00 14.90 ? 20  GLY A O   1 
ATOM   131  N N   . ASP A 1 41  ? 14.184  5.828   -12.564 1.00 14.72 ? 21  ASP A N   1 
ATOM   132  C CA  . ASP A 1 41  ? 15.434  5.264   -13.086 1.00 17.05 ? 21  ASP A CA  1 
ATOM   133  C C   . ASP A 1 41  ? 16.588  5.423   -12.086 1.00 16.34 ? 21  ASP A C   1 
ATOM   134  O O   . ASP A 1 41  ? 17.370  4.511   -11.811 1.00 13.33 ? 21  ASP A O   1 
ATOM   135  C CB  . ASP A 1 41  ? 15.844  5.977   -14.369 1.00 16.92 ? 21  ASP A CB  1 
ATOM   136  C CG  . ASP A 1 41  ? 17.070  5.351   -14.996 1.00 20.66 ? 21  ASP A CG  1 
ATOM   137  O OD1 . ASP A 1 41  ? 17.001  4.226   -15.539 1.00 21.69 ? 21  ASP A OD1 1 
ATOM   138  O OD2 . ASP A 1 41  ? 18.124  5.987   -14.922 1.00 22.71 ? 21  ASP A OD2 1 
ATOM   139  N N   . ALA A 1 42  ? 16.758  6.639   -11.606 1.00 14.11 ? 22  ALA A N   1 
ATOM   140  C CA  . ALA A 1 42  ? 17.885  6.889   -10.707 1.00 14.95 ? 22  ALA A CA  1 
ATOM   141  C C   . ALA A 1 42  ? 17.756  6.070   -9.420  1.00 13.91 ? 22  ALA A C   1 
ATOM   142  O O   . ALA A 1 42  ? 18.765  5.624   -8.875  1.00 14.56 ? 22  ALA A O   1 
ATOM   143  C CB  . ALA A 1 42  ? 17.876  8.416   -10.304 1.00 14.43 ? 22  ALA A CB  1 
ATOM   144  N N   . MET A 1 43  ? 16.545  6.012   -8.849  1.00 13.91 ? 23  MET A N   1 
ATOM   145  C CA  . MET A 1 43  ? 16.347  5.266   -7.574  1.00 14.93 ? 23  MET A CA  1 
ATOM   146  C C   . MET A 1 43  ? 16.638  3.803   -7.714  1.00 14.29 ? 23  MET A C   1 
ATOM   147  O O   . MET A 1 43  ? 17.286  3.178   -6.864  1.00 15.62 ? 23  MET A O   1 
ATOM   148  C CB  . MET A 1 43  ? 14.941  5.499   -6.988  1.00 16.71 ? 23  MET A CB  1 
ATOM   149  C CG  . MET A 1 43  ? 14.779  6.931   -6.428  1.00 16.35 ? 23  MET A CG  1 
ATOM   150  S SD  . MET A 1 43  ? 13.328  7.114   -5.447  1.00 21.08 ? 23  MET A SD  1 
ATOM   151  C CE  . MET A 1 43  ? 11.955  6.859   -6.632  1.00 17.51 ? 23  MET A CE  1 
ATOM   152  N N   . LEU A 1 44  ? 16.183  3.234   -8.818  1.00 14.04 ? 24  LEU A N   1 
ATOM   153  C CA  . LEU A 1 44  ? 16.485  1.794   -9.074  1.00 14.21 ? 24  LEU A CA  1 
ATOM   154  C C   . LEU A 1 44  ? 17.977  1.540   -9.247  1.00 16.75 ? 24  LEU A C   1 
ATOM   155  O O   . LEU A 1 44  ? 18.495  0.460   -8.879  1.00 16.03 ? 24  LEU A O   1 
ATOM   156  C CB  . LEU A 1 44  ? 15.734  1.314   -10.317 1.00 12.23 ? 24  LEU A CB  1 
ATOM   157  C CG  . LEU A 1 44  ? 14.219  1.199   -10.096 1.00 15.28 ? 24  LEU A CG  1 
ATOM   158  C CD1 . LEU A 1 44  ? 13.528  1.252   -11.436 1.00 16.33 ? 24  LEU A CD1 1 
ATOM   159  C CD2 . LEU A 1 44  ? 13.870  -0.019  -9.204  1.00 20.22 ? 24  LEU A CD2 1 
ATOM   160  N N   . LYS A 1 45  ? 18.712  2.491   -9.815  1.00 16.97 ? 25  LYS A N   1 
ATOM   161  C CA  . LYS A 1 45  ? 20.184  2.232   -10.045 1.00 16.86 ? 25  LYS A CA  1 
ATOM   162  C C   . LYS A 1 45  ? 20.932  2.424   -8.718  1.00 18.32 ? 25  LYS A C   1 
ATOM   163  O O   . LYS A 1 45  ? 21.997  1.905   -8.538  1.00 16.42 ? 25  LYS A O   1 
ATOM   164  C CB  . LYS A 1 45  ? 20.766  3.190   -11.063 1.00 17.19 ? 25  LYS A CB  1 
ATOM   165  C CG  . LYS A 1 45  ? 20.309  2.807   -12.460 1.00 17.15 ? 25  LYS A CG  1 
ATOM   166  C CD  . LYS A 1 45  ? 20.588  3.962   -13.450 1.00 20.07 ? 25  LYS A CD  1 
ATOM   167  C CE  . LYS A 1 45  ? 20.422  3.387   -14.873 1.00 18.22 ? 25  LYS A CE  1 
ATOM   168  N NZ  . LYS A 1 45  ? 20.346  4.536   -15.827 1.00 19.30 ? 25  LYS A NZ  1 
ATOM   169  N N   . SER A 1 46  ? 20.298  3.153   -7.796  1.00 18.69 ? 26  SER A N   1 
ATOM   170  C CA  . SER A 1 46  ? 20.977  3.667   -6.622  1.00 20.25 ? 26  SER A CA  1 
ATOM   171  C C   . SER A 1 46  ? 21.132  2.643   -5.505  1.00 20.53 ? 26  SER A C   1 
ATOM   172  O O   . SER A 1 46  ? 22.024  2.792   -4.711  1.00 18.28 ? 26  SER A O   1 
ATOM   173  C CB  . SER A 1 46  ? 20.236  4.818   -6.045  1.00 20.44 ? 26  SER A CB  1 
ATOM   174  O OG  . SER A 1 46  ? 19.163  4.398   -5.172  1.00 21.50 ? 26  SER A OG  1 
ATOM   175  N N   . ALA A 1 47  ? 20.286  1.608   -5.483  1.00 20.43 ? 27  ALA A N   1 
ATOM   176  C CA  . ALA A 1 47  ? 20.192  0.760   -4.315  1.00 20.58 ? 27  ALA A CA  1 
ATOM   177  C C   . ALA A 1 47  ? 19.509  -0.522  -4.767  1.00 19.90 ? 27  ALA A C   1 
ATOM   178  O O   . ALA A 1 47  ? 18.766  -0.543  -5.763  1.00 17.38 ? 27  ALA A O   1 
ATOM   179  C CB  . ALA A 1 47  ? 19.342  1.424   -3.288  1.00 20.81 ? 27  ALA A CB  1 
ATOM   180  N N   . ASN A 1 48  ? 19.649  -1.568  -3.975  1.00 20.72 ? 28  ASN A N   1 
ATOM   181  C CA  . ASN A 1 48  ? 18.932  -2.784  -4.297  1.00 23.52 ? 28  ASN A CA  1 
ATOM   182  C C   . ASN A 1 48  ? 17.415  -2.790  -3.887  1.00 23.52 ? 28  ASN A C   1 
ATOM   183  O O   . ASN A 1 48  ? 17.025  -3.311  -2.819  1.00 24.76 ? 28  ASN A O   1 
ATOM   184  C CB  . ASN A 1 48  ? 19.676  -3.992  -3.711  1.00 24.98 ? 28  ASN A CB  1 
ATOM   185  C CG  . ASN A 1 48  ? 19.044  -5.252  -4.110  1.00 30.46 ? 28  ASN A CG  1 
ATOM   186  O OD1 . ASN A 1 48  ? 18.557  -5.366  -5.250  1.00 34.87 ? 28  ASN A OD1 1 
ATOM   187  N ND2 . ASN A 1 48  ? 19.033  -6.248  -3.189  1.00 33.62 ? 28  ASN A ND2 1 
ATOM   188  N N   . VAL A 1 49  ? 16.568  -2.183  -4.696  1.00 20.36 ? 29  VAL A N   1 
ATOM   189  C CA  . VAL A 1 49  ? 15.163  -2.065  -4.397  1.00 20.04 ? 29  VAL A CA  1 
ATOM   190  C C   . VAL A 1 49  ? 14.421  -2.524  -5.614  1.00 20.71 ? 29  VAL A C   1 
ATOM   191  O O   . VAL A 1 49  ? 14.969  -2.519  -6.697  1.00 21.18 ? 29  VAL A O   1 
ATOM   192  C CB  . VAL A 1 49  ? 14.797  -0.587  -4.146  1.00 18.48 ? 29  VAL A CB  1 
ATOM   193  C CG1 . VAL A 1 49  ? 15.543  -0.089  -2.900  1.00 20.85 ? 29  VAL A CG1 1 
ATOM   194  C CG2 . VAL A 1 49  ? 15.211  0.263   -5.413  1.00 19.54 ? 29  VAL A CG2 1 
ATOM   195  N N   . ASN A 1 50  ? 13.187  -2.921  -5.407  1.00 22.67 ? 30  ASN A N   1 
ATOM   196  C CA  . ASN A 1 50  ? 12.261  -3.354  -6.430  1.00 24.99 ? 30  ASN A CA  1 
ATOM   197  C C   . ASN A 1 50  ? 11.195  -2.287  -6.601  1.00 22.45 ? 30  ASN A C   1 
ATOM   198  O O   . ASN A 1 50  ? 10.678  -1.750  -5.600  1.00 21.23 ? 30  ASN A O   1 
ATOM   199  C CB  . ASN A 1 50  ? 11.636  -4.724  -5.997  1.00 25.76 ? 30  ASN A CB  1 
ATOM   200  C CG  . ASN A 1 50  ? 12.726  -5.717  -5.519  1.00 33.24 ? 30  ASN A CG  1 
ATOM   201  O OD1 . ASN A 1 50  ? 13.721  -5.950  -6.241  1.00 36.75 ? 30  ASN A OD1 1 
ATOM   202  N ND2 . ASN A 1 50  ? 12.564  -6.287  -4.302  1.00 34.87 ? 30  ASN A ND2 1 
ATOM   203  N N   . LEU A 1 51  ? 10.887  -1.942  -7.860  1.00 22.47 ? 31  LEU A N   1 
ATOM   204  C CA  . LEU A 1 51  ? 9.765   -1.051  -8.154  1.00 22.80 ? 31  LEU A CA  1 
ATOM   205  C C   . LEU A 1 51  ? 8.426   -1.779  -7.869  1.00 23.89 ? 31  LEU A C   1 
ATOM   206  O O   . LEU A 1 51  ? 8.234   -2.923  -8.260  1.00 23.61 ? 31  LEU A O   1 
ATOM   207  C CB  . LEU A 1 51  ? 9.824   -0.563  -9.590  1.00 22.98 ? 31  LEU A CB  1 
ATOM   208  C CG  . LEU A 1 51  ? 9.029   0.628   -10.104 1.00 22.88 ? 31  LEU A CG  1 
ATOM   209  C CD1 . LEU A 1 51  ? 9.443   1.963   -9.441  1.00 26.57 ? 31  LEU A CD1 1 
ATOM   210  C CD2 . LEU A 1 51  ? 9.211   0.682   -11.609 1.00 26.77 ? 31  LEU A CD2 1 
ATOM   211  N N   . LEU A 1 52  ? 7.539   -1.148  -7.124  1.00 22.29 ? 32  LEU A N   1 
ATOM   212  C CA  . LEU A 1 52  ? 6.242   -1.781  -6.797  1.00 23.20 ? 32  LEU A CA  1 
ATOM   213  C C   . LEU A 1 52  ? 5.177   -1.064  -7.603  1.00 23.67 ? 32  LEU A C   1 
ATOM   214  O O   . LEU A 1 52  ? 4.264   -1.709  -8.149  1.00 21.95 ? 32  LEU A O   1 
ATOM   215  C CB  . LEU A 1 52  ? 5.914   -1.671  -5.298  1.00 23.53 ? 32  LEU A CB  1 
ATOM   216  C CG  . LEU A 1 52  ? 6.903   -2.179  -4.256  1.00 25.93 ? 32  LEU A CG  1 
ATOM   217  C CD1 . LEU A 1 52  ? 6.501   -1.601  -2.765  1.00 25.03 ? 32  LEU A CD1 1 
ATOM   218  C CD2 . LEU A 1 52  ? 7.047   -3.701  -4.349  1.00 27.36 ? 32  LEU A CD2 1 
ATOM   219  N N   . VAL A 1 53  ? 5.291   0.275   -7.650  1.00 21.05 ? 33  VAL A N   1 
ATOM   220  C CA  . VAL A 1 53  ? 4.366   1.133   -8.330  1.00 23.58 ? 33  VAL A CA  1 
ATOM   221  C C   . VAL A 1 53  ? 5.099   2.259   -9.152  1.00 23.66 ? 33  VAL A C   1 
ATOM   222  O O   . VAL A 1 53  ? 6.031   2.919   -8.659  1.00 21.79 ? 33  VAL A O   1 
ATOM   223  C CB  . VAL A 1 53  ? 3.428   1.881   -7.315  1.00 23.91 ? 33  VAL A CB  1 
ATOM   224  C CG1 . VAL A 1 53  ? 2.659   2.918   -8.046  1.00 22.44 ? 33  VAL A CG1 1 
ATOM   225  C CG2 . VAL A 1 53  ? 2.488   0.882   -6.612  1.00 24.61 ? 33  VAL A CG2 1 
ATOM   226  N N   . SER A 1 54  ? 4.683   2.500   -10.398 1.00 23.40 ? 34  SER A N   1 
ATOM   227  C CA  . SER A 1 54  ? 5.253   3.626   -11.090 1.00 25.80 ? 34  SER A CA  1 
ATOM   228  C C   . SER A 1 54  ? 4.214   4.136   -12.069 1.00 29.39 ? 34  SER A C   1 
ATOM   229  O O   . SER A 1 54  ? 4.076   3.592   -13.174 1.00 29.86 ? 34  SER A O   1 
ATOM   230  C CB  . SER A 1 54  ? 6.541   3.233   -11.787 1.00 25.63 ? 34  SER A CB  1 
ATOM   231  O OG  . SER A 1 54  ? 6.968   4.278   -12.604 1.00 24.95 ? 34  SER A OG  1 
ATOM   232  N N   . LYS A 1 55  ? 3.444   5.131   -11.671 1.00 30.40 ? 35  LYS A N   1 
ATOM   233  C CA  . LYS A 1 55  ? 2.302   5.497   -12.507 1.00 34.34 ? 35  LYS A CA  1 
ATOM   234  C C   . LYS A 1 55  ? 1.925   6.948   -12.405 1.00 36.35 ? 35  LYS A C   1 
ATOM   235  O O   . LYS A 1 55  ? 2.198   7.608   -11.416 1.00 35.28 ? 35  LYS A O   1 
ATOM   236  C CB  . LYS A 1 55  ? 1.087   4.639   -12.148 1.00 34.41 ? 35  LYS A CB  1 
ATOM   237  C CG  . LYS A 1 55  ? 0.346   5.106   -10.895 1.00 37.45 ? 35  LYS A CG  1 
ATOM   238  C CD  . LYS A 1 55  ? -0.944  4.300   -10.590 1.00 41.40 ? 35  LYS A CD  1 
ATOM   239  C CE  . LYS A 1 55  ? -0.683  2.787   -10.686 1.00 42.72 ? 35  LYS A CE  1 
ATOM   240  N NZ  . LYS A 1 55  ? -1.376  1.958   -9.620  1.00 45.36 ? 35  LYS A NZ  1 
ATOM   241  N N   . THR A 1 56  ? 1.261   7.456   -13.439 1.00 39.16 ? 36  THR A N   1 
ATOM   242  C CA  . THR A 1 56  ? 0.776   8.834   -13.394 1.00 42.52 ? 36  THR A CA  1 
ATOM   243  C C   . THR A 1 56  ? -0.563  8.815   -12.655 1.00 45.20 ? 36  THR A C   1 
ATOM   244  O O   . THR A 1 56  ? -1.189  7.767   -12.509 1.00 46.02 ? 36  THR A O   1 
ATOM   245  C CB  . THR A 1 56  ? 0.640   9.483   -14.812 1.00 42.33 ? 36  THR A CB  1 
ATOM   246  O OG1 . THR A 1 56  ? -0.041  8.570   -15.666 1.00 44.31 ? 36  THR A OG1 1 
ATOM   247  C CG2 . THR A 1 56  ? 1.989   9.718   -15.449 1.00 40.48 ? 36  THR A CG2 1 
ATOM   248  N N   . ILE A 1 57  ? -0.975  9.961   -12.127 1.00 48.79 ? 37  ILE A N   1 
ATOM   249  C CA  . ILE A 1 57  ? -2.282  10.068  -11.482 1.00 51.61 ? 37  ILE A CA  1 
ATOM   250  C C   . ILE A 1 57  ? -2.694  11.541  -11.531 1.00 53.36 ? 37  ILE A C   1 
ATOM   251  O O   . ILE A 1 57  ? -1.905  12.399  -11.943 1.00 53.21 ? 37  ILE A O   1 
ATOM   252  C CB  . ILE A 1 57  ? -2.250  9.542   -10.027 1.00 52.16 ? 37  ILE A CB  1 
ATOM   253  C CG1 . ILE A 1 57  ? -1.685  10.604  -9.081  1.00 52.80 ? 37  ILE A CG1 1 
ATOM   254  C CG2 . ILE A 1 57  ? -1.405  8.287   -9.926  1.00 51.33 ? 37  ILE A CG2 1 
ATOM   255  C CD1 . ILE A 1 57  ? -1.049  10.002  -7.812  1.00 54.18 ? 37  ILE A CD1 1 
ATOM   256  N N   . CYS A 1 58  ? -3.921  11.833  -11.113 1.00 55.83 ? 38  CYS A N   1 
ATOM   257  C CA  . CYS A 1 58  ? -4.505  13.192  -11.261 1.00 57.77 ? 38  CYS A CA  1 
ATOM   258  C C   . CYS A 1 58  ? -4.256  13.784  -12.654 1.00 57.79 ? 38  CYS A C   1 
ATOM   259  O O   . CYS A 1 58  ? -4.180  13.019  -13.626 1.00 58.67 ? 38  CYS A O   1 
ATOM   260  C CB  . CYS A 1 58  ? -4.123  14.136  -10.097 1.00 58.01 ? 38  CYS A CB  1 
ATOM   261  S SG  . CYS A 1 58  ? -2.853  15.418  -10.346 1.00 63.00 ? 38  CYS A SG  1 
ATOM   262  N N   . PRO A 1 59  ? -4.143  15.128  -12.775 1.00 57.69 ? 39  PRO A N   1 
ATOM   263  C CA  . PRO A 1 59  ? -4.048  15.744  -14.116 1.00 56.86 ? 39  PRO A CA  1 
ATOM   264  C C   . PRO A 1 59  ? -2.627  15.819  -14.730 1.00 55.88 ? 39  PRO A C   1 
ATOM   265  O O   . PRO A 1 59  ? -2.395  16.645  -15.634 1.00 56.29 ? 39  PRO A O   1 
ATOM   266  C CB  . PRO A 1 59  ? -4.581  17.176  -13.877 1.00 57.44 ? 39  PRO A CB  1 
ATOM   267  C CG  . PRO A 1 59  ? -4.919  17.269  -12.342 1.00 57.44 ? 39  PRO A CG  1 
ATOM   268  C CD  . PRO A 1 59  ? -4.130  16.158  -11.718 1.00 57.76 ? 39  PRO A CD  1 
ATOM   269  N N   . GLY A 1 60  ? -1.696  14.979  -14.252 1.00 53.38 ? 40  GLY A N   1 
ATOM   270  C CA  . GLY A 1 60  ? -0.278  15.013  -14.699 1.00 50.53 ? 40  GLY A CA  1 
ATOM   271  C C   . GLY A 1 60  ? 0.735   14.855  -13.563 1.00 47.73 ? 40  GLY A C   1 
ATOM   272  O O   . GLY A 1 60  ? 1.858   15.365  -13.645 1.00 47.52 ? 40  GLY A O   1 
ATOM   273  N N   . LYS A 1 61  ? 0.310   14.183  -12.486 1.00 45.04 ? 41  LYS A N   1 
ATOM   274  C CA  . LYS A 1 61  ? 1.194   13.802  -11.352 1.00 41.94 ? 41  LYS A CA  1 
ATOM   275  C C   . LYS A 1 61  ? 1.816   12.401  -11.581 1.00 38.58 ? 41  LYS A C   1 
ATOM   276  O O   . LYS A 1 61  ? 1.439   11.693  -12.554 1.00 38.51 ? 41  LYS A O   1 
ATOM   277  C CB  . LYS A 1 61  ? 0.387   13.805  -10.049 1.00 42.13 ? 41  LYS A CB  1 
ATOM   278  C CG  . LYS A 1 61  ? 0.387   15.133  -9.360  1.00 44.42 ? 41  LYS A CG  1 
ATOM   279  C CD  . LYS A 1 61  ? -0.196  14.955  -7.993  1.00 46.26 ? 41  LYS A CD  1 
ATOM   280  C CE  . LYS A 1 61  ? -0.172  16.252  -7.213  1.00 48.36 ? 41  LYS A CE  1 
ATOM   281  N NZ  . LYS A 1 61  ? -0.777  15.983  -5.871  1.00 50.61 ? 41  LYS A NZ  1 
ATOM   282  N N   . PHE A 1 62  ? 2.737   11.978  -10.701 1.00 34.83 ? 42  PHE A N   1 
ATOM   283  C CA  . PHE A 1 62  ? 3.439   10.676  -10.907 1.00 30.11 ? 42  PHE A CA  1 
ATOM   284  C C   . PHE A 1 62  ? 3.822   9.993   -9.580  1.00 27.42 ? 42  PHE A C   1 
ATOM   285  O O   . PHE A 1 62  ? 4.306   10.624  -8.712  1.00 27.19 ? 42  PHE A O   1 
ATOM   286  C CB  . PHE A 1 62  ? 4.706   10.902  -11.729 1.00 29.03 ? 42  PHE A CB  1 
ATOM   287  C CG  . PHE A 1 62  ? 5.243   9.647   -12.346 1.00 26.88 ? 42  PHE A CG  1 
ATOM   288  C CD1 . PHE A 1 62  ? 4.662   9.132   -13.497 1.00 24.37 ? 42  PHE A CD1 1 
ATOM   289  C CD2 . PHE A 1 62  ? 6.303   8.976   -11.757 1.00 25.61 ? 42  PHE A CD2 1 
ATOM   290  C CE1 . PHE A 1 62  ? 5.162   7.970   -14.041 1.00 28.16 ? 42  PHE A CE1 1 
ATOM   291  C CE2 . PHE A 1 62  ? 6.800   7.784   -12.298 1.00 23.41 ? 42  PHE A CE2 1 
ATOM   292  C CZ  . PHE A 1 62  ? 6.242   7.304   -13.425 1.00 26.03 ? 42  PHE A CZ  1 
ATOM   293  N N   . LEU A 1 63  ? 3.634   8.693   -9.434  1.00 25.50 ? 43  LEU A N   1 
ATOM   294  C CA  . LEU A 1 63  ? 3.895   8.075   -8.124  1.00 23.41 ? 43  LEU A CA  1 
ATOM   295  C C   . LEU A 1 63  ? 4.808   6.919   -8.291  1.00 22.60 ? 43  LEU A C   1 
ATOM   296  O O   . LEU A 1 63  ? 4.534   6.049   -9.150  1.00 20.65 ? 43  LEU A O   1 
ATOM   297  C CB  . LEU A 1 63  ? 2.562   7.607   -7.531  1.00 24.04 ? 43  LEU A CB  1 
ATOM   298  C CG  . LEU A 1 63  ? 2.539   6.805   -6.258  1.00 24.73 ? 43  LEU A CG  1 
ATOM   299  C CD1 . LEU A 1 63  ? 2.935   7.744   -5.095  1.00 27.77 ? 43  LEU A CD1 1 
ATOM   300  C CD2 . LEU A 1 63  ? 1.087   6.330   -6.080  1.00 27.26 ? 43  LEU A CD2 1 
ATOM   301  N N   . LEU A 1 64  ? 5.866   6.889   -7.476  1.00 21.48 ? 44  LEU A N   1 
ATOM   302  C CA  . LEU A 1 64  ? 6.779   5.767   -7.415  1.00 19.87 ? 44  LEU A CA  1 
ATOM   303  C C   . LEU A 1 64  ? 6.632   5.135   -6.046  1.00 19.86 ? 44  LEU A C   1 
ATOM   304  O O   . LEU A 1 64  ? 6.596   5.850   -5.048  1.00 17.35 ? 44  LEU A O   1 
ATOM   305  C CB  . LEU A 1 64  ? 8.197   6.268   -7.631  1.00 19.06 ? 44  LEU A CB  1 
ATOM   306  C CG  . LEU A 1 64  ? 8.328   6.752   -9.113  1.00 19.93 ? 44  LEU A CG  1 
ATOM   307  C CD1 . LEU A 1 64  ? 9.436   7.623   -9.195  1.00 15.48 ? 44  LEU A CD1 1 
ATOM   308  C CD2 . LEU A 1 64  ? 8.649   5.516   -9.948  1.00 16.97 ? 44  LEU A CD2 1 
ATOM   309  N N   . MET A 1 65  ? 6.524   3.829   -5.997  1.00 18.04 ? 45  MET A N   1 
ATOM   310  C CA  . MET A 1 65  ? 6.722   3.155   -4.742  1.00 20.41 ? 45  MET A CA  1 
ATOM   311  C C   . MET A 1 65  ? 7.730   1.991   -4.862  1.00 20.43 ? 45  MET A C   1 
ATOM   312  O O   . MET A 1 65  ? 7.728   1.241   -5.863  1.00 20.65 ? 45  MET A O   1 
ATOM   313  C CB  . MET A 1 65  ? 5.376   2.633   -4.241  1.00 21.83 ? 45  MET A CB  1 
ATOM   314  C CG  . MET A 1 65  ? 4.291   3.675   -4.159  1.00 25.24 ? 45  MET A CG  1 
ATOM   315  S SD  . MET A 1 65  ? 2.857   2.783   -3.412  1.00 40.78 ? 45  MET A SD  1 
ATOM   316  C CE  . MET A 1 65  ? 3.594   2.370   -1.863  1.00 30.08 ? 45  MET A CE  1 
ATOM   317  N N   . LEU A 1 66  ? 8.623   1.875   -3.875  1.00 19.03 ? 46  LEU A N   1 
ATOM   318  C CA  . LEU A 1 66  ? 9.671   0.902   -3.967  1.00 19.89 ? 46  LEU A CA  1 
ATOM   319  C C   . LEU A 1 66  ? 9.667   0.026   -2.740  1.00 19.81 ? 46  LEU A C   1 
ATOM   320  O O   . LEU A 1 66  ? 9.179   0.440   -1.702  1.00 19.30 ? 46  LEU A O   1 
ATOM   321  C CB  . LEU A 1 66  ? 11.020  1.639   -3.977  1.00 21.76 ? 46  LEU A CB  1 
ATOM   322  C CG  . LEU A 1 66  ? 11.252  2.754   -4.942  1.00 24.19 ? 46  LEU A CG  1 
ATOM   323  C CD1 . LEU A 1 66  ? 12.438  3.458   -4.493  1.00 23.25 ? 46  LEU A CD1 1 
ATOM   324  C CD2 . LEU A 1 66  ? 11.560  2.176   -6.344  1.00 27.44 ? 46  LEU A CD2 1 
ATOM   325  N N   . GLY A 1 67  ? 10.196  -1.204  -2.836  1.00 19.64 ? 47  GLY A N   1 
ATOM   326  C CA  . GLY A 1 67  ? 10.438  -1.939  -1.622  1.00 20.65 ? 47  GLY A CA  1 
ATOM   327  C C   . GLY A 1 67  ? 11.837  -2.568  -1.592  1.00 22.10 ? 47  GLY A C   1 
ATOM   328  O O   . GLY A 1 67  ? 12.546  -2.659  -2.601  1.00 24.08 ? 47  GLY A O   1 
ATOM   329  N N   . GLY A 1 68  ? 12.236  -3.035  -0.429  1.00 23.78 ? 48  GLY A N   1 
ATOM   330  C CA  . GLY A 1 68  ? 13.516  -3.660  -0.222  1.00 24.22 ? 48  GLY A CA  1 
ATOM   331  C C   . GLY A 1 68  ? 13.929  -3.465  1.237   1.00 25.28 ? 48  GLY A C   1 
ATOM   332  O O   . GLY A 1 68  ? 13.118  -3.041  2.072   1.00 26.55 ? 48  GLY A O   1 
ATOM   333  N N   . ASP A 1 69  ? 15.185  -3.750  1.550   1.00 26.20 ? 49  ASP A N   1 
ATOM   334  C CA  . ASP A 1 69  ? 15.701  -3.624  2.907   1.00 27.54 ? 49  ASP A CA  1 
ATOM   335  C C   . ASP A 1 69  ? 15.712  -2.151  3.218   1.00 27.66 ? 49  ASP A C   1 
ATOM   336  O O   . ASP A 1 69  ? 15.771  -1.295  2.303   1.00 27.65 ? 49  ASP A O   1 
ATOM   337  C CB  . ASP A 1 69  ? 17.084  -4.305  3.014   1.00 30.36 ? 49  ASP A CB  1 
ATOM   338  C CG  . ASP A 1 69  ? 17.047  -5.726  2.465   1.00 36.37 ? 49  ASP A CG  1 
ATOM   339  O OD1 . ASP A 1 69  ? 16.009  -6.398  2.700   1.00 42.77 ? 49  ASP A OD1 1 
ATOM   340  O OD2 . ASP A 1 69  ? 18.008  -6.182  1.754   1.00 42.93 ? 49  ASP A OD2 1 
ATOM   341  N N   . VAL A 1 70  ? 15.564  -1.840  4.487   1.00 25.82 ? 50  VAL A N   1 
ATOM   342  C CA  . VAL A 1 70  ? 15.360  -0.463  4.875   1.00 26.60 ? 50  VAL A CA  1 
ATOM   343  C C   . VAL A 1 70  ? 16.497  0.461   4.475   1.00 25.92 ? 50  VAL A C   1 
ATOM   344  O O   . VAL A 1 70  ? 16.262  1.635   4.151   1.00 26.99 ? 50  VAL A O   1 
ATOM   345  C CB  . VAL A 1 70  ? 15.123  -0.345  6.355   1.00 26.61 ? 50  VAL A CB  1 
ATOM   346  C CG1 . VAL A 1 70  ? 16.434  -0.704  7.115   1.00 29.02 ? 50  VAL A CG1 1 
ATOM   347  C CG2 . VAL A 1 70  ? 14.611  1.081   6.685   1.00 26.61 ? 50  VAL A CG2 1 
ATOM   348  N N   . GLY A 1 71  ? 17.734  -0.012  4.579   1.00 25.41 ? 51  GLY A N   1 
ATOM   349  C CA  . GLY A 1 71  ? 18.874  0.814   4.196   1.00 24.20 ? 51  GLY A CA  1 
ATOM   350  C C   . GLY A 1 71  ? 18.772  1.177   2.703   1.00 23.85 ? 51  GLY A C   1 
ATOM   351  O O   . GLY A 1 71  ? 18.989  2.300   2.328   1.00 23.31 ? 51  GLY A O   1 
ATOM   352  N N   . ALA A 1 72  ? 18.394  0.219   1.869   1.00 20.73 ? 52  ALA A N   1 
ATOM   353  C CA  . ALA A 1 72  ? 18.437  0.420   0.424   1.00 20.51 ? 52  ALA A CA  1 
ATOM   354  C C   . ALA A 1 72  ? 17.270  1.318   0.068   1.00 20.00 ? 52  ALA A C   1 
ATOM   355  O O   . ALA A 1 72  ? 17.396  2.208   -0.768  1.00 19.27 ? 52  ALA A O   1 
ATOM   356  C CB  . ALA A 1 72  ? 18.343  -0.947  -0.329  1.00 18.36 ? 52  ALA A CB  1 
ATOM   357  N N   . VAL A 1 73  ? 16.162  1.176   0.809   1.00 19.63 ? 53  VAL A N   1 
ATOM   358  C CA  . VAL A 1 73  ? 15.004  2.014   0.519   1.00 17.82 ? 53  VAL A CA  1 
ATOM   359  C C   . VAL A 1 73  ? 15.293  3.427   0.976   1.00 19.73 ? 53  VAL A C   1 
ATOM   360  O O   . VAL A 1 73  ? 14.974  4.352   0.269   1.00 17.87 ? 53  VAL A O   1 
ATOM   361  C CB  . VAL A 1 73  ? 13.668  1.466   1.170   1.00 19.16 ? 53  VAL A CB  1 
ATOM   362  C CG1 . VAL A 1 73  ? 12.547  2.507   1.050   1.00 17.18 ? 53  VAL A CG1 1 
ATOM   363  C CG2 . VAL A 1 73  ? 13.223  0.242   0.502   1.00 15.21 ? 53  VAL A CG2 1 
ATOM   364  N N   . GLN A 1 74  ? 15.943  3.620   2.136   1.00 19.19 ? 54  GLN A N   1 
ATOM   365  C CA  . GLN A 1 74  ? 16.219  4.997   2.545   1.00 20.82 ? 54  GLN A CA  1 
ATOM   366  C C   . GLN A 1 74  ? 17.184  5.665   1.574   1.00 20.59 ? 54  GLN A C   1 
ATOM   367  O O   . GLN A 1 74  ? 17.096  6.853   1.284   1.00 23.25 ? 54  GLN A O   1 
ATOM   368  C CB  . GLN A 1 74  ? 16.849  5.020   3.917   1.00 23.46 ? 54  GLN A CB  1 
ATOM   369  C CG  . GLN A 1 74  ? 16.302  3.957   4.805   1.00 29.21 ? 54  GLN A CG  1 
ATOM   370  C CD  . GLN A 1 74  ? 16.869  4.050   6.226   1.00 34.95 ? 54  GLN A CD  1 
ATOM   371  O OE1 . GLN A 1 74  ? 17.769  3.303   6.612   1.00 36.25 ? 54  GLN A OE1 1 
ATOM   372  N NE2 . GLN A 1 74  ? 16.338  4.979   6.994   1.00 37.36 ? 54  GLN A NE2 1 
ATOM   373  N N   . GLN A 1 75  ? 18.101  4.889   1.052   1.00 21.23 ? 55  GLN A N   1 
ATOM   374  C CA  . GLN A 1 75  ? 19.060  5.436   0.137   1.00 22.67 ? 55  GLN A CA  1 
ATOM   375  C C   . GLN A 1 75  ? 18.358  5.771   -1.183  1.00 20.90 ? 55  GLN A C   1 
ATOM   376  O O   . GLN A 1 75  ? 18.596  6.860   -1.750  1.00 20.64 ? 55  GLN A O   1 
ATOM   377  C CB  . GLN A 1 75  ? 20.182  4.437   -0.070  1.00 23.41 ? 55  GLN A CB  1 
ATOM   378  C CG  . GLN A 1 75  ? 20.795  4.496   -1.469  1.00 31.61 ? 55  GLN A CG  1 
ATOM   379  C CD  . GLN A 1 75  ? 22.013  5.462   -1.614  1.00 36.97 ? 55  GLN A CD  1 
ATOM   380  O OE1 . GLN A 1 75  ? 22.050  6.575   -1.046  1.00 39.35 ? 55  GLN A OE1 1 
ATOM   381  N NE2 . GLN A 1 75  ? 22.994  5.032   -2.402  1.00 39.03 ? 55  GLN A NE2 1 
ATOM   382  N N   . ALA A 1 76  ? 17.461  4.888   -1.644  1.00 19.91 ? 56  ALA A N   1 
ATOM   383  C CA  . ALA A 1 76  ? 16.721  5.186   -2.910  1.00 19.19 ? 56  ALA A CA  1 
ATOM   384  C C   . ALA A 1 76  ? 15.890  6.440   -2.753  1.00 18.95 ? 56  ALA A C   1 
ATOM   385  O O   . ALA A 1 76  ? 15.911  7.320   -3.597  1.00 17.19 ? 56  ALA A O   1 
ATOM   386  C CB  . ALA A 1 76  ? 15.867  3.976   -3.354  1.00 19.58 ? 56  ALA A CB  1 
ATOM   387  N N   . ILE A 1 77  ? 15.181  6.562   -1.652  1.00 17.28 ? 57  ILE A N   1 
ATOM   388  C CA  . ILE A 1 77  ? 14.258  7.654   -1.579  1.00 17.84 ? 57  ILE A CA  1 
ATOM   389  C C   . ILE A 1 77  ? 14.975  8.970   -1.339  1.00 17.96 ? 57  ILE A C   1 
ATOM   390  O O   . ILE A 1 77  ? 14.461  10.004  -1.738  1.00 19.73 ? 57  ILE A O   1 
ATOM   391  C CB  . ILE A 1 77  ? 13.171  7.427   -0.463  1.00 17.23 ? 57  ILE A CB  1 
ATOM   392  C CG1 . ILE A 1 77  ? 12.203  6.267   -0.835  1.00 18.15 ? 57  ILE A CG1 1 
ATOM   393  C CG2 . ILE A 1 77  ? 12.544  8.784   -0.073  1.00 19.98 ? 57  ILE A CG2 1 
ATOM   394  C CD1 . ILE A 1 77  ? 11.327  6.451   -2.123  1.00 18.75 ? 57  ILE A CD1 1 
ATOM   395  N N   . ALA A 1 78  ? 16.130  8.924   -0.681  1.00 19.74 ? 58  ALA A N   1 
ATOM   396  C CA  . ALA A 1 78  ? 16.999  10.134  -0.529  1.00 21.08 ? 58  ALA A CA  1 
ATOM   397  C C   . ALA A 1 78  ? 17.462  10.593  -1.894  1.00 22.36 ? 58  ALA A C   1 
ATOM   398  O O   . ALA A 1 78  ? 17.447  11.760  -2.184  1.00 24.20 ? 58  ALA A O   1 
ATOM   399  C CB  . ALA A 1 78  ? 18.238  9.798   0.347   1.00 21.79 ? 58  ALA A CB  1 
ATOM   400  N N   . THR A 1 79  ? 17.913  9.660   -2.732  1.00 23.09 ? 59  THR A N   1 
ATOM   401  C CA  . THR A 1 79  ? 18.332  9.968   -4.072  1.00 23.22 ? 59  THR A CA  1 
ATOM   402  C C   . THR A 1 79  ? 17.184  10.704  -4.848  1.00 24.24 ? 59  THR A C   1 
ATOM   403  O O   . THR A 1 79  ? 17.363  11.759  -5.502  1.00 23.27 ? 59  THR A O   1 
ATOM   404  C CB  . THR A 1 79  ? 18.714  8.633   -4.733  1.00 22.65 ? 59  THR A CB  1 
ATOM   405  O OG1 . THR A 1 79  ? 19.829  8.063   -4.043  1.00 20.59 ? 59  THR A OG1 1 
ATOM   406  C CG2 . THR A 1 79  ? 19.075  8.804   -6.174  1.00 23.30 ? 59  THR A CG2 1 
ATOM   407  N N   . GLY A 1 80  ? 15.990  10.165  -4.719  1.00 23.18 ? 60  GLY A N   1 
ATOM   408  C CA  . GLY A 1 80  ? 14.886  10.575  -5.513  1.00 24.44 ? 60  GLY A CA  1 
ATOM   409  C C   . GLY A 1 80  ? 14.329  11.877  -5.047  1.00 25.44 ? 60  GLY A C   1 
ATOM   410  O O   . GLY A 1 80  ? 13.922  12.690  -5.856  1.00 24.37 ? 60  GLY A O   1 
ATOM   411  N N   . THR A 1 81  ? 14.309  12.067  -3.731  1.00 25.28 ? 61  THR A N   1 
ATOM   412  C CA  . THR A 1 81  ? 13.896  13.303  -3.101  1.00 27.12 ? 61  THR A CA  1 
ATOM   413  C C   . THR A 1 81  ? 14.793  14.454  -3.549  1.00 28.63 ? 61  THR A C   1 
ATOM   414  O O   . THR A 1 81  ? 14.321  15.502  -3.997  1.00 28.50 ? 61  THR A O   1 
ATOM   415  C CB  . THR A 1 81  ? 14.012  13.069  -1.559  1.00 27.29 ? 61  THR A CB  1 
ATOM   416  O OG1 . THR A 1 81  ? 13.001  12.121  -1.177  1.00 25.43 ? 61  THR A OG1 1 
ATOM   417  C CG2 . THR A 1 81  ? 13.856  14.358  -0.791  1.00 29.62 ? 61  THR A CG2 1 
ATOM   418  N N   . SER A 1 82  ? 16.083  14.228  -3.469  1.00 29.10 ? 62  SER A N   1 
ATOM   419  C CA  . SER A 1 82  ? 17.075  15.151  -3.971  1.00 31.43 ? 62  SER A CA  1 
ATOM   420  C C   . SER A 1 82  ? 16.983  15.492  -5.485  1.00 31.49 ? 62  SER A C   1 
ATOM   421  O O   . SER A 1 82  ? 16.948  16.662  -5.860  1.00 30.68 ? 62  SER A O   1 
ATOM   422  C CB  . SER A 1 82  ? 18.436  14.599  -3.622  1.00 31.20 ? 62  SER A CB  1 
ATOM   423  O OG  . SER A 1 82  ? 19.399  15.402  -4.198  1.00 36.65 ? 62  SER A OG  1 
ATOM   424  N N   . LEU A 1 83  ? 16.870  14.487  -6.347  1.00 30.43 ? 63  LEU A N   1 
ATOM   425  C CA  . LEU A 1 83  ? 16.467  14.739  -7.736  1.00 30.42 ? 63  LEU A CA  1 
ATOM   426  C C   . LEU A 1 83  ? 15.156  15.499  -7.969  1.00 28.91 ? 63  LEU A C   1 
ATOM   427  O O   . LEU A 1 83  ? 15.062  16.306  -8.896  1.00 28.41 ? 63  LEU A O   1 
ATOM   428  C CB  . LEU A 1 83  ? 16.379  13.413  -8.490  1.00 31.77 ? 63  LEU A CB  1 
ATOM   429  C CG  . LEU A 1 83  ? 17.525  13.030  -9.400  1.00 36.25 ? 63  LEU A CG  1 
ATOM   430  C CD1 . LEU A 1 83  ? 18.816  13.661  -8.874  1.00 36.13 ? 63  LEU A CD1 1 
ATOM   431  C CD2 . LEU A 1 83  ? 17.625  11.480  -9.597  1.00 35.53 ? 63  LEU A CD2 1 
ATOM   432  N N   . ALA A 1 84  ? 14.138  15.225  -7.164  1.00 28.21 ? 64  ALA A N   1 
ATOM   433  C CA  . ALA A 1 84  ? 12.797  15.788  -7.359  1.00 29.69 ? 64  ALA A CA  1 
ATOM   434  C C   . ALA A 1 84  ? 12.778  17.340  -7.260  1.00 31.26 ? 64  ALA A C   1 
ATOM   435  O O   . ALA A 1 84  ? 12.032  18.009  -7.996  1.00 29.74 ? 64  ALA A O   1 
ATOM   436  C CB  . ALA A 1 84  ? 11.848  15.203  -6.358  1.00 29.27 ? 64  ALA A CB  1 
ATOM   437  N N   . GLY A 1 85  ? 13.612  17.867  -6.362  1.00 33.05 ? 65  GLY A N   1 
ATOM   438  C CA  . GLY A 1 85  ? 13.562  19.267  -5.942  1.00 34.18 ? 65  GLY A CA  1 
ATOM   439  C C   . GLY A 1 85  ? 12.152  19.772  -5.686  1.00 35.72 ? 65  GLY A C   1 
ATOM   440  O O   . GLY A 1 85  ? 11.372  19.193  -4.879  1.00 35.74 ? 65  GLY A O   1 
ATOM   441  N N   . ASP A 1 86  ? 11.804  20.862  -6.376  1.00 35.74 ? 66  ASP A N   1 
ATOM   442  C CA  . ASP A 1 86  ? 10.520  21.531  -6.153  1.00 35.12 ? 66  ASP A CA  1 
ATOM   443  C C   . ASP A 1 86  ? 9.374   20.869  -6.885  1.00 34.54 ? 66  ASP A C   1 
ATOM   444  O O   . ASP A 1 86  ? 8.261   21.339  -6.792  1.00 34.92 ? 66  ASP A O   1 
ATOM   445  C CB  . ASP A 1 86  ? 10.606  23.014  -6.543  1.00 36.93 ? 66  ASP A CB  1 
ATOM   446  C CG  . ASP A 1 86  ? 10.815  23.224  -8.042  1.00 39.31 ? 66  ASP A CG  1 
ATOM   447  O OD1 . ASP A 1 86  ? 10.671  22.260  -8.829  1.00 42.34 ? 66  ASP A OD1 1 
ATOM   448  O OD2 . ASP A 1 86  ? 11.156  24.358  -8.446  1.00 43.58 ? 66  ASP A OD2 1 
ATOM   449  N N   . MET A 1 87  ? 9.645   19.787  -7.630  1.00 32.42 ? 67  MET A N   1 
ATOM   450  C CA  . MET A 1 87  ? 8.603   18.977  -8.216  1.00 31.22 ? 67  MET A CA  1 
ATOM   451  C C   . MET A 1 87  ? 8.132   17.819  -7.309  1.00 30.32 ? 67  MET A C   1 
ATOM   452  O O   . MET A 1 87  ? 7.231   17.026  -7.679  1.00 30.01 ? 67  MET A O   1 
ATOM   453  C CB  . MET A 1 87  ? 9.111   18.440  -9.545  1.00 29.71 ? 67  MET A CB  1 
ATOM   454  C CG  . MET A 1 87  ? 9.306   19.579  -10.529 1.00 33.70 ? 67  MET A CG  1 
ATOM   455  S SD  . MET A 1 87  ? 10.108  19.017  -12.027 1.00 37.23 ? 67  MET A SD  1 
ATOM   456  C CE  . MET A 1 87  ? 11.817  19.038  -11.522 1.00 39.33 ? 67  MET A CE  1 
ATOM   457  N N   . LEU A 1 88  ? 8.728   17.739  -6.120  1.00 30.77 ? 68  LEU A N   1 
ATOM   458  C CA  . LEU A 1 88  ? 8.307   16.768  -5.095  1.00 28.62 ? 68  LEU A CA  1 
ATOM   459  C C   . LEU A 1 88  ? 6.991   17.126  -4.410  1.00 29.62 ? 68  LEU A C   1 
ATOM   460  O O   . LEU A 1 88  ? 6.851   18.227  -3.888  1.00 29.90 ? 68  LEU A O   1 
ATOM   461  C CB  . LEU A 1 88  ? 9.410   16.641  -4.057  1.00 28.67 ? 68  LEU A CB  1 
ATOM   462  C CG  . LEU A 1 88  ? 9.039   15.825  -2.791  1.00 28.86 ? 68  LEU A CG  1 
ATOM   463  C CD1 . LEU A 1 88  ? 9.236   14.378  -3.005  1.00 31.72 ? 68  LEU A CD1 1 
ATOM   464  C CD2 . LEU A 1 88  ? 9.901   16.344  -1.633  1.00 31.15 ? 68  LEU A CD2 1 
ATOM   465  N N   . VAL A 1 89  ? 6.028   16.212  -4.409  1.00 28.50 ? 69  VAL A N   1 
ATOM   466  C CA  . VAL A 1 89  ? 4.807   16.394  -3.662  1.00 29.01 ? 69  VAL A CA  1 
ATOM   467  C C   . VAL A 1 89  ? 5.054   15.886  -2.234  1.00 31.70 ? 69  VAL A C   1 
ATOM   468  O O   . VAL A 1 89  ? 4.719   16.574  -1.283  1.00 31.41 ? 69  VAL A O   1 
ATOM   469  C CB  . VAL A 1 89  ? 3.694   15.663  -4.309  1.00 29.28 ? 69  VAL A CB  1 
ATOM   470  C CG1 . VAL A 1 89  ? 2.461   15.554  -3.390  1.00 27.68 ? 69  VAL A CG1 1 
ATOM   471  C CG2 . VAL A 1 89  ? 3.369   16.331  -5.652  1.00 27.45 ? 69  VAL A CG2 1 
ATOM   472  N N   . ASP A 1 90  ? 5.742   14.746  -2.087  1.00 30.18 ? 70  ASP A N   1 
ATOM   473  C CA  . ASP A 1 90  ? 5.936   14.160  -0.781  1.00 31.49 ? 70  ASP A CA  1 
ATOM   474  C C   . ASP A 1 90  ? 6.719   12.863  -0.998  1.00 30.88 ? 70  ASP A C   1 
ATOM   475  O O   . ASP A 1 90  ? 6.657   12.284  -2.104  1.00 29.06 ? 70  ASP A O   1 
ATOM   476  C CB  . ASP A 1 90  ? 4.546   13.836  -0.188  1.00 32.47 ? 70  ASP A CB  1 
ATOM   477  C CG  . ASP A 1 90  ? 4.519   13.812  1.366   1.00 36.81 ? 70  ASP A CG  1 
ATOM   478  O OD1 . ASP A 1 90  ? 5.514   14.146  2.078   1.00 35.65 ? 70  ASP A OD1 1 
ATOM   479  O OD2 . ASP A 1 90  ? 3.441   13.437  1.878   1.00 42.21 ? 70  ASP A OD2 1 
ATOM   480  N N   . SER A 1 91  ? 7.435   12.424  0.037   1.00 28.75 ? 71  SER A N   1 
ATOM   481  C CA  . SER A 1 91  ? 8.137   11.141  0.019   1.00 27.93 ? 71  SER A CA  1 
ATOM   482  C C   . SER A 1 91  ? 8.170   10.594  1.429   1.00 28.13 ? 71  SER A C   1 
ATOM   483  O O   . SER A 1 91  ? 8.043   11.349  2.386   1.00 28.44 ? 71  SER A O   1 
ATOM   484  C CB  . SER A 1 91  ? 9.538   11.272  -0.512  1.00 27.47 ? 71  SER A CB  1 
ATOM   485  O OG  . SER A 1 91  ? 10.348  12.036  0.365   1.00 32.12 ? 71  SER A OG  1 
ATOM   486  N N   . LEU A 1 92  ? 8.318   9.288   1.578   1.00 26.33 ? 72  LEU A N   1 
ATOM   487  C CA  . LEU A 1 92  ? 8.152   8.702   2.918   1.00 23.92 ? 72  LEU A CA  1 
ATOM   488  C C   . LEU A 1 92  ? 8.838   7.406   2.890   1.00 22.14 ? 72  LEU A C   1 
ATOM   489  O O   . LEU A 1 92  ? 8.945   6.846   1.817   1.00 19.99 ? 72  LEU A O   1 
ATOM   490  C CB  . LEU A 1 92  ? 6.709   8.360   3.129   1.00 24.24 ? 72  LEU A CB  1 
ATOM   491  C CG  . LEU A 1 92  ? 5.528   9.310   3.063   1.00 30.80 ? 72  LEU A CG  1 
ATOM   492  C CD1 . LEU A 1 92  ? 5.193   9.764   1.618   1.00 34.89 ? 72  LEU A CD1 1 
ATOM   493  C CD2 . LEU A 1 92  ? 4.388   8.527   3.674   1.00 30.80 ? 72  LEU A CD2 1 
ATOM   494  N N   . VAL A 1 93  ? 9.319   6.913   4.040   1.00 20.05 ? 73  VAL A N   1 
ATOM   495  C CA  . VAL A 1 93  ? 9.892   5.563   4.058   1.00 20.78 ? 73  VAL A CA  1 
ATOM   496  C C   . VAL A 1 93  ? 9.120   4.947   5.222   1.00 21.48 ? 73  VAL A C   1 
ATOM   497  O O   . VAL A 1 93  ? 8.980   5.592   6.292   1.00 18.38 ? 73  VAL A O   1 
ATOM   498  C CB  . VAL A 1 93  ? 11.354  5.565   4.325   1.00 21.33 ? 73  VAL A CB  1 
ATOM   499  C CG1 . VAL A 1 93  ? 11.877  4.092   4.617   1.00 21.00 ? 73  VAL A CG1 1 
ATOM   500  C CG2 . VAL A 1 93  ? 12.091  6.288   3.135   1.00 19.61 ? 73  VAL A CG2 1 
ATOM   501  N N   . LEU A 1 94  ? 8.503   3.811   4.948   1.00 18.70 ? 74  LEU A N   1 
ATOM   502  C CA  . LEU A 1 94  ? 7.838   3.055   6.018   1.00 21.28 ? 74  LEU A CA  1 
ATOM   503  C C   . LEU A 1 94  ? 8.677   1.858   6.312   1.00 20.14 ? 74  LEU A C   1 
ATOM   504  O O   . LEU A 1 94  ? 8.754   0.890   5.461   1.00 19.46 ? 74  LEU A O   1 
ATOM   505  C CB  . LEU A 1 94  ? 6.389   2.678   5.629   1.00 22.10 ? 74  LEU A CB  1 
ATOM   506  C CG  . LEU A 1 94  ? 5.497   3.850   5.176   1.00 23.41 ? 74  LEU A CG  1 
ATOM   507  C CD1 . LEU A 1 94  ? 4.171   3.395   4.490   1.00 24.82 ? 74  LEU A CD1 1 
ATOM   508  C CD2 . LEU A 1 94  ? 5.271   4.906   6.353   1.00 23.51 ? 74  LEU A CD2 1 
ATOM   509  N N   . PRO A 1 95  ? 9.345   1.898   7.508   1.00 21.20 ? 75  PRO A N   1 
ATOM   510  C CA  . PRO A 1 95  ? 10.130  0.766   7.879   1.00 22.38 ? 75  PRO A CA  1 
ATOM   511  C C   . PRO A 1 95  ? 9.321   -0.445  8.394   1.00 20.74 ? 75  PRO A C   1 
ATOM   512  O O   . PRO A 1 95  ? 8.177   -0.338  8.778   1.00 23.72 ? 75  PRO A O   1 
ATOM   513  C CB  . PRO A 1 95  ? 11.152  1.345   8.904   1.00 22.57 ? 75  PRO A CB  1 
ATOM   514  C CG  . PRO A 1 95  ? 10.437  2.527   9.587   1.00 24.52 ? 75  PRO A CG  1 
ATOM   515  C CD  . PRO A 1 95  ? 9.367   2.981   8.531   1.00 22.39 ? 75  PRO A CD  1 
ATOM   516  N N   . ASN A 1 96  ? 9.881   -1.622  8.278   1.00 22.12 ? 76  ASN A N   1 
ATOM   517  C CA  . ASN A 1 96  ? 9.344   -2.732  9.073   1.00 23.22 ? 76  ASN A CA  1 
ATOM   518  C C   . ASN A 1 96  ? 7.997   -3.174  8.635   1.00 22.62 ? 76  ASN A C   1 
ATOM   519  O O   . ASN A 1 96  ? 7.131   -3.380  9.482   1.00 25.49 ? 76  ASN A O   1 
ATOM   520  C CB  . ASN A 1 96  ? 9.142   -2.240  10.496  1.00 24.82 ? 76  ASN A CB  1 
ATOM   521  C CG  . ASN A 1 96  ? 10.264  -2.603  11.345  1.00 29.68 ? 76  ASN A CG  1 
ATOM   522  O OD1 . ASN A 1 96  ? 10.881  -3.623  11.101  1.00 38.36 ? 76  ASN A OD1 1 
ATOM   523  N ND2 . ASN A 1 96  ? 10.547  -1.810  12.360  1.00 36.58 ? 76  ASN A ND2 1 
ATOM   524  N N   . ILE A 1 97  ? 7.813   -3.362  7.346   1.00 21.46 ? 77  ILE A N   1 
ATOM   525  C CA  . ILE A 1 97  ? 6.538   -3.713  6.806   1.00 21.30 ? 77  ILE A CA  1 
ATOM   526  C C   . ILE A 1 97  ? 6.671   -5.206  6.489   1.00 21.73 ? 77  ILE A C   1 
ATOM   527  O O   . ILE A 1 97  ? 7.687   -5.664  5.984   1.00 21.62 ? 77  ILE A O   1 
ATOM   528  C CB  . ILE A 1 97  ? 6.257   -2.880  5.507   1.00 20.11 ? 77  ILE A CB  1 
ATOM   529  C CG1 . ILE A 1 97  ? 6.120   -1.363  5.844   1.00 19.32 ? 77  ILE A CG1 1 
ATOM   530  C CG2 . ILE A 1 97  ? 5.025   -3.476  4.752   1.00 21.97 ? 77  ILE A CG2 1 
ATOM   531  C CD1 . ILE A 1 97  ? 5.053   -1.072  6.891   1.00 20.73 ? 77  ILE A CD1 1 
ATOM   532  N N   . HIS A 1 98  ? 5.670   -5.977  6.881   1.00 21.71 ? 78  HIS A N   1 
ATOM   533  C CA  . HIS A 1 98  ? 5.624   -7.387  6.546   1.00 23.33 ? 78  HIS A CA  1 
ATOM   534  C C   . HIS A 1 98  ? 5.812   -7.657  5.036   1.00 22.80 ? 78  HIS A C   1 
ATOM   535  O O   . HIS A 1 98  ? 5.225   -6.977  4.187   1.00 23.87 ? 78  HIS A O   1 
ATOM   536  C CB  . HIS A 1 98  ? 4.262   -7.904  7.054   1.00 23.90 ? 78  HIS A CB  1 
ATOM   537  C CG  . HIS A 1 98  ? 4.145   -9.383  7.009   1.00 25.89 ? 78  HIS A CG  1 
ATOM   538  N ND1 . HIS A 1 98  ? 3.854   -10.064 5.850   1.00 32.69 ? 78  HIS A ND1 1 
ATOM   539  C CD2 . HIS A 1 98  ? 4.246   -10.314 7.981   1.00 31.70 ? 78  HIS A CD2 1 
ATOM   540  C CE1 . HIS A 1 98  ? 3.803   -11.361 6.101   1.00 33.29 ? 78  HIS A CE1 1 
ATOM   541  N NE2 . HIS A 1 98  ? 4.017   -11.538 7.391   1.00 32.48 ? 78  HIS A NE2 1 
ATOM   542  N N   . ALA A 1 99  ? 6.611   -8.664  4.646   1.00 25.42 ? 79  ALA A N   1 
ATOM   543  C CA  . ALA A 1 99  ? 6.882   -8.843  3.228   1.00 26.66 ? 79  ALA A CA  1 
ATOM   544  C C   . ALA A 1 99  ? 5.653   -9.061  2.370   1.00 27.97 ? 79  ALA A C   1 
ATOM   545  O O   . ALA A 1 99  ? 5.664   -8.711  1.186   1.00 27.48 ? 79  ALA A O   1 
ATOM   546  C CB  . ALA A 1 99  ? 7.914   -9.980  2.964   1.00 27.56 ? 79  ALA A CB  1 
ATOM   547  N N   . SER A 1 100 ? 4.615   -9.681  2.935   1.00 28.45 ? 80  SER A N   1 
ATOM   548  C CA  . SER A 1 100 ? 3.422   -9.966  2.163   1.00 27.99 ? 80  SER A CA  1 
ATOM   549  C C   . SER A 1 100 ? 2.746   -8.680  1.711   1.00 26.88 ? 80  SER A C   1 
ATOM   550  O O   . SER A 1 100 ? 2.035   -8.697  0.724   1.00 29.30 ? 80  SER A O   1 
ATOM   551  C CB  . SER A 1 100 ? 2.442   -10.844 2.970   1.00 28.22 ? 80  SER A CB  1 
ATOM   552  O OG  . SER A 1 100 ? 1.988   -10.168 4.161   1.00 32.24 ? 80  SER A OG  1 
ATOM   553  N N   . VAL A 1 101 ? 2.959   -7.554  2.384   1.00 24.73 ? 81  VAL A N   1 
ATOM   554  C CA  . VAL A 1 101 ? 2.344   -6.307  1.926   1.00 23.20 ? 81  VAL A CA  1 
ATOM   555  C C   . VAL A 1 101 ? 2.860   -5.814  0.561   1.00 24.67 ? 81  VAL A C   1 
ATOM   556  O O   . VAL A 1 101 ? 2.163   -5.137  -0.215  1.00 26.03 ? 81  VAL A O   1 
ATOM   557  C CB  . VAL A 1 101 ? 2.464   -5.144  2.965   1.00 22.53 ? 81  VAL A CB  1 
ATOM   558  C CG1 . VAL A 1 101 ? 1.949   -3.841  2.367   1.00 23.94 ? 81  VAL A CG1 1 
ATOM   559  C CG2 . VAL A 1 101 ? 1.757   -5.449  4.336   1.00 21.56 ? 81  VAL A CG2 1 
ATOM   560  N N   . LEU A 1 102 ? 4.089   -6.149  0.231   1.00 24.91 ? 82  LEU A N   1 
ATOM   561  C CA  . LEU A 1 102 ? 4.688   -5.567  -0.961  1.00 24.74 ? 82  LEU A CA  1 
ATOM   562  C C   . LEU A 1 102 ? 4.037   -6.036  -2.243  1.00 23.81 ? 82  LEU A C   1 
ATOM   563  O O   . LEU A 1 102 ? 3.675   -5.219  -3.023  1.00 22.89 ? 82  LEU A O   1 
ATOM   564  C CB  . LEU A 1 102 ? 6.218   -5.742  -0.981  1.00 25.57 ? 82  LEU A CB  1 
ATOM   565  C CG  . LEU A 1 102 ? 7.071   -4.761  -0.176  1.00 25.03 ? 82  LEU A CG  1 
ATOM   566  C CD1 . LEU A 1 102 ? 6.823   -4.858  1.336   1.00 23.54 ? 82  LEU A CD1 1 
ATOM   567  C CD2 . LEU A 1 102 ? 8.568   -5.015  -0.492  1.00 23.94 ? 82  LEU A CD2 1 
ATOM   568  N N   . PRO A 1 103 ? 3.884   -7.346  -2.451  1.00 22.48 ? 83  PRO A N   1 
ATOM   569  C CA  . PRO A 1 103 ? 3.062   -7.848  -3.599  1.00 24.28 ? 83  PRO A CA  1 
ATOM   570  C C   . PRO A 1 103 ? 1.554   -7.409  -3.612  1.00 23.06 ? 83  PRO A C   1 
ATOM   571  O O   . PRO A 1 103 ? 0.950   -7.298  -4.694  1.00 23.32 ? 83  PRO A O   1 
ATOM   572  C CB  . PRO A 1 103 ? 3.180   -9.379  -3.510  1.00 23.75 ? 83  PRO A CB  1 
ATOM   573  C CG  . PRO A 1 103 ? 4.156   -9.668  -2.356  1.00 22.94 ? 83  PRO A CG  1 
ATOM   574  C CD  . PRO A 1 103 ? 4.570   -8.390  -1.689  1.00 24.13 ? 83  PRO A CD  1 
ATOM   575  N N   . ALA A 1 104 ? 0.964   -7.102  -2.442  1.00 22.86 ? 84  ALA A N   1 
ATOM   576  C CA  . ALA A 1 104 ? -0.392  -6.607  -2.413  1.00 22.69 ? 84  ALA A CA  1 
ATOM   577  C C   . ALA A 1 104 ? -0.408  -5.187  -2.939  1.00 24.05 ? 84  ALA A C   1 
ATOM   578  O O   . ALA A 1 104 ? -1.447  -4.671  -3.360  1.00 23.52 ? 84  ALA A O   1 
ATOM   579  C CB  . ALA A 1 104 ? -0.971  -6.661  -1.025  1.00 23.34 ? 84  ALA A CB  1 
ATOM   580  N N   . ILE A 1 105 ? 0.744   -4.540  -2.936  1.00 23.64 ? 85  ILE A N   1 
ATOM   581  C CA  . ILE A 1 105 ? 0.780   -3.175  -3.428  1.00 25.32 ? 85  ILE A CA  1 
ATOM   582  C C   . ILE A 1 105 ? 1.021   -3.192  -4.937  1.00 26.45 ? 85  ILE A C   1 
ATOM   583  O O   . ILE A 1 105 ? 0.407   -2.415  -5.663  1.00 26.10 ? 85  ILE A O   1 
ATOM   584  C CB  . ILE A 1 105 ? 1.844   -2.327  -2.737  1.00 26.17 ? 85  ILE A CB  1 
ATOM   585  C CG1 . ILE A 1 105 ? 1.432   -1.935  -1.319  1.00 23.13 ? 85  ILE A CG1 1 
ATOM   586  C CG2 . ILE A 1 105 ? 2.053   -1.082  -3.530  1.00 25.19 ? 85  ILE A CG2 1 
ATOM   587  C CD1 . ILE A 1 105 ? 2.687   -1.432  -0.434  1.00 21.69 ? 85  ILE A CD1 1 
ATOM   588  N N   . SER A 1 106 ? 1.926   -4.062  -5.398  1.00 25.98 ? 86  SER A N   1 
ATOM   589  C CA  . SER A 1 106 ? 2.237   -4.129  -6.810  1.00 27.61 ? 86  SER A CA  1 
ATOM   590  C C   . SER A 1 106 ? 1.213   -4.944  -7.654  1.00 28.70 ? 86  SER A C   1 
ATOM   591  O O   . SER A 1 106 ? 1.062   -4.689  -8.837  1.00 29.68 ? 86  SER A O   1 
ATOM   592  C CB  . SER A 1 106 ? 3.641   -4.701  -7.037  1.00 28.16 ? 86  SER A CB  1 
ATOM   593  O OG  . SER A 1 106 ? 3.710   -6.014  -6.560  1.00 26.32 ? 86  SER A OG  1 
ATOM   594  N N   . GLY A 1 107 ? 0.533   -5.904  -7.045  1.00 27.59 ? 87  GLY A N   1 
ATOM   595  C CA  . GLY A 1 107 ? -0.443  -6.696  -7.771  1.00 28.04 ? 87  GLY A CA  1 
ATOM   596  C C   . GLY A 1 107 ? -1.551  -7.195  -6.868  1.00 27.16 ? 87  GLY A C   1 
ATOM   597  O O   . GLY A 1 107 ? -2.141  -6.419  -6.118  1.00 27.59 ? 87  GLY A O   1 
ATOM   598  N N   . LEU A 1 108 ? -1.838  -8.478  -6.955  1.00 26.79 ? 88  LEU A N   1 
ATOM   599  C CA  . LEU A 1 108 ? -2.787  -9.130  -6.080  1.00 27.19 ? 88  LEU A CA  1 
ATOM   600  C C   . LEU A 1 108 ? -2.032  -10.281 -5.451  1.00 28.22 ? 88  LEU A C   1 
ATOM   601  O O   . LEU A 1 108 ? -1.304  -10.952 -6.187  1.00 29.61 ? 88  LEU A O   1 
ATOM   602  C CB  . LEU A 1 108 ? -3.918  -9.709  -6.915  1.00 27.12 ? 88  LEU A CB  1 
ATOM   603  C CG  . LEU A 1 108 ? -4.568  -8.762  -7.912  1.00 25.37 ? 88  LEU A CG  1 
ATOM   604  C CD1 . LEU A 1 108 ? -5.391  -9.475  -8.979  1.00 23.87 ? 88  LEU A CD1 1 
ATOM   605  C CD2 . LEU A 1 108 ? -5.377  -7.724  -7.107  1.00 24.99 ? 88  LEU A CD2 1 
ATOM   606  N N   . ASN A 1 109 ? -2.176  -10.535 -4.146  1.00 26.82 ? 89  ASN A N   1 
ATOM   607  C CA  . ASN A 1 109 ? -1.715  -11.849 -3.576  1.00 28.09 ? 89  ASN A CA  1 
ATOM   608  C C   . ASN A 1 109 ? -2.756  -12.917 -3.889  1.00 28.09 ? 89  ASN A C   1 
ATOM   609  O O   . ASN A 1 109 ? -3.914  -12.602 -4.011  1.00 27.21 ? 89  ASN A O   1 
ATOM   610  C CB  . ASN A 1 109 ? -1.528  -11.789 -2.059  1.00 27.07 ? 89  ASN A CB  1 
ATOM   611  C CG  . ASN A 1 109 ? -0.228  -11.076 -1.644  1.00 29.86 ? 89  ASN A CG  1 
ATOM   612  O OD1 . ASN A 1 109 ? -0.197  -10.314 -0.672  1.00 30.60 ? 89  ASN A OD1 1 
ATOM   613  N ND2 . ASN A 1 109 ? 0.821   -11.281 -2.415  1.00 29.55 ? 89  ASN A ND2 1 
ATOM   614  N N   . SER A 1 110 ? -2.374  -14.183 -4.008  1.00 28.45 ? 90  SER A N   1 
ATOM   615  C CA  . SER A 1 110 ? -3.407  -15.182 -4.246  1.00 30.97 ? 90  SER A CA  1 
ATOM   616  C C   . SER A 1 110 ? -4.170  -15.539 -2.980  1.00 31.66 ? 90  SER A C   1 
ATOM   617  O O   . SER A 1 110 ? -3.633  -15.513 -1.876  1.00 30.14 ? 90  SER A O   1 
ATOM   618  C CB  . SER A 1 110 ? -2.801  -16.438 -4.850  1.00 30.96 ? 90  SER A CB  1 
ATOM   619  O OG  . SER A 1 110 ? -1.454  -16.462 -4.455  1.00 35.05 ? 90  SER A OG  1 
ATOM   620  N N   . VAL A 1 111 ? -5.446  -15.864 -3.162  1.00 32.53 ? 91  VAL A N   1 
ATOM   621  C CA  . VAL A 1 111 ? -6.304  -16.122 -2.034  1.00 34.56 ? 91  VAL A CA  1 
ATOM   622  C C   . VAL A 1 111 ? -6.201  -17.601 -1.700  1.00 36.12 ? 91  VAL A C   1 
ATOM   623  O O   . VAL A 1 111 ? -6.413  -18.441 -2.536  1.00 36.87 ? 91  VAL A O   1 
ATOM   624  C CB  . VAL A 1 111 ? -7.754  -15.756 -2.339  1.00 34.71 ? 91  VAL A CB  1 
ATOM   625  C CG1 . VAL A 1 111 ? -8.664  -16.346 -1.302  1.00 34.12 ? 91  VAL A CG1 1 
ATOM   626  C CG2 . VAL A 1 111 ? -7.900  -14.222 -2.439  1.00 33.79 ? 91  VAL A CG2 1 
ATOM   627  N N   . ASP A 1 112 ? -5.870  -17.884 -0.464  1.00 36.83 ? 92  ASP A N   1 
ATOM   628  C CA  . ASP A 1 112 ? -5.653  -19.227 0.011   1.00 38.87 ? 92  ASP A CA  1 
ATOM   629  C C   . ASP A 1 112 ? -6.896  -19.692 0.754   1.00 38.64 ? 92  ASP A C   1 
ATOM   630  O O   . ASP A 1 112 ? -7.023  -20.837 1.063   1.00 39.53 ? 92  ASP A O   1 
ATOM   631  C CB  . ASP A 1 112 ? -4.422  -19.180 0.926   1.00 39.57 ? 92  ASP A CB  1 
ATOM   632  C CG  . ASP A 1 112 ? -4.545  -20.052 2.145   1.00 43.52 ? 92  ASP A CG  1 
ATOM   633  O OD1 . ASP A 1 112 ? -4.846  -21.263 2.018   1.00 48.16 ? 92  ASP A OD1 1 
ATOM   634  O OD2 . ASP A 1 112 ? -4.285  -19.532 3.249   1.00 48.49 ? 92  ASP A OD2 1 
ATOM   635  N N   . LYS A 1 113 ? -7.821  -18.793 1.036   1.00 38.45 ? 93  LYS A N   1 
ATOM   636  C CA  . LYS A 1 113 ? -8.981  -19.155 1.827   1.00 39.30 ? 93  LYS A CA  1 
ATOM   637  C C   . LYS A 1 113 ? -10.029 -18.059 1.665   1.00 38.88 ? 93  LYS A C   1 
ATOM   638  O O   . LYS A 1 113 ? -9.711  -16.877 1.840   1.00 40.35 ? 93  LYS A O   1 
ATOM   639  C CB  . LYS A 1 113 ? -8.534  -19.351 3.296   1.00 39.57 ? 93  LYS A CB  1 
ATOM   640  C CG  . LYS A 1 113 ? -9.636  -19.524 4.328   1.00 41.44 ? 93  LYS A CG  1 
ATOM   641  C CD  . LYS A 1 113 ? -9.101  -20.239 5.566   1.00 42.91 ? 93  LYS A CD  1 
ATOM   642  C CE  . LYS A 1 113 ? -7.802  -19.610 6.039   1.00 42.98 ? 93  LYS A CE  1 
ATOM   643  N NZ  . LYS A 1 113 ? -7.424  -20.134 7.392   1.00 46.89 ? 93  LYS A NZ  1 
ATOM   644  N N   . ARG A 1 114 ? -11.269 -18.441 1.352   1.00 37.25 ? 94  ARG A N   1 
ATOM   645  C CA  . ARG A 1 114 ? -12.309 -17.490 0.888   1.00 35.17 ? 94  ARG A CA  1 
ATOM   646  C C   . ARG A 1 114 ? -13.555 -17.316 1.778   1.00 31.92 ? 94  ARG A C   1 
ATOM   647  O O   . ARG A 1 114 ? -14.573 -16.714 1.409   1.00 33.85 ? 94  ARG A O   1 
ATOM   648  C CB  . ARG A 1 114 ? -12.718 -17.924 -0.522  1.00 34.91 ? 94  ARG A CB  1 
ATOM   649  C CG  . ARG A 1 114 ? -12.722 -19.376 -0.689  1.00 35.43 ? 94  ARG A CG  1 
ATOM   650  C CD  . ARG A 1 114 ? -13.702 -19.787 -1.769  1.00 42.24 ? 94  ARG A CD  1 
ATOM   651  N NE  . ARG A 1 114 ? -14.319 -18.640 -2.426  1.00 39.02 ? 94  ARG A NE  1 
ATOM   652  C CZ  . ARG A 1 114 ? -15.382 -18.739 -3.232  1.00 42.53 ? 94  ARG A CZ  1 
ATOM   653  N NH1 . ARG A 1 114 ? -15.905 -19.928 -3.479  1.00 34.22 ? 94  ARG A NH1 1 
ATOM   654  N NH2 . ARG A 1 114 ? -15.933 -17.640 -3.778  1.00 42.56 ? 94  ARG A NH2 1 
ATOM   655  N N   . GLN A 1 115 ? -13.484 -17.758 2.998   1.00 30.82 ? 95  GLN A N   1 
ATOM   656  C CA  . GLN A 1 115 ? -14.659 -17.681 3.830   1.00 28.84 ? 95  GLN A CA  1 
ATOM   657  C C   . GLN A 1 115 ? -15.265 -16.274 4.006   1.00 27.33 ? 95  GLN A C   1 
ATOM   658  O O   . GLN A 1 115 ? -16.567 -16.086 4.094   1.00 27.78 ? 95  GLN A O   1 
ATOM   659  C CB  . GLN A 1 115 ? -14.287 -18.234 5.184   1.00 29.49 ? 95  GLN A CB  1 
ATOM   660  C CG  . GLN A 1 115 ? -15.402 -18.463 6.121   1.00 37.06 ? 95  GLN A CG  1 
ATOM   661  C CD  . GLN A 1 115 ? -14.842 -19.096 7.365   1.00 43.18 ? 95  GLN A CD  1 
ATOM   662  O OE1 . GLN A 1 115 ? -15.119 -18.670 8.471   1.00 44.80 ? 95  GLN A OE1 1 
ATOM   663  N NE2 . GLN A 1 115 ? -13.985 -20.127 7.170   1.00 48.52 ? 95  GLN A NE2 1 
ATOM   664  N N   . ALA A 1 116 ? -14.355 -15.317 4.185   1.00 21.30 ? 96  ALA A N   1 
ATOM   665  C CA  . ALA A 1 116 ? -14.776 -13.918 4.405   1.00 18.06 ? 96  ALA A CA  1 
ATOM   666  C C   . ALA A 1 116 ? -13.798 -13.026 3.733   1.00 15.75 ? 96  ALA A C   1 
ATOM   667  O O   . ALA A 1 116 ? -12.625 -13.414 3.533   1.00 14.42 ? 96  ALA A O   1 
ATOM   668  C CB  . ALA A 1 116 ? -14.798 -13.604 5.895   1.00 17.24 ? 96  ALA A CB  1 
ATOM   669  N N   . VAL A 1 117 ? -14.262 -11.806 3.438   1.00 15.33 ? 97  VAL A N   1 
ATOM   670  C CA  . VAL A 1 117 ? -13.454 -10.696 2.955   1.00 14.55 ? 97  VAL A CA  1 
ATOM   671  C C   . VAL A 1 117 ? -13.631 -9.542  3.936   1.00 14.17 ? 97  VAL A C   1 
ATOM   672  O O   . VAL A 1 117 ? -14.716 -9.427  4.544   1.00 14.22 ? 97  VAL A O   1 
ATOM   673  C CB  . VAL A 1 117 ? -13.944 -10.323 1.571   1.00 15.92 ? 97  VAL A CB  1 
ATOM   674  C CG1 . VAL A 1 117 ? -13.387 -8.974  1.081   1.00 19.01 ? 97  VAL A CG1 1 
ATOM   675  C CG2 . VAL A 1 117 ? -13.490 -11.465 0.594   1.00 19.18 ? 97  VAL A CG2 1 
ATOM   676  N N   . GLY A 1 118 ? -12.533 -8.839  4.196   1.00 14.76 ? 98  GLY A N   1 
ATOM   677  C CA  . GLY A 1 118 ? -12.597 -7.602  4.939   1.00 13.64 ? 98  GLY A CA  1 
ATOM   678  C C   . GLY A 1 118 ? -12.044 -6.502  4.108   1.00 13.79 ? 98  GLY A C   1 
ATOM   679  O O   . GLY A 1 118 ? -11.125 -6.676  3.359   1.00 12.57 ? 98  GLY A O   1 
ATOM   680  N N   . ILE A 1 119 ? -12.577 -5.293  4.306   1.00 13.96 ? 99  ILE A N   1 
ATOM   681  C CA  . ILE A 1 119 ? -12.102 -4.163  3.562   1.00 13.98 ? 99  ILE A CA  1 
ATOM   682  C C   . ILE A 1 119 ? -11.983 -3.015  4.572   1.00 14.77 ? 99  ILE A C   1 
ATOM   683  O O   . ILE A 1 119 ? -12.841 -2.899  5.395   1.00 13.86 ? 99  ILE A O   1 
ATOM   684  C CB  . ILE A 1 119 ? -13.132 -3.755  2.448   1.00 17.16 ? 99  ILE A CB  1 
ATOM   685  C CG1 . ILE A 1 119 ? -13.627 -5.006  1.698   1.00 20.89 ? 99  ILE A CG1 1 
ATOM   686  C CG2 . ILE A 1 119 ? -12.464 -2.728  1.451   1.00 16.18 ? 99  ILE A CG2 1 
ATOM   687  C CD1 . ILE A 1 119 ? -14.790 -4.728  0.784   1.00 26.33 ? 99  ILE A CD1 1 
ATOM   688  N N   . VAL A 1 120 ? -10.864 -2.303  4.539   1.00 15.17 ? 100 VAL A N   1 
ATOM   689  C CA  . VAL A 1 120 ? -10.654 -1.119  5.388   1.00 15.11 ? 100 VAL A CA  1 
ATOM   690  C C   . VAL A 1 120 ? -10.218 -0.064  4.424   1.00 15.09 ? 100 VAL A C   1 
ATOM   691  O O   . VAL A 1 120 ? -9.246  -0.227  3.641   1.00 15.19 ? 100 VAL A O   1 
ATOM   692  C CB  . VAL A 1 120 ? -9.490  -1.331  6.426   1.00 13.91 ? 100 VAL A CB  1 
ATOM   693  C CG1 . VAL A 1 120 ? -9.281  -0.025  7.251   1.00 15.74 ? 100 VAL A CG1 1 
ATOM   694  C CG2 . VAL A 1 120 ? -9.891  -2.507  7.354   1.00 16.38 ? 100 VAL A CG2 1 
ATOM   695  N N   . GLU A 1 121 ? -10.897 1.077   4.518   1.00 15.17 ? 101 GLU A N   1 
ATOM   696  C CA  . GLU A 1 121 ? -10.644 2.227   3.642   1.00 15.33 ? 101 GLU A CA  1 
ATOM   697  C C   . GLU A 1 121 ? -10.151 3.376   4.519   1.00 15.02 ? 101 GLU A C   1 
ATOM   698  O O   . GLU A 1 121 ? -10.670 3.581   5.609   1.00 15.97 ? 101 GLU A O   1 
ATOM   699  C CB  . GLU A 1 121 ? -11.995 2.709   3.049   1.00 14.32 ? 101 GLU A CB  1 
ATOM   700  C CG  . GLU A 1 121 ? -11.891 3.866   2.010   1.00 13.32 ? 101 GLU A CG  1 
ATOM   701  C CD  . GLU A 1 121 ? -13.222 3.970   1.273   1.00 19.09 ? 101 GLU A CD  1 
ATOM   702  O OE1 . GLU A 1 121 ? -14.192 3.353   1.773   1.00 26.24 ? 101 GLU A OE1 1 
ATOM   703  O OE2 . GLU A 1 121 ? -13.271 4.597   0.211   1.00 22.42 ? 101 GLU A OE2 1 
ATOM   704  N N   . THR A 1 122 ? -9.116  4.037   4.056   1.00 15.83 ? 102 THR A N   1 
ATOM   705  C CA  . THR A 1 122 ? -8.438  5.016   4.841   1.00 17.84 ? 102 THR A CA  1 
ATOM   706  C C   . THR A 1 122 ? -8.210  6.235   3.965   1.00 20.28 ? 102 THR A C   1 
ATOM   707  O O   . THR A 1 122 ? -8.197  6.140   2.755   1.00 22.30 ? 102 THR A O   1 
ATOM   708  C CB  . THR A 1 122 ? -7.028  4.567   5.326   1.00 17.15 ? 102 THR A CB  1 
ATOM   709  O OG1 . THR A 1 122 ? -6.127  4.427   4.204   1.00 18.01 ? 102 THR A OG1 1 
ATOM   710  C CG2 . THR A 1 122 ? -7.096  3.313   6.109   1.00 16.68 ? 102 THR A CG2 1 
ATOM   711  N N   . TRP A 1 123 ? -7.963  7.351   4.644   1.00 21.32 ? 103 TRP A N   1 
ATOM   712  C CA  . TRP A 1 123 ? -7.353  8.562   4.071   1.00 21.80 ? 103 TRP A CA  1 
ATOM   713  C C   . TRP A 1 123 ? -5.821  8.420   4.122   1.00 21.02 ? 103 TRP A C   1 
ATOM   714  O O   . TRP A 1 123 ? -5.294  8.292   5.203   1.00 22.23 ? 103 TRP A O   1 
ATOM   715  C CB  . TRP A 1 123 ? -7.831  9.725   4.984   1.00 21.26 ? 103 TRP A CB  1 
ATOM   716  C CG  . TRP A 1 123 ? -9.212  10.224  4.508   1.00 22.98 ? 103 TRP A CG  1 
ATOM   717  C CD1 . TRP A 1 123 ? -10.383 10.318  5.251   1.00 27.59 ? 103 TRP A CD1 1 
ATOM   718  C CD2 . TRP A 1 123 ? -9.535  10.682  3.193   1.00 27.50 ? 103 TRP A CD2 1 
ATOM   719  N NE1 . TRP A 1 123 ? -11.385 10.823  4.460   1.00 28.86 ? 103 TRP A NE1 1 
ATOM   720  C CE2 . TRP A 1 123 ? -10.891 11.048  3.194   1.00 30.73 ? 103 TRP A CE2 1 
ATOM   721  C CE3 . TRP A 1 123 ? -8.784  10.886  2.025   1.00 30.67 ? 103 TRP A CE3 1 
ATOM   722  C CZ2 . TRP A 1 123 ? -11.524 11.545  2.059   1.00 33.90 ? 103 TRP A CZ2 1 
ATOM   723  C CZ3 . TRP A 1 123 ? -9.413  11.424  0.895   1.00 33.76 ? 103 TRP A CZ3 1 
ATOM   724  C CH2 . TRP A 1 123 ? -10.759 11.749  0.923   1.00 32.43 ? 103 TRP A CH2 1 
ATOM   725  N N   . SER A 1 124 ? -5.166  8.396   2.949   1.00 22.21 ? 104 SER A N   1 
ATOM   726  C CA  . SER A 1 124 ? -3.687  8.385   2.762   1.00 23.86 ? 104 SER A CA  1 
ATOM   727  C C   . SER A 1 124 ? -3.141  6.961   2.632   1.00 24.53 ? 104 SER A C   1 
ATOM   728  O O   . SER A 1 124 ? -3.587  6.053   3.336   1.00 23.72 ? 104 SER A O   1 
ATOM   729  C CB  . SER A 1 124 ? -2.951  9.129   3.861   1.00 22.68 ? 104 SER A CB  1 
ATOM   730  O OG  . SER A 1 124 ? -2.645  8.281   4.960   1.00 21.80 ? 104 SER A OG  1 
ATOM   731  N N   . VAL A 1 125 ? -2.203  6.771   1.725   1.00 23.82 ? 105 VAL A N   1 
ATOM   732  C CA  . VAL A 1 125 ? -1.673  5.433   1.519   1.00 25.26 ? 105 VAL A CA  1 
ATOM   733  C C   . VAL A 1 125 ? -0.804  5.024   2.684   1.00 24.44 ? 105 VAL A C   1 
ATOM   734  O O   . VAL A 1 125 ? -0.739  3.864   2.977   1.00 23.43 ? 105 VAL A O   1 
ATOM   735  C CB  . VAL A 1 125 ? -0.840  5.300   0.243   1.00 25.26 ? 105 VAL A CB  1 
ATOM   736  C CG1 . VAL A 1 125 ? -0.657  3.767   -0.106  1.00 29.87 ? 105 VAL A CG1 1 
ATOM   737  C CG2 . VAL A 1 125 ? -1.537  5.973   -0.893  1.00 29.52 ? 105 VAL A CG2 1 
ATOM   738  N N   . ALA A 1 126 ? -0.115  5.955   3.328   1.00 23.71 ? 106 ALA A N   1 
ATOM   739  C CA  . ALA A 1 126 ? 0.577   5.652   4.597   1.00 23.89 ? 106 ALA A CA  1 
ATOM   740  C C   . ALA A 1 126 ? -0.324  4.997   5.666   1.00 23.69 ? 106 ALA A C   1 
ATOM   741  O O   . ALA A 1 126 ? 0.087   3.988   6.274   1.00 21.63 ? 106 ALA A O   1 
ATOM   742  C CB  . ALA A 1 126 ? 1.202   6.894   5.183   1.00 24.18 ? 106 ALA A CB  1 
ATOM   743  N N   . ALA A 1 127 ? -1.501  5.597   5.949   1.00 21.82 ? 107 ALA A N   1 
ATOM   744  C CA  . ALA A 1 127 ? -2.401  5.059   6.953   1.00 21.41 ? 107 ALA A CA  1 
ATOM   745  C C   . ALA A 1 127 ? -2.794  3.627   6.507   1.00 21.49 ? 107 ALA A C   1 
ATOM   746  O O   . ALA A 1 127 ? -2.919  2.705   7.358   1.00 19.47 ? 107 ALA A O   1 
ATOM   747  C CB  . ALA A 1 127 ? -3.677  5.906   7.116   1.00 20.32 ? 107 ALA A CB  1 
ATOM   748  N N   . CYS A 1 128 ? -3.078  3.492   5.214   1.00 21.79 ? 108 CYS A N   1 
ATOM   749  C CA  . CYS A 1 128 ? -3.514  2.206   4.658   1.00 22.31 ? 108 CYS A CA  1 
ATOM   750  C C   . CYS A 1 128 ? -2.440  1.106   4.691   1.00 22.59 ? 108 CYS A C   1 
ATOM   751  O O   . CYS A 1 128 ? -2.762  -0.033  5.050   1.00 23.30 ? 108 CYS A O   1 
ATOM   752  C CB  . CYS A 1 128 ? -4.034  2.377   3.221   1.00 21.99 ? 108 CYS A CB  1 
ATOM   753  S SG  . CYS A 1 128 ? -4.942  0.918   2.593   1.00 26.40 ? 108 CYS A SG  1 
ATOM   754  N N   . ILE A 1 129 ? -1.185  1.434   4.373   1.00 20.59 ? 109 ILE A N   1 
ATOM   755  C CA  . ILE A 1 129 ? -0.065  0.461   4.504   1.00 19.70 ? 109 ILE A CA  1 
ATOM   756  C C   . ILE A 1 129 ? 0.204   0.079   5.958   1.00 20.38 ? 109 ILE A C   1 
ATOM   757  O O   . ILE A 1 129 ? 0.316   -1.080  6.291   1.00 19.80 ? 109 ILE A O   1 
ATOM   758  C CB  . ILE A 1 129 ? 1.235   1.023   3.844   1.00 19.92 ? 109 ILE A CB  1 
ATOM   759  C CG1 . ILE A 1 129 ? 1.004   1.082   2.341   1.00 18.56 ? 109 ILE A CG1 1 
ATOM   760  C CG2 . ILE A 1 129 ? 2.543   0.226   4.356   1.00 17.45 ? 109 ILE A CG2 1 
ATOM   761  C CD1 . ILE A 1 129 ? 1.987   1.862   1.577   1.00 19.43 ? 109 ILE A CD1 1 
ATOM   762  N N   . CYS A 1 130 ? 0.278   1.053   6.845   1.00 21.25 ? 110 CYS A N   1 
ATOM   763  C CA  . CYS A 1 130 ? 0.471   0.737   8.263   1.00 23.18 ? 110 CYS A CA  1 
ATOM   764  C C   . CYS A 1 130 ? -0.668  -0.127  8.797   1.00 21.56 ? 110 CYS A C   1 
ATOM   765  O O   . CYS A 1 130 ? -0.471  -1.067  9.593   1.00 21.17 ? 110 CYS A O   1 
ATOM   766  C CB  . CYS A 1 130 ? 0.598   2.035   9.092   1.00 20.83 ? 110 CYS A CB  1 
ATOM   767  S SG  . CYS A 1 130 ? 2.300   2.798   8.866   1.00 35.54 ? 110 CYS A SG  1 
ATOM   768  N N   . ALA A 1 131 ? -1.885  0.205   8.385   1.00 19.79 ? 111 ALA A N   1 
ATOM   769  C CA  . ALA A 1 131 ? -3.046  -0.550  8.873   1.00 19.86 ? 111 ALA A CA  1 
ATOM   770  C C   . ALA A 1 131 ? -2.979  -2.019  8.361   1.00 18.88 ? 111 ALA A C   1 
ATOM   771  O O   . ALA A 1 131 ? -3.210  -2.993  9.119   1.00 18.94 ? 111 ALA A O   1 
ATOM   772  C CB  . ALA A 1 131 ? -4.328  0.113   8.419   1.00 18.39 ? 111 ALA A CB  1 
ATOM   773  N N   . ALA A 1 132 ? -2.659  -2.171  7.095   1.00 18.02 ? 112 ALA A N   1 
ATOM   774  C CA  . ALA A 1 132 ? -2.505  -3.505  6.504   1.00 18.88 ? 112 ALA A CA  1 
ATOM   775  C C   . ALA A 1 132 ? -1.378  -4.264  7.183   1.00 19.91 ? 112 ALA A C   1 
ATOM   776  O O   . ALA A 1 132 ? -1.520  -5.459  7.531   1.00 19.00 ? 112 ALA A O   1 
ATOM   777  C CB  . ALA A 1 132 ? -2.314  -3.439  4.969   1.00 16.50 ? 112 ALA A CB  1 
ATOM   778  N N   . ASP A 1 133 ? -0.267  -3.582  7.428   1.00 19.46 ? 113 ASP A N   1 
ATOM   779  C CA  . ASP A 1 133 ? 0.854   -4.266  8.095   1.00 20.60 ? 113 ASP A CA  1 
ATOM   780  C C   . ASP A 1 133 ? 0.417   -4.831  9.422   1.00 20.76 ? 113 ASP A C   1 
ATOM   781  O O   . ASP A 1 133 ? 0.689   -6.006  9.705   1.00 19.95 ? 113 ASP A O   1 
ATOM   782  C CB  . ASP A 1 133 ? 2.042   -3.341  8.287   1.00 21.76 ? 113 ASP A CB  1 
ATOM   783  C CG  . ASP A 1 133 ? 3.242   -4.068  8.927   1.00 23.24 ? 113 ASP A CG  1 
ATOM   784  O OD1 . ASP A 1 133 ? 3.729   -5.063  8.361   1.00 21.88 ? 113 ASP A OD1 1 
ATOM   785  O OD2 . ASP A 1 133 ? 3.640   -3.660  10.001  1.00 26.02 ? 113 ASP A OD2 1 
ATOM   786  N N   . ARG A 1 134 ? -0.222  -3.983  10.240  1.00 19.87 ? 114 ARG A N   1 
ATOM   787  C CA  . ARG A 1 134 ? -0.744  -4.363  11.525  1.00 22.88 ? 114 ARG A CA  1 
ATOM   788  C C   . ARG A 1 134 ? -1.743  -5.486  11.426  1.00 21.95 ? 114 ARG A C   1 
ATOM   789  O O   . ARG A 1 134 ? -1.665  -6.458  12.209  1.00 22.61 ? 114 ARG A O   1 
ATOM   790  C CB  . ARG A 1 134 ? -1.352  -3.174  12.199  1.00 22.88 ? 114 ARG A CB  1 
ATOM   791  C CG  . ARG A 1 134 ? -0.331  -2.030  12.273  1.00 30.92 ? 114 ARG A CG  1 
ATOM   792  C CD  . ARG A 1 134 ? 0.042   -1.917  13.699  1.00 41.37 ? 114 ARG A CD  1 
ATOM   793  N NE  . ARG A 1 134 ? -0.754  -2.905  14.443  1.00 47.34 ? 114 ARG A NE  1 
ATOM   794  C CZ  . ARG A 1 134 ? -1.027  -2.839  15.737  1.00 49.62 ? 114 ARG A CZ  1 
ATOM   795  N NH1 . ARG A 1 134 ? -0.594  -1.807  16.454  1.00 51.05 ? 114 ARG A NH1 1 
ATOM   796  N NH2 . ARG A 1 134 ? -1.735  -3.802  16.305  1.00 52.41 ? 114 ARG A NH2 1 
ATOM   797  N N   . ALA A 1 135 ? -2.608  -5.392  10.434  1.00 21.58 ? 115 ALA A N   1 
ATOM   798  C CA  . ALA A 1 135 ? -3.595  -6.461  10.156  1.00 22.87 ? 115 ALA A CA  1 
ATOM   799  C C   . ALA A 1 135 ? -2.870  -7.802  9.974   1.00 23.66 ? 115 ALA A C   1 
ATOM   800  O O   . ALA A 1 135 ? -3.261  -8.819  10.622  1.00 24.07 ? 115 ALA A O   1 
ATOM   801  C CB  . ALA A 1 135 ? -4.416  -6.154  8.926   1.00 23.27 ? 115 ALA A CB  1 
ATOM   802  N N   . VAL A 1 136 ? -1.857  -7.795  9.124   1.00 22.01 ? 116 VAL A N   1 
ATOM   803  C CA  . VAL A 1 136 ? -1.157  -9.034  8.765   1.00 25.11 ? 116 VAL A CA  1 
ATOM   804  C C   . VAL A 1 136 ? -0.318  -9.527  9.971   1.00 24.05 ? 116 VAL A C   1 
ATOM   805  O O   . VAL A 1 136 ? -0.238  -10.723 10.223  1.00 25.71 ? 116 VAL A O   1 
ATOM   806  C CB  . VAL A 1 136 ? -0.322  -8.908  7.508   1.00 24.88 ? 116 VAL A CB  1 
ATOM   807  C CG1 . VAL A 1 136 ? 0.783   -9.990  7.507   1.00 27.23 ? 116 VAL A CG1 1 
ATOM   808  C CG2 . VAL A 1 136 ? -1.221  -8.970  6.220   1.00 25.13 ? 116 VAL A CG2 1 
ATOM   809  N N   . LYS A 1 137 ? 0.216   -8.610  10.763  1.00 22.67 ? 117 LYS A N   1 
ATOM   810  C CA  . LYS A 1 137 ? 1.020   -9.009  11.891  1.00 23.83 ? 117 LYS A CA  1 
ATOM   811  C C   . LYS A 1 137 ? 0.166   -9.523  13.068  1.00 25.16 ? 117 LYS A C   1 
ATOM   812  O O   . LYS A 1 137 ? 0.697   -10.269 13.911  1.00 27.44 ? 117 LYS A O   1 
ATOM   813  C CB  . LYS A 1 137 ? 1.921   -7.877  12.346  1.00 21.98 ? 117 LYS A CB  1 
ATOM   814  C CG  . LYS A 1 137 ? 2.999   -7.566  11.341  1.00 23.89 ? 117 LYS A CG  1 
ATOM   815  C CD  . LYS A 1 137 ? 3.993   -6.580  11.905  1.00 20.54 ? 117 LYS A CD  1 
ATOM   816  C CE  . LYS A 1 137 ? 5.251   -6.451  11.055  1.00 19.84 ? 117 LYS A CE  1 
ATOM   817  N NZ  . LYS A 1 137 ? 5.488   -4.957  10.948  1.00 20.71 ? 117 LYS A NZ  1 
ATOM   818  N N   . ALA A 1 138 ? -1.136  -9.183  13.121  1.00 21.55 ? 118 ALA A N   1 
ATOM   819  C CA  . ALA A 1 138 ? -1.920  -9.540  14.266  1.00 21.30 ? 118 ALA A CA  1 
ATOM   820  C C   . ALA A 1 138 ? -2.872  -10.689 13.944  1.00 20.85 ? 118 ALA A C   1 
ATOM   821  O O   . ALA A 1 138 ? -3.650  -11.084 14.769  1.00 20.92 ? 118 ALA A O   1 
ATOM   822  C CB  . ALA A 1 138 ? -2.695  -8.323  14.731  1.00 22.95 ? 118 ALA A CB  1 
ATOM   823  N N   . SER A 1 139 ? -2.875  -11.198 12.723  1.00 18.94 ? 119 SER A N   1 
ATOM   824  C CA  . SER A 1 139 ? -3.939  -12.128 12.404  1.00 20.94 ? 119 SER A CA  1 
ATOM   825  C C   . SER A 1 139 ? -3.267  -13.128 11.526  1.00 20.86 ? 119 SER A C   1 
ATOM   826  O O   . SER A 1 139 ? -2.018  -13.024 11.365  1.00 23.41 ? 119 SER A O   1 
ATOM   827  C CB  . SER A 1 139 ? -5.105  -11.410 11.717  1.00 18.95 ? 119 SER A CB  1 
ATOM   828  O OG  . SER A 1 139 ? -4.727  -11.063 10.405  1.00 19.18 ? 119 SER A OG  1 
ATOM   829  N N   . ASN A 1 140 ? -4.011  -14.086 10.978  1.00 22.38 ? 120 ASN A N   1 
ATOM   830  C CA  . ASN A 1 140 ? -3.520  -14.963 9.899   1.00 22.61 ? 120 ASN A CA  1 
ATOM   831  C C   . ASN A 1 140 ? -4.188  -14.780 8.550   1.00 23.02 ? 120 ASN A C   1 
ATOM   832  O O   . ASN A 1 140 ? -4.117  -15.664 7.693   1.00 22.14 ? 120 ASN A O   1 
ATOM   833  C CB  . ASN A 1 140 ? -3.552  -16.458 10.278  1.00 24.79 ? 120 ASN A CB  1 
ATOM   834  C CG  . ASN A 1 140 ? -2.360  -16.854 11.102  1.00 28.11 ? 120 ASN A CG  1 
ATOM   835  O OD1 . ASN A 1 140 ? -1.222  -16.310 10.943  1.00 37.46 ? 120 ASN A OD1 1 
ATOM   836  N ND2 . ASN A 1 140 ? -2.578  -17.780 11.997  1.00 35.10 ? 120 ASN A ND2 1 
ATOM   837  N N   . VAL A 1 141 ? -4.805  -13.631 8.300   1.00 19.07 ? 121 VAL A N   1 
ATOM   838  C CA  . VAL A 1 141 ? -5.435  -13.428 6.982   1.00 18.28 ? 121 VAL A CA  1 
ATOM   839  C C   . VAL A 1 141 ? -4.438  -13.281 5.870   1.00 16.20 ? 121 VAL A C   1 
ATOM   840  O O   . VAL A 1 141 ? -3.247  -13.016 6.083   1.00 18.17 ? 121 VAL A O   1 
ATOM   841  C CB  . VAL A 1 141 ? -6.336  -12.174 6.954   1.00 19.11 ? 121 VAL A CB  1 
ATOM   842  C CG1 . VAL A 1 141 ? -7.328  -12.240 8.098   1.00 19.39 ? 121 VAL A CG1 1 
ATOM   843  C CG2 . VAL A 1 141 ? -5.480  -10.920 7.094   1.00 20.68 ? 121 VAL A CG2 1 
ATOM   844  N N   . THR A 1 142 ? -4.913  -13.472 4.663   1.00 16.72 ? 122 THR A N   1 
ATOM   845  C CA  . THR A 1 142 ? -4.143  -13.097 3.502   1.00 16.17 ? 122 THR A CA  1 
ATOM   846  C C   . THR A 1 142 ? -4.484  -11.622 3.213   1.00 16.46 ? 122 THR A C   1 
ATOM   847  O O   . THR A 1 142 ? -5.703  -11.306 3.040   1.00 14.20 ? 122 THR A O   1 
ATOM   848  C CB  . THR A 1 142 ? -4.604  -13.936 2.295   1.00 17.61 ? 122 THR A CB  1 
ATOM   849  O OG1 . THR A 1 142 ? -4.378  -15.317 2.616   1.00 19.72 ? 122 THR A OG1 1 
ATOM   850  C CG2 . THR A 1 142 ? -3.732  -13.603 1.007   1.00 19.91 ? 122 THR A CG2 1 
ATOM   851  N N   . LEU A 1 143 ? -3.441  -10.778 3.040   1.00 14.91 ? 123 LEU A N   1 
ATOM   852  C CA  . LEU A 1 143 ? -3.653  -9.446  2.454   1.00 16.11 ? 123 LEU A CA  1 
ATOM   853  C C   . LEU A 1 143 ? -3.713  -9.614  0.934   1.00 18.10 ? 123 LEU A C   1 
ATOM   854  O O   . LEU A 1 143 ? -2.716  -10.008 0.275   1.00 18.60 ? 123 LEU A O   1 
ATOM   855  C CB  . LEU A 1 143 ? -2.557  -8.479  2.866   1.00 14.10 ? 123 LEU A CB  1 
ATOM   856  C CG  . LEU A 1 143 ? -2.633  -7.119  2.229   1.00 16.05 ? 123 LEU A CG  1 
ATOM   857  C CD1 . LEU A 1 143 ? -3.830  -6.431  2.839   1.00 12.70 ? 123 LEU A CD1 1 
ATOM   858  C CD2 . LEU A 1 143 ? -1.331  -6.387  2.590   1.00 15.61 ? 123 LEU A CD2 1 
ATOM   859  N N   . VAL A 1 144 ? -4.920  -9.477  0.394   1.00 16.19 ? 124 VAL A N   1 
ATOM   860  C CA  . VAL A 1 144 ? -5.149  -9.784  -1.063  1.00 16.11 ? 124 VAL A CA  1 
ATOM   861  C C   . VAL A 1 144 ? -4.609  -8.660  -1.903  1.00 16.94 ? 124 VAL A C   1 
ATOM   862  O O   . VAL A 1 144 ? -3.907  -8.898  -2.858  1.00 17.62 ? 124 VAL A O   1 
ATOM   863  C CB  . VAL A 1 144 ? -6.664  -9.961  -1.386  1.00 15.49 ? 124 VAL A CB  1 
ATOM   864  C CG1 . VAL A 1 144 ? -6.915  -10.210 -2.899  1.00 17.94 ? 124 VAL A CG1 1 
ATOM   865  C CG2 . VAL A 1 144 ? -7.179  -11.091 -0.488  1.00 14.10 ? 124 VAL A CG2 1 
ATOM   866  N N   . ARG A 1 145 ? -4.920  -7.411  -1.537  1.00 14.83 ? 125 ARG A N   1 
ATOM   867  C CA  . ARG A 1 145 ? -4.435  -6.273  -2.357  1.00 15.99 ? 125 ARG A CA  1 
ATOM   868  C C   . ARG A 1 145 ? -4.593  -4.968  -1.549  1.00 16.03 ? 125 ARG A C   1 
ATOM   869  O O   . ARG A 1 145 ? -5.401  -4.893  -0.597  1.00 18.69 ? 125 ARG A O   1 
ATOM   870  C CB  . ARG A 1 145 ? -5.206  -6.161  -3.688  1.00 16.98 ? 125 ARG A CB  1 
ATOM   871  C CG  . ARG A 1 145 ? -6.716  -5.763  -3.568  1.00 16.86 ? 125 ARG A CG  1 
ATOM   872  C CD  . ARG A 1 145 ? -7.410  -6.071  -4.889  1.00 19.50 ? 125 ARG A CD  1 
ATOM   873  N NE  . ARG A 1 145 ? -8.875  -5.874  -4.823  1.00 21.32 ? 125 ARG A NE  1 
ATOM   874  C CZ  . ARG A 1 145 ? -9.426  -4.713  -5.115  1.00 21.37 ? 125 ARG A CZ  1 
ATOM   875  N NH1 . ARG A 1 145 ? -8.628  -3.682  -5.506  1.00 20.12 ? 125 ARG A NH1 1 
ATOM   876  N NH2 . ARG A 1 145 ? -10.712 -4.578  -5.017  1.00 16.67 ? 125 ARG A NH2 1 
ATOM   877  N N   . VAL A 1 146 ? -3.842  -3.947  -1.953  1.00 18.29 ? 126 VAL A N   1 
ATOM   878  C CA  . VAL A 1 146 ? -3.953  -2.614  -1.380  1.00 20.20 ? 126 VAL A CA  1 
ATOM   879  C C   . VAL A 1 146 ? -4.142  -1.700  -2.603  1.00 23.07 ? 126 VAL A C   1 
ATOM   880  O O   . VAL A 1 146 ? -3.393  -1.816  -3.566  1.00 25.54 ? 126 VAL A O   1 
ATOM   881  C CB  . VAL A 1 146 ? -2.689  -2.144  -0.627  1.00 20.66 ? 126 VAL A CB  1 
ATOM   882  C CG1 . VAL A 1 146 ? -2.842  -0.604  -0.312  1.00 17.76 ? 126 VAL A CG1 1 
ATOM   883  C CG2 . VAL A 1 146 ? -2.454  -2.916  0.671   1.00 20.95 ? 126 VAL A CG2 1 
ATOM   884  N N   . HIS A 1 147 ? -5.136  -0.817  -2.580  1.00 24.40 ? 127 HIS A N   1 
ATOM   885  C CA  . HIS A 1 147 ? -5.502  -0.003  -3.729  1.00 26.12 ? 127 HIS A CA  1 
ATOM   886  C C   . HIS A 1 147 ? -5.490  1.493   -3.387  1.00 28.02 ? 127 HIS A C   1 
ATOM   887  O O   . HIS A 1 147 ? -6.009  1.917   -2.348  1.00 27.89 ? 127 HIS A O   1 
ATOM   888  C CB  . HIS A 1 147 ? -6.909  -0.446  -4.151  1.00 26.27 ? 127 HIS A CB  1 
ATOM   889  C CG  . HIS A 1 147 ? -7.330  0.051   -5.498  1.00 29.82 ? 127 HIS A CG  1 
ATOM   890  N ND1 . HIS A 1 147 ? -8.068  1.216   -5.665  1.00 27.47 ? 127 HIS A ND1 1 
ATOM   891  C CD2 . HIS A 1 147 ? -7.122  -0.451  -6.742  1.00 29.21 ? 127 HIS A CD2 1 
ATOM   892  C CE1 . HIS A 1 147 ? -8.286  1.407   -6.952  1.00 28.14 ? 127 HIS A CE1 1 
ATOM   893  N NE2 . HIS A 1 147 ? -7.721  0.420   -7.628  1.00 28.81 ? 127 HIS A NE2 1 
ATOM   894  N N   . MET A 1 148 ? -4.907  2.312   -4.261  1.00 30.27 ? 128 MET A N   1 
ATOM   895  C CA  . MET A 1 148 ? -4.966  3.779   -4.081  1.00 34.01 ? 128 MET A CA  1 
ATOM   896  C C   . MET A 1 148 ? -5.822  4.454   -5.137  1.00 36.23 ? 128 MET A C   1 
ATOM   897  O O   . MET A 1 148 ? -5.522  4.370   -6.324  1.00 36.67 ? 128 MET A O   1 
ATOM   898  C CB  . MET A 1 148 ? -3.578  4.381   -4.162  1.00 33.56 ? 128 MET A CB  1 
ATOM   899  C CG  . MET A 1 148 ? -2.581  3.737   -3.257  1.00 37.96 ? 128 MET A CG  1 
ATOM   900  S SD  . MET A 1 148 ? -0.868  3.996   -3.878  1.00 47.77 ? 128 MET A SD  1 
ATOM   901  C CE  . MET A 1 148 ? -0.472  2.373   -4.637  1.00 42.58 ? 128 MET A CE  1 
ATOM   902  N N   . ALA A 1 149 ? -6.875  5.147   -4.707  1.00 38.91 ? 129 ALA A N   1 
ATOM   903  C CA  . ALA A 1 149 ? -7.647  6.001   -5.618  1.00 40.78 ? 129 ALA A CA  1 
ATOM   904  C C   . ALA A 1 149 ? -6.738  7.046   -6.317  1.00 41.93 ? 129 ALA A C   1 
ATOM   905  O O   . ALA A 1 149 ? -6.720  7.173   -7.548  1.00 42.11 ? 129 ALA A O   1 
ATOM   906  C CB  . ALA A 1 149 ? -8.830  6.697   -4.858  1.00 40.17 ? 129 ALA A CB  1 
ATOM   907  N N   . PHE A 1 150 ? -5.972  7.793   -5.544  1.00 42.59 ? 130 PHE A N   1 
ATOM   908  C CA  . PHE A 1 150 ? -5.226  8.862   -6.141  1.00 44.15 ? 130 PHE A CA  1 
ATOM   909  C C   . PHE A 1 150 ? -3.726  8.653   -5.870  1.00 43.53 ? 130 PHE A C   1 
ATOM   910  O O   . PHE A 1 150 ? -3.057  7.755   -6.452  1.00 43.22 ? 130 PHE A O   1 
ATOM   911  C CB  . PHE A 1 150 ? -5.695  10.207  -5.552  1.00 45.63 ? 130 PHE A CB  1 
ATOM   912  C CG  . PHE A 1 150 ? -6.480  11.094  -6.522  1.00 51.78 ? 130 PHE A CG  1 
ATOM   913  C CD1 . PHE A 1 150 ? -6.181  11.116  -7.906  1.00 54.62 ? 130 PHE A CD1 1 
ATOM   914  C CD2 . PHE A 1 150 ? -7.466  11.975  -6.034  1.00 55.86 ? 130 PHE A CD2 1 
ATOM   915  C CE1 . PHE A 1 150 ? -6.879  11.953  -8.787  1.00 56.13 ? 130 PHE A CE1 1 
ATOM   916  C CE2 . PHE A 1 150 ? -8.183  12.839  -6.919  1.00 57.15 ? 130 PHE A CE2 1 
ATOM   917  C CZ  . PHE A 1 150 ? -7.882  12.826  -8.297  1.00 57.56 ? 130 PHE A CZ  1 
ATOM   918  N N   . GLY A 1 151 ? -3.218  9.475   -4.964  1.00 42.62 ? 131 GLY A N   1 
ATOM   919  C CA  . GLY A 1 151 ? -1.826  9.503   -4.625  1.00 41.53 ? 131 GLY A CA  1 
ATOM   920  C C   . GLY A 1 151 ? -1.686  9.238   -3.137  1.00 41.92 ? 131 GLY A C   1 
ATOM   921  O O   . GLY A 1 151 ? -2.585  8.697   -2.502  1.00 41.64 ? 131 GLY A O   1 
ATOM   922  N N   . ILE A 1 152 ? -0.507  9.583   -2.630  1.00 41.58 ? 132 ILE A N   1 
ATOM   923  C CA  . ILE A 1 152 ? -0.112  9.551   -1.249  1.00 40.76 ? 132 ILE A CA  1 
ATOM   924  C C   . ILE A 1 152 ? -1.195  10.032  -0.270  1.00 39.84 ? 132 ILE A C   1 
ATOM   925  O O   . ILE A 1 152 ? -1.376  9.434   0.801   1.00 38.54 ? 132 ILE A O   1 
ATOM   926  C CB  . ILE A 1 152 ? 1.146   10.468  -1.087  1.00 41.38 ? 132 ILE A CB  1 
ATOM   927  C CG1 . ILE A 1 152 ? 2.388   9.795   -1.657  1.00 42.20 ? 132 ILE A CG1 1 
ATOM   928  C CG2 . ILE A 1 152 ? 1.374   10.948  0.385   1.00 41.81 ? 132 ILE A CG2 1 
ATOM   929  C CD1 . ILE A 1 152 ? 3.697   10.243  -0.951  1.00 44.13 ? 132 ILE A CD1 1 
ATOM   930  N N   . GLY A 1 153 ? -1.900  11.117  -0.621  1.00 38.25 ? 133 GLY A N   1 
ATOM   931  C CA  . GLY A 1 153 ? -2.867  11.700  0.311   1.00 35.84 ? 133 GLY A CA  1 
ATOM   932  C C   . GLY A 1 153 ? -4.317  11.286  0.085   1.00 34.11 ? 133 GLY A C   1 
ATOM   933  O O   . GLY A 1 153 ? -5.170  11.678  0.841   1.00 32.98 ? 133 GLY A O   1 
ATOM   934  N N   . GLY A 1 154 ? -4.588  10.471  -0.946  1.00 33.98 ? 134 GLY A N   1 
ATOM   935  C CA  . GLY A 1 154 ? -5.972  10.163  -1.341  1.00 33.10 ? 134 GLY A CA  1 
ATOM   936  C C   . GLY A 1 154 ? -6.660  9.043   -0.562  1.00 31.79 ? 134 GLY A C   1 
ATOM   937  O O   . GLY A 1 154 ? -6.120  8.539   0.402   1.00 33.52 ? 134 GLY A O   1 
ATOM   938  N N   . LYS A 1 155 ? -7.842  8.637   -0.999  1.00 31.40 ? 135 LYS A N   1 
ATOM   939  C CA  . LYS A 1 155 ? -8.493  7.450   -0.463  1.00 30.29 ? 135 LYS A CA  1 
ATOM   940  C C   . LYS A 1 155 ? -7.727  6.183   -0.898  1.00 28.77 ? 135 LYS A C   1 
ATOM   941  O O   . LYS A 1 155 ? -7.292  6.113   -2.030  1.00 29.28 ? 135 LYS A O   1 
ATOM   942  C CB  . LYS A 1 155 ? -9.939  7.363   -0.920  1.00 30.51 ? 135 LYS A CB  1 
ATOM   943  C CG  . LYS A 1 155 ? -10.911 8.434   -0.362  1.00 33.21 ? 135 LYS A CG  1 
ATOM   944  C CD  . LYS A 1 155 ? -11.577 8.049   0.958   1.00 32.74 ? 135 LYS A CD  1 
ATOM   945  C CE  . LYS A 1 155 ? -13.023 8.524   0.947   1.00 34.56 ? 135 LYS A CE  1 
ATOM   946  N NZ  . LYS A 1 155 ? -13.973 7.609   0.172   1.00 34.32 ? 135 LYS A NZ  1 
ATOM   947  N N   . CYS A 1 156 ? -7.564  5.204   0.020   1.00 25.10 ? 136 CYS A N   1 
ATOM   948  C CA  . CYS A 1 156 ? -6.847  3.938   -0.237  1.00 22.96 ? 136 CYS A CA  1 
ATOM   949  C C   . CYS A 1 156 ? -7.639  2.884   0.485   1.00 20.81 ? 136 CYS A C   1 
ATOM   950  O O   . CYS A 1 156 ? -8.363  3.204   1.420   1.00 20.24 ? 136 CYS A O   1 
ATOM   951  C CB  A CYS A 1 156 ? -5.407  3.994   0.323   0.50 23.85 ? 136 CYS A CB  1 
ATOM   952  C CB  B CYS A 1 156 ? -5.448  3.954   0.335   0.50 22.82 ? 136 CYS A CB  1 
ATOM   953  S SG  A CYS A 1 156 ? -4.120  2.862   -0.384  0.50 28.29 ? 136 CYS A SG  1 
ATOM   954  S SG  B CYS A 1 156 ? -4.524  5.246   -0.382  0.50 18.33 ? 136 CYS A SG  1 
ATOM   955  N N   . TYR A 1 157 ? -7.552  1.632   0.056   1.00 18.59 ? 137 TYR A N   1 
ATOM   956  C CA  . TYR A 1 157 ? -8.229  0.605   0.842   1.00 16.46 ? 137 TYR A CA  1 
ATOM   957  C C   . TYR A 1 157 ? -7.464  -0.702  0.663   1.00 16.37 ? 137 TYR A C   1 
ATOM   958  O O   . TYR A 1 157 ? -6.707  -0.864  -0.283  1.00 16.33 ? 137 TYR A O   1 
ATOM   959  C CB  . TYR A 1 157 ? -9.676  0.511   0.412   1.00 17.57 ? 137 TYR A CB  1 
ATOM   960  C CG  . TYR A 1 157 ? -9.905  -0.068  -0.986  1.00 19.04 ? 137 TYR A CG  1 
ATOM   961  C CD1 . TYR A 1 157 ? -10.099 0.794   -2.095  1.00 22.95 ? 137 TYR A CD1 1 
ATOM   962  C CD2 . TYR A 1 157 ? -10.015 -1.433  -1.193  1.00 19.30 ? 137 TYR A CD2 1 
ATOM   963  C CE1 . TYR A 1 157 ? -10.397 0.278   -3.398  1.00 22.68 ? 137 TYR A CE1 1 
ATOM   964  C CE2 . TYR A 1 157 ? -10.287 -1.941  -2.434  1.00 17.93 ? 137 TYR A CE2 1 
ATOM   965  C CZ  . TYR A 1 157 ? -10.490 -1.087  -3.540  1.00 23.66 ? 137 TYR A CZ  1 
ATOM   966  O OH  . TYR A 1 157 ? -10.704 -1.621  -4.796  1.00 22.63 ? 137 TYR A OH  1 
ATOM   967  N N   . MET A 1 158 ? -7.592  -1.553  1.650   1.00 16.04 ? 138 MET A N   1 
ATOM   968  C CA  . MET A 1 158 ? -6.982  -2.890  1.615   1.00 15.27 ? 138 MET A CA  1 
ATOM   969  C C   . MET A 1 158 ? -8.095  -3.937  1.606   1.00 14.51 ? 138 MET A C   1 
ATOM   970  O O   . MET A 1 158 ? -9.154  -3.762  2.167   1.00 15.49 ? 138 MET A O   1 
ATOM   971  C CB  . MET A 1 158 ? -6.079  -3.044  2.863   1.00 13.39 ? 138 MET A CB  1 
ATOM   972  C CG  . MET A 1 158 ? -6.790  -2.636  4.121   1.00 21.08 ? 138 MET A CG  1 
ATOM   973  S SD  . MET A 1 158 ? -5.970  -2.933  5.731   1.00 24.25 ? 138 MET A SD  1 
ATOM   974  C CE  . MET A 1 158 ? -5.827  -4.799  5.675   1.00 21.84 ? 138 MET A CE  1 
ATOM   975  N N   . VAL A 1 159 ? -7.806  -5.107  1.065   1.00 14.92 ? 139 VAL A N   1 
ATOM   976  C CA  . VAL A 1 159 ? -8.731  -6.191  1.113   1.00 14.67 ? 139 VAL A CA  1 
ATOM   977  C C   . VAL A 1 159 ? -7.979  -7.401  1.707   1.00 13.57 ? 139 VAL A C   1 
ATOM   978  O O   . VAL A 1 159 ? -6.842  -7.633  1.381   1.00 13.70 ? 139 VAL A O   1 
ATOM   979  C CB  . VAL A 1 159 ? -9.288  -6.496  -0.304  1.00 15.49 ? 139 VAL A CB  1 
ATOM   980  C CG1 . VAL A 1 159 ? -10.154 -7.753  -0.267  1.00 15.64 ? 139 VAL A CG1 1 
ATOM   981  C CG2 . VAL A 1 159 ? -10.084 -5.308  -0.900  1.00 12.59 ? 139 VAL A CG2 1 
ATOM   982  N N   . VAL A 1 160 ? -8.608  -8.042  2.673   1.00 13.44 ? 140 VAL A N   1 
ATOM   983  C CA  . VAL A 1 160 ? -8.046  -9.192  3.328   1.00 14.61 ? 140 VAL A CA  1 
ATOM   984  C C   . VAL A 1 160 ? -9.023  -10.367 3.118   1.00 14.47 ? 140 VAL A C   1 
ATOM   985  O O   . VAL A 1 160 ? -10.229 -10.170 2.813   1.00 14.60 ? 140 VAL A O   1 
ATOM   986  C CB  A VAL A 1 160 ? -7.765  -8.984  4.773   0.50 12.71 ? 140 VAL A CB  1 
ATOM   987  C CB  B VAL A 1 160 ? -7.833  -8.811  4.848   0.50 13.08 ? 140 VAL A CB  1 
ATOM   988  C CG1 A VAL A 1 160 ? -9.100  -8.936  5.592   0.50 11.12 ? 140 VAL A CG1 1 
ATOM   989  C CG1 B VAL A 1 160 ? -7.906  -9.975  5.823   0.50 17.63 ? 140 VAL A CG1 1 
ATOM   990  C CG2 A VAL A 1 160 ? -6.816  -10.039 5.205   0.50 18.33 ? 140 VAL A CG2 1 
ATOM   991  C CG2 B VAL A 1 160 ? -6.613  -7.775  5.073   0.50 5.73  ? 140 VAL A CG2 1 
ATOM   992  N N   . ALA A 1 161 ? -8.532  -11.591 3.270   1.00 14.94 ? 141 ALA A N   1 
ATOM   993  C CA  . ALA A 1 161 ? -9.390  -12.734 3.065   1.00 15.04 ? 141 ALA A CA  1 
ATOM   994  C C   . ALA A 1 161 ? -8.914  -13.853 4.007   1.00 15.03 ? 141 ALA A C   1 
ATOM   995  O O   . ALA A 1 161 ? -7.742  -13.942 4.325   1.00 16.59 ? 141 ALA A O   1 
ATOM   996  C CB  . ALA A 1 161 ? -9.416  -13.144 1.620   1.00 16.33 ? 141 ALA A CB  1 
ATOM   997  N N   . GLY A 1 162 ? -9.835  -14.617 4.546   1.00 15.29 ? 142 GLY A N   1 
ATOM   998  C CA  . GLY A 1 162 ? -9.440  -15.643 5.535   1.00 14.71 ? 142 GLY A CA  1 
ATOM   999  C C   . GLY A 1 162 ? -10.710 -16.115 6.219   1.00 14.65 ? 142 GLY A C   1 
ATOM   1000 O O   . GLY A 1 162 ? -11.830 -15.901 5.751   1.00 16.10 ? 142 GLY A O   1 
ATOM   1001 N N   . ASP A 1 163 ? -10.551 -16.855 7.278   1.00 15.33 ? 143 ASP A N   1 
ATOM   1002 C CA  . ASP A 1 163 ? -11.690 -17.382 8.037   1.00 17.87 ? 143 ASP A CA  1 
ATOM   1003 C C   . ASP A 1 163 ? -12.342 -16.166 8.691   1.00 18.83 ? 143 ASP A C   1 
ATOM   1004 O O   . ASP A 1 163 ? -11.629 -15.159 8.919   1.00 17.19 ? 143 ASP A O   1 
ATOM   1005 C CB  . ASP A 1 163 ? -11.168 -18.406 9.088   1.00 19.81 ? 143 ASP A CB  1 
ATOM   1006 C CG  . ASP A 1 163 ? -11.053 -17.831 10.495  1.00 25.78 ? 143 ASP A CG  1 
ATOM   1007 O OD1 . ASP A 1 163 ? -11.975 -17.973 11.363  1.00 35.10 ? 143 ASP A OD1 1 
ATOM   1008 O OD2 . ASP A 1 163 ? -10.019 -17.220 10.760  1.00 41.14 ? 143 ASP A OD2 1 
ATOM   1009 N N   . VAL A 1 164 ? -13.659 -16.232 8.971   1.00 16.46 ? 144 VAL A N   1 
ATOM   1010 C CA  . VAL A 1 164 ? -14.417 -15.049 9.447   1.00 16.63 ? 144 VAL A CA  1 
ATOM   1011 C C   . VAL A 1 164 ? -13.795 -14.494 10.753  1.00 16.05 ? 144 VAL A C   1 
ATOM   1012 O O   . VAL A 1 164 ? -13.608 -13.282 10.872  1.00 18.66 ? 144 VAL A O   1 
ATOM   1013 C CB  A VAL A 1 164 ? -15.922 -15.353 9.617   0.50 16.23 ? 144 VAL A CB  1 
ATOM   1014 C CB  B VAL A 1 164 ? -15.908 -15.353 9.783   0.50 17.19 ? 144 VAL A CB  1 
ATOM   1015 C CG1 A VAL A 1 164 ? -16.571 -15.632 8.267   0.50 17.56 ? 144 VAL A CG1 1 
ATOM   1016 C CG1 B VAL A 1 164 ? -16.725 -14.025 9.890   0.50 15.09 ? 144 VAL A CG1 1 
ATOM   1017 C CG2 A VAL A 1 164 ? -16.130 -16.514 10.622  0.50 9.84  ? 144 VAL A CG2 1 
ATOM   1018 C CG2 B VAL A 1 164 ? -16.516 -16.371 8.838   0.50 18.40 ? 144 VAL A CG2 1 
ATOM   1019 N N   . SER A 1 165 ? -13.473 -15.355 11.724  1.00 15.46 ? 145 SER A N   1 
ATOM   1020 C CA  . SER A 1 165 ? -12.833 -14.845 12.969  1.00 17.77 ? 145 SER A CA  1 
ATOM   1021 C C   . SER A 1 165 ? -11.535 -14.111 12.739  1.00 17.62 ? 145 SER A C   1 
ATOM   1022 O O   . SER A 1 165 ? -11.240 -13.074 13.376  1.00 14.94 ? 145 SER A O   1 
ATOM   1023 C CB  . SER A 1 165 ? -12.671 -15.926 14.016  1.00 19.21 ? 145 SER A CB  1 
ATOM   1024 O OG  . SER A 1 165 ? -13.968 -16.291 14.396  1.00 23.08 ? 145 SER A OG  1 
ATOM   1025 N N   . ASP A 1 166 ? -10.727 -14.686 11.851  1.00 15.90 ? 146 ASP A N   1 
ATOM   1026 C CA  . ASP A 1 166 ? -9.440  -14.073 11.562  1.00 17.41 ? 146 ASP A CA  1 
ATOM   1027 C C   . ASP A 1 166 ? -9.603  -12.711 10.865  1.00 14.04 ? 146 ASP A C   1 
ATOM   1028 O O   . ASP A 1 166 ? -8.907  -11.722 11.192  1.00 14.42 ? 146 ASP A O   1 
ATOM   1029 C CB  . ASP A 1 166 ? -8.726  -14.997 10.581  1.00 16.04 ? 146 ASP A CB  1 
ATOM   1030 C CG  . ASP A 1 166 ? -7.204  -14.930 10.754  1.00 23.39 ? 146 ASP A CG  1 
ATOM   1031 O OD1 . ASP A 1 166 ? -6.729  -14.380 11.805  1.00 25.05 ? 146 ASP A OD1 1 
ATOM   1032 O OD2 . ASP A 1 166 ? -6.508  -15.390 9.825   1.00 27.44 ? 146 ASP A OD2 1 
ATOM   1033 N N   . VAL A 1 167 ? -10.498 -12.674 9.872   1.00 13.84 ? 147 VAL A N   1 
ATOM   1034 C CA  . VAL A 1 167 ? -10.822 -11.405 9.166   1.00 14.17 ? 147 VAL A CA  1 
ATOM   1035 C C   . VAL A 1 167 ? -11.379 -10.389 10.169  1.00 14.50 ? 147 VAL A C   1 
ATOM   1036 O O   . VAL A 1 167 ? -11.052 -9.189  10.123  1.00 11.79 ? 147 VAL A O   1 
ATOM   1037 C CB  . VAL A 1 167 ? -11.858 -11.686 8.019   1.00 15.21 ? 147 VAL A CB  1 
ATOM   1038 C CG1 . VAL A 1 167 ? -12.388 -10.398 7.313   1.00 10.88 ? 147 VAL A CG1 1 
ATOM   1039 C CG2 . VAL A 1 167 ? -11.213 -12.575 6.998   1.00 14.98 ? 147 VAL A CG2 1 
ATOM   1040 N N   . ASN A 1 168 ? -12.265 -10.831 11.054  1.00 15.95 ? 148 ASN A N   1 
ATOM   1041 C CA  . ASN A 1 168 ? -12.780 -9.864  12.080  1.00 18.18 ? 148 ASN A CA  1 
ATOM   1042 C C   . ASN A 1 168 ? -11.656 -9.222  12.868  1.00 17.87 ? 148 ASN A C   1 
ATOM   1043 O O   . ASN A 1 168 ? -11.680 -8.004  13.191  1.00 15.84 ? 148 ASN A O   1 
ATOM   1044 C CB  . ASN A 1 168 ? -13.683 -10.541 13.072  1.00 19.45 ? 148 ASN A CB  1 
ATOM   1045 C CG  . ASN A 1 168 ? -15.094 -10.470 12.687  1.00 28.87 ? 148 ASN A CG  1 
ATOM   1046 O OD1 . ASN A 1 168 ? -15.764 -11.514 12.558  1.00 39.82 ? 148 ASN A OD1 1 
ATOM   1047 N ND2 . ASN A 1 168 ? -15.613 -9.255  12.535  1.00 33.35 ? 148 ASN A ND2 1 
ATOM   1048 N N   . ASN A 1 169 ? -10.697 -10.068 13.287  1.00 16.52 ? 149 ASN A N   1 
ATOM   1049 C CA  . ASN A 1 169 ? -9.554  -9.559  14.044  1.00 16.42 ? 149 ASN A CA  1 
ATOM   1050 C C   . ASN A 1 169 ? -8.690  -8.612  13.181  1.00 15.75 ? 149 ASN A C   1 
ATOM   1051 O O   . ASN A 1 169 ? -8.284  -7.519  13.651  1.00 17.67 ? 149 ASN A O   1 
ATOM   1052 C CB  . ASN A 1 169 ? -8.728  -10.757 14.524  1.00 16.97 ? 149 ASN A CB  1 
ATOM   1053 C CG  . ASN A 1 169 ? -7.443  -10.342 15.158  1.00 24.36 ? 149 ASN A CG  1 
ATOM   1054 O OD1 . ASN A 1 169 ? -7.365  -9.250  15.772  1.00 28.44 ? 149 ASN A OD1 1 
ATOM   1055 N ND2 . ASN A 1 169 ? -6.384  -11.158 14.983  1.00 28.45 ? 149 ASN A ND2 1 
ATOM   1056 N N   . ALA A 1 170 ? -8.329  -9.022  11.959  1.00 13.63 ? 150 ALA A N   1 
ATOM   1057 C CA  . ALA A 1 170 ? -7.559  -8.134  11.070  1.00 13.84 ? 150 ALA A CA  1 
ATOM   1058 C C   . ALA A 1 170 ? -8.191  -6.734  10.872  1.00 15.42 ? 150 ALA A C   1 
ATOM   1059 O O   . ALA A 1 170 ? -7.518  -5.707  10.981  1.00 16.06 ? 150 ALA A O   1 
ATOM   1060 C CB  . ALA A 1 170 ? -7.366  -8.779  9.708   1.00 13.61 ? 150 ALA A CB  1 
ATOM   1061 N N   . VAL A 1 171 ? -9.484  -6.731  10.562  1.00 15.53 ? 151 VAL A N   1 
ATOM   1062 C CA  . VAL A 1 171 ? -10.201 -5.533  10.298  1.00 15.58 ? 151 VAL A CA  1 
ATOM   1063 C C   . VAL A 1 171 ? -10.249 -4.700  11.538  1.00 15.25 ? 151 VAL A C   1 
ATOM   1064 O O   . VAL A 1 171 ? -10.158 -3.506  11.423  1.00 15.79 ? 151 VAL A O   1 
ATOM   1065 C CB  . VAL A 1 171 ? -11.610 -5.887  9.786   1.00 14.32 ? 151 VAL A CB  1 
ATOM   1066 C CG1 . VAL A 1 171 ? -12.520 -4.629  9.704   1.00 16.32 ? 151 VAL A CG1 1 
ATOM   1067 C CG2 . VAL A 1 171 ? -11.494 -6.597  8.376   1.00 14.02 ? 151 VAL A CG2 1 
ATOM   1068 N N   . THR A 1 172 ? -10.428 -5.316  12.690  1.00 15.53 ? 152 THR A N   1 
ATOM   1069 C CA  . THR A 1 172 ? -10.442 -4.543  13.936  1.00 18.34 ? 152 THR A CA  1 
ATOM   1070 C C   . THR A 1 172 ? -9.099  -3.795  14.148  1.00 18.81 ? 152 THR A C   1 
ATOM   1071 O O   . THR A 1 172 ? -9.045  -2.587  14.364  1.00 18.35 ? 152 THR A O   1 
ATOM   1072 C CB  . THR A 1 172 ? -10.792 -5.398  15.137  1.00 16.70 ? 152 THR A CB  1 
ATOM   1073 O OG1 . THR A 1 172 ? -12.079 -5.986  14.957  1.00 21.31 ? 152 THR A OG1 1 
ATOM   1074 C CG2 . THR A 1 172 ? -10.856 -4.517  16.422  1.00 21.72 ? 152 THR A CG2 1 
ATOM   1075 N N   . VAL A 1 173 ? -8.004  -4.537  14.085  1.00 18.29 ? 153 VAL A N   1 
ATOM   1076 C CA  . VAL A 1 173 ? -6.676  -3.954  14.239  1.00 18.56 ? 153 VAL A CA  1 
ATOM   1077 C C   . VAL A 1 173 ? -6.370  -2.859  13.203  1.00 17.65 ? 153 VAL A C   1 
ATOM   1078 O O   . VAL A 1 173 ? -5.853  -1.760  13.539  1.00 15.99 ? 153 VAL A O   1 
ATOM   1079 C CB  . VAL A 1 173 ? -5.619  -5.071  14.285  1.00 19.28 ? 153 VAL A CB  1 
ATOM   1080 C CG1 . VAL A 1 173 ? -4.149  -4.497  14.210  1.00 22.86 ? 153 VAL A CG1 1 
ATOM   1081 C CG2 . VAL A 1 173 ? -5.886  -5.912  15.567  1.00 17.77 ? 153 VAL A CG2 1 
ATOM   1082 N N   . ALA A 1 174 ? -6.703  -3.115  11.950  1.00 16.05 ? 154 ALA A N   1 
ATOM   1083 C CA  . ALA A 1 174 ? -6.425  -2.106  10.881  1.00 18.24 ? 154 ALA A CA  1 
ATOM   1084 C C   . ALA A 1 174 ? -7.292  -0.834  11.095  1.00 19.60 ? 154 ALA A C   1 
ATOM   1085 O O   . ALA A 1 174 ? -6.814  0.293   10.927  1.00 18.32 ? 154 ALA A O   1 
ATOM   1086 C CB  . ALA A 1 174 ? -6.666  -2.767  9.430   1.00 17.32 ? 154 ALA A CB  1 
ATOM   1087 N N   . SER A 1 175 ? -8.531  -1.034  11.526  1.00 21.26 ? 155 SER A N   1 
ATOM   1088 C CA  . SER A 1 175 ? -9.466  0.046   11.816  1.00 22.75 ? 155 SER A CA  1 
ATOM   1089 C C   . SER A 1 175 ? -8.949  0.895   12.959  1.00 23.63 ? 155 SER A C   1 
ATOM   1090 O O   . SER A 1 175 ? -8.916  2.090   12.853  1.00 24.62 ? 155 SER A O   1 
ATOM   1091 C CB  . SER A 1 175 ? -10.844 -0.520  12.171  1.00 21.39 ? 155 SER A CB  1 
ATOM   1092 O OG  . SER A 1 175 ? -11.474 -0.802  10.955  1.00 22.70 ? 155 SER A OG  1 
ATOM   1093 N N   . GLU A 1 176 ? -8.490  0.235   14.014  1.00 24.05 ? 156 GLU A N   1 
ATOM   1094 C CA  . GLU A 1 176 ? -7.933  0.900   15.172  1.00 25.18 ? 156 GLU A CA  1 
ATOM   1095 C C   . GLU A 1 176 ? -6.722  1.685   14.763  1.00 23.78 ? 156 GLU A C   1 
ATOM   1096 O O   . GLU A 1 176 ? -6.546  2.863   15.149  1.00 23.29 ? 156 GLU A O   1 
ATOM   1097 C CB  . GLU A 1 176 ? -7.624  -0.122  16.264  1.00 25.92 ? 156 GLU A CB  1 
ATOM   1098 C CG  . GLU A 1 176 ? -8.949  -0.709  16.798  1.00 33.53 ? 156 GLU A CG  1 
ATOM   1099 C CD  . GLU A 1 176 ? -8.889  -1.142  18.281  1.00 42.15 ? 156 GLU A CD  1 
ATOM   1100 O OE1 . GLU A 1 176 ? -8.578  -0.287  19.150  1.00 47.18 ? 156 GLU A OE1 1 
ATOM   1101 O OE2 . GLU A 1 176 ? -9.195  -2.309  18.592  1.00 42.19 ? 156 GLU A OE2 1 
ATOM   1102 N N   . SER A 1 177 ? -5.904  1.076   13.932  1.00 21.53 ? 157 SER A N   1 
ATOM   1103 C CA  . SER A 1 177 ? -4.683  1.732   13.495  1.00 22.09 ? 157 SER A CA  1 
ATOM   1104 C C   . SER A 1 177 ? -4.981  3.060   12.718  1.00 22.25 ? 157 SER A C   1 
ATOM   1105 O O   . SER A 1 177 ? -4.410  4.101   13.007  1.00 22.29 ? 157 SER A O   1 
ATOM   1106 C CB  . SER A 1 177 ? -3.879  0.805   12.628  1.00 21.18 ? 157 SER A CB  1 
ATOM   1107 O OG  . SER A 1 177 ? -2.893  1.508   11.967  1.00 23.13 ? 157 SER A OG  1 
ATOM   1108 N N   . ALA A 1 178 ? -5.800  3.011   11.680  1.00 20.51 ? 158 ALA A N   1 
ATOM   1109 C CA  . ALA A 1 178 ? -6.179  4.235   10.977  1.00 20.78 ? 158 ALA A CA  1 
ATOM   1110 C C   . ALA A 1 178 ? -7.035  5.158   11.891  1.00 21.80 ? 158 ALA A C   1 
ATOM   1111 O O   . ALA A 1 178 ? -6.934  6.385   11.850  1.00 21.51 ? 158 ALA A O   1 
ATOM   1112 C CB  . ALA A 1 178 ? -6.957  3.846   9.690   1.00 21.62 ? 158 ALA A CB  1 
ATOM   1113 N N   . GLY A 1 179 ? -7.871  4.574   12.739  1.00 22.31 ? 159 GLY A N   1 
ATOM   1114 C CA  . GLY A 1 179 ? -8.774  5.351   13.555  1.00 24.53 ? 159 GLY A CA  1 
ATOM   1115 C C   . GLY A 1 179 ? -8.075  6.210   14.612  1.00 27.10 ? 159 GLY A C   1 
ATOM   1116 O O   . GLY A 1 179 ? -8.556  7.312   14.922  1.00 26.35 ? 159 GLY A O   1 
ATOM   1117 N N   . GLU A 1 180 ? -6.972  5.727   15.173  1.00 27.53 ? 160 GLU A N   1 
ATOM   1118 C CA  . GLU A 1 180 ? -6.216  6.503   16.155  1.00 29.86 ? 160 GLU A CA  1 
ATOM   1119 C C   . GLU A 1 180 ? -5.844  7.864   15.573  1.00 28.95 ? 160 GLU A C   1 
ATOM   1120 O O   . GLU A 1 180 ? -5.735  8.875   16.264  1.00 28.83 ? 160 GLU A O   1 
ATOM   1121 C CB  . GLU A 1 180 ? -4.892  5.818   16.510  1.00 30.74 ? 160 GLU A CB  1 
ATOM   1122 C CG  . GLU A 1 180 ? -4.970  4.532   17.279  1.00 36.83 ? 160 GLU A CG  1 
ATOM   1123 C CD  . GLU A 1 180 ? -3.697  3.671   17.091  1.00 41.86 ? 160 GLU A CD  1 
ATOM   1124 O OE1 . GLU A 1 180 ? -2.603  4.235   16.811  1.00 42.52 ? 160 GLU A OE1 1 
ATOM   1125 O OE2 . GLU A 1 180 ? -3.799  2.425   17.212  1.00 45.45 ? 160 GLU A OE2 1 
ATOM   1126 N N   . LYS A 1 181 ? -5.622  7.893   14.276  1.00 29.76 ? 161 LYS A N   1 
ATOM   1127 C CA  . LYS A 1 181 ? -5.204  9.126   13.672  1.00 28.63 ? 161 LYS A CA  1 
ATOM   1128 C C   . LYS A 1 181 ? -6.391  9.869   12.991  1.00 26.98 ? 161 LYS A C   1 
ATOM   1129 O O   . LYS A 1 181 ? -6.173  10.803  12.216  1.00 26.68 ? 161 LYS A O   1 
ATOM   1130 C CB  . LYS A 1 181 ? -4.184  8.735   12.645  1.00 29.10 ? 161 LYS A CB  1 
ATOM   1131 C CG  . LYS A 1 181 ? -3.490  7.451   13.114  1.00 33.61 ? 161 LYS A CG  1 
ATOM   1132 C CD  . LYS A 1 181 ? -3.065  6.683   11.903  1.00 37.06 ? 161 LYS A CD  1 
ATOM   1133 C CE  . LYS A 1 181 ? -1.732  5.987   12.106  1.00 40.40 ? 161 LYS A CE  1 
ATOM   1134 N NZ  . LYS A 1 181 ? -1.382  5.448   10.785  1.00 38.33 ? 161 LYS A NZ  1 
ATOM   1135 N N   . GLY A 1 182 ? -7.624  9.421   13.208  1.00 26.00 ? 162 GLY A N   1 
ATOM   1136 C CA  . GLY A 1 182 ? -8.753  10.044  12.465  1.00 24.82 ? 162 GLY A CA  1 
ATOM   1137 C C   . GLY A 1 182 ? -8.700  9.821   10.963  1.00 25.01 ? 162 GLY A C   1 
ATOM   1138 O O   . GLY A 1 182 ? -9.382  10.514  10.207  1.00 26.09 ? 162 GLY A O   1 
ATOM   1139 N N   . LEU A 1 183 ? -7.956  8.804   10.504  1.00 24.72 ? 163 LEU A N   1 
ATOM   1140 C CA  . LEU A 1 183 ? -7.862  8.497   9.067   1.00 24.59 ? 163 LEU A CA  1 
ATOM   1141 C C   . LEU A 1 183 ? -8.664  7.250   8.594   1.00 22.96 ? 163 LEU A C   1 
ATOM   1142 O O   . LEU A 1 183 ? -8.533  6.849   7.432   1.00 22.11 ? 163 LEU A O   1 
ATOM   1143 C CB  . LEU A 1 183 ? -6.398  8.358   8.641   1.00 24.42 ? 163 LEU A CB  1 
ATOM   1144 C CG  . LEU A 1 183 ? -5.524  9.617   8.954   1.00 28.75 ? 163 LEU A CG  1 
ATOM   1145 C CD1 . LEU A 1 183 ? -4.023  9.366   8.646   1.00 23.97 ? 163 LEU A CD1 1 
ATOM   1146 C CD2 . LEU A 1 183 ? -6.086  10.858  8.221   1.00 26.48 ? 163 LEU A CD2 1 
ATOM   1147 N N   . LEU A 1 184 ? -9.500  6.685   9.459   1.00 21.67 ? 164 LEU A N   1 
ATOM   1148 C CA  . LEU A 1 184 ? -10.350 5.554   9.060   1.00 21.40 ? 164 LEU A CA  1 
ATOM   1149 C C   . LEU A 1 184 ? -11.532 6.137   8.323   1.00 22.50 ? 164 LEU A C   1 
ATOM   1150 O O   . LEU A 1 184 ? -12.179 7.025   8.864   1.00 20.61 ? 164 LEU A O   1 
ATOM   1151 C CB  . LEU A 1 184 ? -10.865 4.782   10.280  1.00 21.14 ? 164 LEU A CB  1 
ATOM   1152 C CG  . LEU A 1 184 ? -11.845 3.652   9.980   1.00 20.53 ? 164 LEU A CG  1 
ATOM   1153 C CD1 . LEU A 1 184 ? -11.180 2.643   8.951   1.00 19.09 ? 164 LEU A CD1 1 
ATOM   1154 C CD2 . LEU A 1 184 ? -12.166 3.032   11.308  1.00 17.30 ? 164 LEU A CD2 1 
ATOM   1155 N N   . VAL A 1 185 ? -11.853 5.599   7.146   1.00 20.13 ? 165 VAL A N   1 
ATOM   1156 C CA  . VAL A 1 185 ? -13.045 6.062   6.410   1.00 19.89 ? 165 VAL A CA  1 
ATOM   1157 C C   . VAL A 1 185 ? -14.140 5.076   6.632   1.00 20.10 ? 165 VAL A C   1 
ATOM   1158 O O   . VAL A 1 185 ? -15.205 5.458   7.109   1.00 19.42 ? 165 VAL A O   1 
ATOM   1159 C CB  . VAL A 1 185 ? -12.726 6.276   4.970   1.00 19.46 ? 165 VAL A CB  1 
ATOM   1160 C CG1 . VAL A 1 185 ? -13.986 6.383   4.057   1.00 21.99 ? 165 VAL A CG1 1 
ATOM   1161 C CG2 . VAL A 1 185 ? -11.820 7.420   4.808   1.00 20.32 ? 165 VAL A CG2 1 
ATOM   1162 N N   . TYR A 1 186 ? -13.895 3.765   6.357   1.00 17.84 ? 166 TYR A N   1 
ATOM   1163 C CA  . TYR A 1 186 ? -14.948 2.824   6.660   1.00 18.79 ? 166 TYR A CA  1 
ATOM   1164 C C   . TYR A 1 186 ? -14.311 1.404   6.791   1.00 17.75 ? 166 TYR A C   1 
ATOM   1165 O O   . TYR A 1 186 ? -13.195 1.241   6.379   1.00 15.35 ? 166 TYR A O   1 
ATOM   1166 C CB  . TYR A 1 186 ? -16.016 2.806   5.508   1.00 18.64 ? 166 TYR A CB  1 
ATOM   1167 C CG  . TYR A 1 186 ? -17.232 2.000   5.950   1.00 20.37 ? 166 TYR A CG  1 
ATOM   1168 C CD1 . TYR A 1 186 ? -17.934 2.364   7.088   1.00 20.25 ? 166 TYR A CD1 1 
ATOM   1169 C CD2 . TYR A 1 186 ? -17.608 0.822   5.280   1.00 20.12 ? 166 TYR A CD2 1 
ATOM   1170 C CE1 . TYR A 1 186 ? -18.954 1.586   7.575   1.00 27.12 ? 166 TYR A CE1 1 
ATOM   1171 C CE2 . TYR A 1 186 ? -18.654 0.054   5.752   1.00 23.49 ? 166 TYR A CE2 1 
ATOM   1172 C CZ  . TYR A 1 186 ? -19.323 0.444   6.888   1.00 26.70 ? 166 TYR A CZ  1 
ATOM   1173 O OH  . TYR A 1 186 ? -20.376 -0.306  7.351   1.00 28.37 ? 166 TYR A OH  1 
ATOM   1174 N N   . ARG A 1 187 ? -14.991 0.480   7.443   1.00 18.65 ? 167 ARG A N   1 
ATOM   1175 C CA  . ARG A 1 187 ? -14.456 -0.884  7.587   1.00 19.84 ? 167 ARG A CA  1 
ATOM   1176 C C   . ARG A 1 187 ? -15.602 -1.841  7.389   1.00 18.37 ? 167 ARG A C   1 
ATOM   1177 O O   . ARG A 1 187 ? -16.710 -1.568  7.827   1.00 18.72 ? 167 ARG A O   1 
ATOM   1178 C CB  . ARG A 1 187 ? -13.810 -1.089  8.957   1.00 20.82 ? 167 ARG A CB  1 
ATOM   1179 C CG  . ARG A 1 187 ? -14.852 -0.776  10.053  1.00 26.67 ? 167 ARG A CG  1 
ATOM   1180 C CD  . ARG A 1 187 ? -14.335 -0.446  11.390  1.00 38.09 ? 167 ARG A CD  1 
ATOM   1181 N NE  . ARG A 1 187 ? -14.474 -1.577  12.308  1.00 46.39 ? 167 ARG A NE  1 
ATOM   1182 C CZ  . ARG A 1 187 ? -14.276 -1.512  13.622  1.00 48.50 ? 167 ARG A CZ  1 
ATOM   1183 N NH1 . ARG A 1 187 ? -13.961 -0.353  14.191  1.00 50.94 ? 167 ARG A NH1 1 
ATOM   1184 N NH2 . ARG A 1 187 ? -14.412 -2.606  14.361  1.00 49.19 ? 167 ARG A NH2 1 
ATOM   1185 N N   . SER A 1 188 ? -15.365 -3.016  6.795   1.00 16.90 ? 168 SER A N   1 
ATOM   1186 C CA  . SER A 1 188 ? -16.468 -3.935  6.623   1.00 17.24 ? 168 SER A CA  1 
ATOM   1187 C C   . SER A 1 188 ? -15.971 -5.364  6.681   1.00 16.63 ? 168 SER A C   1 
ATOM   1188 O O   . SER A 1 188 ? -14.850 -5.585  6.258   1.00 17.12 ? 168 SER A O   1 
ATOM   1189 C CB  . SER A 1 188 ? -17.126 -3.678  5.254   1.00 17.70 ? 168 SER A CB  1 
ATOM   1190 O OG  . SER A 1 188 ? -18.297 -4.445  5.246   1.00 24.98 ? 168 SER A OG  1 
ATOM   1191 N N   . VAL A 1 189 ? -16.694 -6.242  7.372   1.00 16.93 ? 169 VAL A N   1 
ATOM   1192 C CA  . VAL A 1 189 ? -16.398 -7.711  7.292   1.00 17.30 ? 169 VAL A CA  1 
ATOM   1193 C C   . VAL A 1 189 ? -17.536 -8.333  6.464   1.00 18.72 ? 169 VAL A C   1 
ATOM   1194 O O   . VAL A 1 189 ? -18.715 -8.116  6.790   1.00 17.36 ? 169 VAL A O   1 
ATOM   1195 C CB  . VAL A 1 189 ? -16.254 -8.352  8.680   1.00 16.87 ? 169 VAL A CB  1 
ATOM   1196 C CG1 . VAL A 1 189 ? -16.079 -9.822  8.514   1.00 16.08 ? 169 VAL A CG1 1 
ATOM   1197 C CG2 . VAL A 1 189 ? -14.980 -7.713  9.424   1.00 15.34 ? 169 VAL A CG2 1 
ATOM   1198 N N   . ILE A 1 190 ? -17.212 -9.134  5.427   1.00 17.10 ? 170 ILE A N   1 
ATOM   1199 C CA  . ILE A 1 190 ? -18.263 -9.780  4.663   1.00 16.84 ? 170 ILE A CA  1 
ATOM   1200 C C   . ILE A 1 190 ? -17.970 -11.257 4.615   1.00 17.92 ? 170 ILE A C   1 
ATOM   1201 O O   . ILE A 1 190 ? -17.130 -11.656 3.800   1.00 16.84 ? 170 ILE A O   1 
ATOM   1202 C CB  . ILE A 1 190 ? -18.266 -9.242  3.274   1.00 17.15 ? 170 ILE A CB  1 
ATOM   1203 C CG1 . ILE A 1 190 ? -18.508 -7.738  3.291   1.00 19.25 ? 170 ILE A CG1 1 
ATOM   1204 C CG2 . ILE A 1 190 ? -19.431 -9.797  2.448   1.00 18.75 ? 170 ILE A CG2 1 
ATOM   1205 C CD1 . ILE A 1 190 ? -17.604 -6.999  2.381   1.00 28.06 ? 170 ILE A CD1 1 
ATOM   1206 N N   . PRO A 1 191 ? -18.626 -12.032 5.492   1.00 18.78 ? 171 PRO A N   1 
ATOM   1207 C CA  . PRO A 1 191 ? -18.574 -13.492 5.507   1.00 19.27 ? 171 PRO A CA  1 
ATOM   1208 C C   . PRO A 1 191 ? -19.252 -13.900 4.200   1.00 19.50 ? 171 PRO A C   1 
ATOM   1209 O O   . PRO A 1 191 ? -20.134 -13.234 3.702   1.00 20.55 ? 171 PRO A O   1 
ATOM   1210 C CB  . PRO A 1 191 ? -19.452 -13.849 6.695   1.00 19.62 ? 171 PRO A CB  1 
ATOM   1211 C CG  . PRO A 1 191 ? -19.463 -12.530 7.567   1.00 21.68 ? 171 PRO A CG  1 
ATOM   1212 C CD  . PRO A 1 191 ? -19.490 -11.488 6.562   1.00 17.17 ? 171 PRO A CD  1 
ATOM   1213 N N   . ARG A 1 192 ? -18.848 -14.976 3.605   1.00 21.43 ? 172 ARG A N   1 
ATOM   1214 C CA  . ARG A 1 192 ? -19.627 -15.432 2.432   1.00 18.73 ? 172 ARG A CA  1 
ATOM   1215 C C   . ARG A 1 192 ? -20.076 -14.327 1.349   1.00 18.14 ? 172 ARG A C   1 
ATOM   1216 O O   . ARG A 1 192 ? -21.277 -14.190 1.019   1.00 17.48 ? 172 ARG A O   1 
ATOM   1217 C CB  . ARG A 1 192 ? -20.835 -16.235 2.943   1.00 18.26 ? 172 ARG A CB  1 
ATOM   1218 C CG  . ARG A 1 192 ? -20.536 -17.198 4.165   1.00 20.16 ? 172 ARG A CG  1 
ATOM   1219 C CD  . ARG A 1 192 ? -21.824 -17.811 4.755   1.00 21.77 ? 172 ARG A CD  1 
ATOM   1220 N NE  . ARG A 1 192 ? -22.746 -16.829 5.368   1.00 26.08 ? 172 ARG A NE  1 
ATOM   1221 C CZ  . ARG A 1 192 ? -22.718 -16.395 6.639   1.00 28.50 ? 172 ARG A CZ  1 
ATOM   1222 N NH1 . ARG A 1 192 ? -21.829 -16.835 7.496   1.00 32.56 ? 172 ARG A NH1 1 
ATOM   1223 N NH2 . ARG A 1 192 ? -23.604 -15.495 7.044   1.00 31.81 ? 172 ARG A NH2 1 
ATOM   1224 N N   . PRO A 1 193 ? -19.118 -13.595 0.781   1.00 15.33 ? 173 PRO A N   1 
ATOM   1225 C CA  . PRO A 1 193 ? -19.354 -12.607 -0.237  1.00 17.70 ? 173 PRO A CA  1 
ATOM   1226 C C   . PRO A 1 193 ? -20.170 -13.145 -1.421  1.00 17.53 ? 173 PRO A C   1 
ATOM   1227 O O   . PRO A 1 193 ? -19.944 -14.274 -1.875  1.00 16.71 ? 173 PRO A O   1 
ATOM   1228 C CB  . PRO A 1 193 ? -17.944 -12.128 -0.645  1.00 16.99 ? 173 PRO A CB  1 
ATOM   1229 C CG  . PRO A 1 193 ? -16.993 -12.968 0.139   1.00 16.84 ? 173 PRO A CG  1 
ATOM   1230 C CD  . PRO A 1 193 ? -17.677 -13.754 1.133   1.00 17.45 ? 173 PRO A CD  1 
ATOM   1231 N N   . HIS A 1 194 ? -21.170 -12.397 -1.857  1.00 18.41 ? 174 HIS A N   1 
ATOM   1232 C CA  . HIS A 1 194 ? -21.970 -12.835 -3.020  1.00 19.69 ? 174 HIS A CA  1 
ATOM   1233 C C   . HIS A 1 194 ? -21.055 -13.088 -4.248  1.00 19.59 ? 174 HIS A C   1 
ATOM   1234 O O   . HIS A 1 194 ? -20.087 -12.358 -4.505  1.00 18.01 ? 174 HIS A O   1 
ATOM   1235 C CB  . HIS A 1 194 ? -23.078 -11.801 -3.303  1.00 19.93 ? 174 HIS A CB  1 
ATOM   1236 C CG  . HIS A 1 194 ? -24.052 -12.203 -4.392  1.00 22.41 ? 174 HIS A CG  1 
ATOM   1237 N ND1 . HIS A 1 194 ? -25.341 -12.629 -4.129  1.00 24.38 ? 174 HIS A ND1 1 
ATOM   1238 C CD2 . HIS A 1 194 ? -23.913 -12.228 -5.733  1.00 18.98 ? 174 HIS A CD2 1 
ATOM   1239 C CE1 . HIS A 1 194 ? -25.951 -12.905 -5.270  1.00 20.81 ? 174 HIS A CE1 1 
ATOM   1240 N NE2 . HIS A 1 194 ? -25.114 -12.653 -6.256  1.00 22.51 ? 174 HIS A NE2 1 
ATOM   1241 N N   . GLU A 1 195 ? -21.364 -14.148 -4.993  1.00 21.66 ? 175 GLU A N   1 
ATOM   1242 C CA  . GLU A 1 195 ? -20.625 -14.513 -6.202  1.00 25.78 ? 175 GLU A CA  1 
ATOM   1243 C C   . GLU A 1 195 ? -20.498 -13.384 -7.211  1.00 25.35 ? 175 GLU A C   1 
ATOM   1244 O O   . GLU A 1 195 ? -19.460 -13.253 -7.883  1.00 27.43 ? 175 GLU A O   1 
ATOM   1245 C CB  . GLU A 1 195 ? -21.239 -15.777 -6.879  1.00 26.74 ? 175 GLU A CB  1 
ATOM   1246 C CG  . GLU A 1 195 ? -21.412 -16.914 -5.902  1.00 33.98 ? 175 GLU A CG  1 
ATOM   1247 C CD  . GLU A 1 195 ? -20.172 -17.138 -5.037  1.00 44.61 ? 175 GLU A CD  1 
ATOM   1248 O OE1 . GLU A 1 195 ? -19.872 -16.285 -4.150  1.00 46.58 ? 175 GLU A OE1 1 
ATOM   1249 O OE2 . GLU A 1 195 ? -19.488 -18.177 -5.242  1.00 48.43 ? 175 GLU A OE2 1 
ATOM   1250 N N   . SER A 1 196 ? -21.525 -12.562 -7.333  1.00 23.49 ? 176 SER A N   1 
ATOM   1251 C CA  . SER A 1 196 ? -21.413 -11.420 -8.210  1.00 23.96 ? 176 SER A CA  1 
ATOM   1252 C C   . SER A 1 196 ? -20.488 -10.283 -7.766  1.00 23.08 ? 176 SER A C   1 
ATOM   1253 O O   . SER A 1 196 ? -20.207 -9.430  -8.589  1.00 24.24 ? 176 SER A O   1 
ATOM   1254 C CB  . SER A 1 196 ? -22.771 -10.820 -8.550  1.00 24.98 ? 176 SER A CB  1 
ATOM   1255 O OG  . SER A 1 196 ? -23.463 -11.592 -9.513  1.00 23.92 ? 176 SER A OG  1 
ATOM   1256 N N   . MET A 1 197 ? -20.093 -10.228 -6.481  1.00 23.20 ? 177 MET A N   1 
ATOM   1257 C CA  . MET A 1 197 ? -19.123 -9.238  -5.969  1.00 21.73 ? 177 MET A CA  1 
ATOM   1258 C C   . MET A 1 197 ? -17.706 -9.804  -5.735  1.00 21.17 ? 177 MET A C   1 
ATOM   1259 O O   . MET A 1 197 ? -16.739 -9.029  -5.647  1.00 19.53 ? 177 MET A O   1 
ATOM   1260 C CB  . MET A 1 197 ? -19.574 -8.633  -4.615  1.00 22.04 ? 177 MET A CB  1 
ATOM   1261 C CG  . MET A 1 197 ? -20.875 -7.932  -4.675  1.00 23.29 ? 177 MET A CG  1 
ATOM   1262 S SD  . MET A 1 197 ? -20.843 -6.458  -5.755  1.00 23.67 ? 177 MET A SD  1 
ATOM   1263 C CE  . MET A 1 197 ? -19.640 -5.442  -4.900  1.00 20.04 ? 177 MET A CE  1 
ATOM   1264 N N   . TRP A 1 198 ? -17.571 -11.134 -5.701  1.00 21.21 ? 178 TRP A N   1 
ATOM   1265 C CA  . TRP A 1 198 ? -16.294 -11.774 -5.302  1.00 21.48 ? 178 TRP A CA  1 
ATOM   1266 C C   . TRP A 1 198 ? -15.089 -11.286 -6.102  1.00 21.64 ? 178 TRP A C   1 
ATOM   1267 O O   . TRP A 1 198 ? -14.006 -10.971 -5.557  1.00 20.37 ? 178 TRP A O   1 
ATOM   1268 C CB  . TRP A 1 198 ? -16.407 -13.319 -5.402  1.00 23.12 ? 178 TRP A CB  1 
ATOM   1269 C CG  . TRP A 1 198 ? -15.035 -14.022 -5.261  1.00 24.59 ? 178 TRP A CG  1 
ATOM   1270 C CD1 . TRP A 1 198 ? -14.271 -14.627 -6.263  1.00 24.52 ? 178 TRP A CD1 1 
ATOM   1271 C CD2 . TRP A 1 198 ? -14.296 -14.191 -4.044  1.00 22.26 ? 178 TRP A CD2 1 
ATOM   1272 N NE1 . TRP A 1 198 ? -13.102 -15.133 -5.708  1.00 21.14 ? 178 TRP A NE1 1 
ATOM   1273 C CE2 . TRP A 1 198 ? -13.106 -14.909 -4.362  1.00 23.37 ? 178 TRP A CE2 1 
ATOM   1274 C CE3 . TRP A 1 198 ? -14.531 -13.836 -2.711  1.00 22.10 ? 178 TRP A CE3 1 
ATOM   1275 C CZ2 . TRP A 1 198 ? -12.141 -15.213 -3.402  1.00 24.13 ? 178 TRP A CZ2 1 
ATOM   1276 C CZ3 . TRP A 1 198 ? -13.586 -14.192 -1.757  1.00 20.96 ? 178 TRP A CZ3 1 
ATOM   1277 C CH2 . TRP A 1 198 ? -12.409 -14.864 -2.110  1.00 26.43 ? 178 TRP A CH2 1 
ATOM   1278 N N   . ARG A 1 199 ? -15.229 -11.315 -7.417  1.00 21.05 ? 179 ARG A N   1 
ATOM   1279 C CA  . ARG A 1 199 ? -14.087 -11.040 -8.261  1.00 20.26 ? 179 ARG A CA  1 
ATOM   1280 C C   . ARG A 1 199 ? -13.656 -9.579  -8.075  1.00 21.32 ? 179 ARG A C   1 
ATOM   1281 O O   . ARG A 1 199 ? -12.457 -9.265  -7.993  1.00 20.16 ? 179 ARG A O   1 
ATOM   1282 C CB  . ARG A 1 199 ? -14.477 -11.258 -9.705  1.00 21.90 ? 179 ARG A CB  1 
ATOM   1283 C CG  . ARG A 1 199 ? -13.361 -10.934 -10.708 1.00 24.08 ? 179 ARG A CG  1 
ATOM   1284 C CD  . ARG A 1 199 ? -13.966 -10.900 -12.107 1.00 29.07 ? 179 ARG A CD  1 
ATOM   1285 N NE  . ARG A 1 199 ? -12.914 -10.545 -13.062 1.00 36.81 ? 179 ARG A NE  1 
ATOM   1286 C CZ  . ARG A 1 199 ? -12.946 -10.835 -14.368 1.00 38.99 ? 179 ARG A CZ  1 
ATOM   1287 N NH1 . ARG A 1 199 ? -13.975 -11.498 -14.872 1.00 36.22 ? 179 ARG A NH1 1 
ATOM   1288 N NH2 . ARG A 1 199 ? -11.930 -10.479 -15.154 1.00 37.86 ? 179 ARG A NH2 1 
ATOM   1289 N N   . GLN A 1 200 ? -14.628 -8.679  -8.039  1.00 19.75 ? 180 GLN A N   1 
ATOM   1290 C CA  . GLN A 1 200 ? -14.273 -7.301  -7.848  1.00 20.68 ? 180 GLN A CA  1 
ATOM   1291 C C   . GLN A 1 200 ? -13.540 -7.086  -6.506  1.00 19.00 ? 180 GLN A C   1 
ATOM   1292 O O   . GLN A 1 200 ? -12.615 -6.298  -6.428  1.00 18.92 ? 180 GLN A O   1 
ATOM   1293 C CB  . GLN A 1 200 ? -15.483 -6.403  -7.867  1.00 20.11 ? 180 GLN A CB  1 
ATOM   1294 C CG  . GLN A 1 200 ? -15.024 -5.000  -7.727  1.00 24.31 ? 180 GLN A CG  1 
ATOM   1295 C CD  . GLN A 1 200 ? -16.170 -3.998  -7.910  1.00 28.63 ? 180 GLN A CD  1 
ATOM   1296 O OE1 . GLN A 1 200 ? -15.947 -2.864  -8.320  1.00 35.87 ? 180 GLN A OE1 1 
ATOM   1297 N NE2 . GLN A 1 200 ? -17.388 -4.426  -7.643  1.00 21.43 ? 180 GLN A NE2 1 
ATOM   1298 N N   . MET A 1 201 ? -14.065 -7.678  -5.447  1.00 18.96 ? 181 MET A N   1 
ATOM   1299 C CA  . MET A 1 201 ? -13.400 -7.617  -4.149  1.00 20.46 ? 181 MET A CA  1 
ATOM   1300 C C   . MET A 1 201 ? -11.976 -8.095  -4.262  1.00 20.14 ? 181 MET A C   1 
ATOM   1301 O O   . MET A 1 201 ? -11.155 -7.461  -3.733  1.00 17.85 ? 181 MET A O   1 
ATOM   1302 C CB  . MET A 1 201 ? -14.092 -8.539  -3.132  1.00 20.68 ? 181 MET A CB  1 
ATOM   1303 C CG  . MET A 1 201 ? -15.408 -7.852  -2.589  1.00 23.16 ? 181 MET A CG  1 
ATOM   1304 S SD  . MET A 1 201 ? -16.505 -9.083  -1.823  1.00 29.47 ? 181 MET A SD  1 
ATOM   1305 C CE  . MET A 1 201 ? -17.817 -8.044  -1.250  1.00 26.50 ? 181 MET A CE  1 
ATOM   1306 N N   . VAL A 1 202 ? -11.724 -9.260  -4.880  1.00 21.07 ? 182 VAL A N   1 
ATOM   1307 C CA  . VAL A 1 202 ? -10.378 -9.853  -4.816  1.00 22.12 ? 182 VAL A CA  1 
ATOM   1308 C C   . VAL A 1 202 ? -9.415  -9.447  -5.938  1.00 24.15 ? 182 VAL A C   1 
ATOM   1309 O O   . VAL A 1 202 ? -8.204  -9.720  -5.823  1.00 22.19 ? 182 VAL A O   1 
ATOM   1310 C CB  . VAL A 1 202 ? -10.388 -11.396 -4.632  1.00 22.85 ? 182 VAL A CB  1 
ATOM   1311 C CG1 . VAL A 1 202 ? -10.937 -11.764 -3.288  1.00 22.64 ? 182 VAL A CG1 1 
ATOM   1312 C CG2 . VAL A 1 202 ? -11.277 -12.103 -5.715  1.00 22.23 ? 182 VAL A CG2 1 
ATOM   1313 N N   . GLU A 1 203 ? -9.935  -8.836  -7.020  1.00 24.81 ? 183 GLU A N   1 
ATOM   1314 C CA  . GLU A 1 203 ? -9.097  -8.416  -8.164  1.00 27.52 ? 183 GLU A CA  1 
ATOM   1315 C C   . GLU A 1 203 ? -9.146  -6.953  -8.471  1.00 28.61 ? 183 GLU A C   1 
ATOM   1316 O O   . GLU A 1 203 ? -8.295  -6.473  -9.193  1.00 29.43 ? 183 GLU A O   1 
ATOM   1317 C CB  . GLU A 1 203 ? -9.444  -9.176  -9.451  1.00 26.82 ? 183 GLU A CB  1 
ATOM   1318 C CG  . GLU A 1 203 ? -9.390  -10.669 -9.242  1.00 30.43 ? 183 GLU A CG  1 
ATOM   1319 C CD  . GLU A 1 203 ? -9.799  -11.421 -10.504 1.00 34.99 ? 183 GLU A CD  1 
ATOM   1320 O OE1 . GLU A 1 203 ? -10.109 -10.756 -11.502 1.00 36.09 ? 183 GLU A OE1 1 
ATOM   1321 O OE2 . GLU A 1 203 ? -9.841  -12.662 -10.493 1.00 39.69 ? 183 GLU A OE2 1 
ATOM   1322 N N   . GLY A 1 204 ? -10.164 -6.246  -7.987  1.00 29.72 ? 184 GLY A N   1 
ATOM   1323 C CA  . GLY A 1 204 ? -10.216 -4.826  -8.170  1.00 30.30 ? 184 GLY A CA  1 
ATOM   1324 C C   . GLY A 1 204 ? -10.749 -4.367  -9.494  1.00 33.54 ? 184 GLY A C   1 
ATOM   1325 O O   . GLY A 1 204 ? -11.792 -4.846  -9.950  1.00 35.37 ? 184 GLY A O   1 
HETATM 1326 O O   . HOH B 2 .   ? -18.916 -6.497  -8.555  1.00 25.97 ? 185 HOH A O   1 
HETATM 1327 O O   . HOH B 2 .   ? -17.300 -9.125  -9.076  1.00 23.39 ? 186 HOH A O   1 
HETATM 1328 O O   . HOH B 2 .   ? -0.410  -5.742  14.555  1.00 25.78 ? 187 HOH A O   1 
HETATM 1329 O O   . HOH B 2 .   ? 16.781  -4.553  -0.534  1.00 29.57 ? 188 HOH A O   1 
HETATM 1330 O O   . HOH B 2 .   ? 12.376  -3.539  -9.658  1.00 33.34 ? 189 HOH A O   1 
HETATM 1331 O O   . HOH B 2 .   ? -17.671 -11.850 -9.072  1.00 21.91 ? 190 HOH A O   1 
HETATM 1332 O O   . HOH B 2 .   ? -1.448  -12.677 8.077   1.00 33.53 ? 191 HOH A O   1 
HETATM 1333 O O   . HOH B 2 .   ? -17.860 -1.285  10.383  1.00 42.24 ? 192 HOH A O   1 
HETATM 1334 O O   . HOH B 2 .   ? -6.051  -3.285  -6.021  1.00 24.76 ? 193 HOH A O   1 
HETATM 1335 O O   . HOH B 2 .   ? 0.352   8.792   3.035   1.00 32.78 ? 194 HOH A O   1 
HETATM 1336 O O   . HOH B 2 .   ? 1.619   2.722   -14.882 1.00 40.96 ? 195 HOH A O   1 
HETATM 1337 O O   . HOH B 2 .   ? -17.896 -15.533 -8.140  1.00 26.60 ? 196 HOH A O   1 
HETATM 1338 O O   . HOH B 2 .   ? 25.441  5.561   -2.940  1.00 30.71 ? 197 HOH A O   1 
HETATM 1339 O O   . HOH B 2 .   ? -10.911 7.852   11.636  1.00 29.32 ? 198 HOH A O   1 
HETATM 1340 O O   . HOH B 2 .   ? -14.652 -8.622  -11.256 1.00 66.41 ? 199 HOH A O   1 
HETATM 1341 O O   . HOH B 2 .   ? -4.617  11.447  16.231  1.00 30.59 ? 200 HOH A O   1 
HETATM 1342 O O   . HOH B 2 .   ? 12.198  25.828  -6.520  1.00 34.96 ? 201 HOH A O   1 
HETATM 1343 O O   . HOH B 2 .   ? -6.427  -16.635 3.637   1.00 44.56 ? 202 HOH A O   1 
HETATM 1344 O O   . HOH B 2 .   ? -11.510 0.039   -6.720  1.00 32.95 ? 203 HOH A O   1 
HETATM 1345 O O   . HOH B 2 .   ? 18.406  -2.589  4.087   1.00 48.93 ? 204 HOH A O   1 
HETATM 1346 O O   . HOH B 2 .   ? -20.730 -9.865  -11.399 1.00 36.35 ? 205 HOH A O   1 
HETATM 1347 O O   . HOH B 2 .   ? 17.826  8.867   -14.018 1.00 32.89 ? 206 HOH A O   1 
HETATM 1348 O O   . HOH B 2 .   ? -19.994 -8.432  9.491   1.00 27.14 ? 207 HOH A O   1 
HETATM 1349 O O   . HOH B 2 .   ? 1.675   10.232  4.622   1.00 46.49 ? 208 HOH A O   1 
HETATM 1350 O O   . HOH B 2 .   ? 21.277  -1.365  -1.684  1.00 27.17 ? 209 HOH A O   1 
HETATM 1351 O O   . HOH B 2 .   ? 7.856   -8.686  -0.238  1.00 31.46 ? 210 HOH A O   1 
HETATM 1352 O O   . HOH B 2 .   ? -1.253  9.230   6.742   1.00 40.20 ? 211 HOH A O   1 
HETATM 1353 O O   . HOH B 2 .   ? -23.672 -15.930 -4.061  1.00 31.53 ? 212 HOH A O   1 
HETATM 1354 O O   . HOH B 2 .   ? -10.324 -13.606 -13.172 1.00 44.13 ? 213 HOH A O   1 
HETATM 1355 O O   . HOH B 2 .   ? -11.933 9.417   8.052   1.00 63.69 ? 214 HOH A O   1 
HETATM 1356 O O   . HOH B 2 .   ? -22.904 -16.010 -0.553  1.00 34.81 ? 215 HOH A O   1 
HETATM 1357 O O   . HOH B 2 .   ? -16.719 -17.080 0.650   1.00 30.13 ? 216 HOH A O   1 
HETATM 1358 O O   . HOH B 2 .   ? -0.703  -11.834 2.761   1.00 26.68 ? 217 HOH A O   1 
HETATM 1359 O O   . HOH B 2 .   ? -1.195  -0.223  -4.856  1.00 32.28 ? 218 HOH A O   1 
HETATM 1360 O O   . HOH B 2 .   ? 20.512  -4.059  -0.005  1.00 56.58 ? 219 HOH A O   1 
HETATM 1361 O O   . HOH B 2 .   ? 9.624   9.073   5.723   1.00 39.19 ? 220 HOH A O   1 
HETATM 1362 O O   . HOH B 2 .   ? -15.563 -4.733  12.620  1.00 43.17 ? 221 HOH A O   1 
HETATM 1363 O O   . HOH B 2 .   ? 3.101   -10.088 15.143  1.00 42.69 ? 222 HOH A O   1 
# 
